data_9DUS
#
_entry.id   9DUS
#
_cell.length_a   1.00
_cell.length_b   1.00
_cell.length_c   1.00
_cell.angle_alpha   90.00
_cell.angle_beta   90.00
_cell.angle_gamma   90.00
#
_symmetry.space_group_name_H-M   'P 1'
#
loop_
_entity.id
_entity.type
_entity.pdbx_description
1 polymer 'RNA-directed RNA polymerase L'
2 polymer Phosphoprotein
#
loop_
_entity_poly.entity_id
_entity_poly.type
_entity_poly.pdbx_seq_one_letter_code
_entity_poly.pdbx_strand_id
1 'polypeptide(L)'
;MDSLSVNQILYPEVHLDSPIVTNKIVAILEYARVPHAYSLEDPTLCQNIKHRLKNGFSNQMIINNVEVGNVIKSKLRSYP
AHSHIPYPNCNQDLFNIEDKESTRKIRELLKKGNSLYSKVSDKVFQCLRDTNSRLGLGSELREDIKEKVINLGVYMHSSQ
WFEPFLFWFTVKTEMRSVIKSQTHTCHRRRHTPVFFTGSSVELLISRDLVAIISKESQHVYYLTFELVLMYCDVIEGRLM
TETAMTIDARYTELLGRVRYMWKLIDGFFPALGNPTYQIVAMLEPLSLAYLQLRDITVELRGAFLNHCFTEIHDVLDQNG
FSDEGTYHELIEALDYIFITDDIHLTGEIFSFFRSFGHPRLEAVTAAENVRKYMNQPKVIVYETLMKGHAIFCGIIINGY
RDRHGGSWPPLTLPLHAADTIRNAQASGDGLTHEQCVDNWKSFAGVKFGCFMPLSLDSDLTMYLKDKALAALQREWDSVY
PKEFLRYDPPKGTGSRRLVDVFLNDSSFDPYDVIMYVVSGAYLHDPEFNLSYSLKEKEIKETGRLFAKMTYKMRACQVIA
ENLISNGIGKYFKDNGMAKDEHDLTKALHTLAVSGVPKDLKESHRGGPVLKTYSRSPVHTSTRNVRAAKGFIGFPQVIRQ
DQDTDHPENMEAYETVSAFITTDLKKYCLNWRYETISLFAQRLNEIYGLPSFFQWLHKRLETSVLYVSDPHCPPDLDAHI
PLYKVPNDQIFIKYPMGGIEGYCQKLWTISTIPYLYLAAYESGVRIASLVQGDNQTIAVTKRVPSTWPYNLKKREAARVT
RDYFVILRQRLHDIGHHLKANETIVSSHFFVYSKGIYYDGLLVSQSLKSIARCVFWSETIVDETRAACSNIATTMAKSIE
RGYDRYLAYSLNVLKVIQQILISLGFTINSTMTRDVVIPLLTNNDLLIRMALLPAPIGGMNYLNMSRLFVRNIGDPVTSS
IADLKRMILASLMPEETLHQVMTQQPGDSSFLDWASDPYSANLVCVQSITRLLKNITARFVLIHSPNPMLKGLFHDDSKE
EDEGLAAFLMDRHIIVPRAAHEILDHSVTGARESIAGMLDTTKGLIRASMRKGGLTSRVITRLSNYDYEQFRAGMVLLTG
RKRNVLIDKESCSVQLARALRSHMWARLARGRPIYGLEVPDVLESMRGHLIRRHETCVICECGSVNYGWFFVPSGCQLDD
IDKETSSLRVPYIGSTTDERTDMKLAFVRAPSRSLRSAVRIATVYSWAYGDDDSSWNEAWLLARQRANVSLEELRVITPI
STSTNLAHRLRDRSTQVKYSGTSLVRVARYTTISNDNLSFVISDKKVDTNFIYQQGMLLGLGVLETLFRLEKDTGSSNTV
LHLHVETDCCVIPMIDHPRIPSSRKLELRAELCTNPLIYDNAPLIDRDATRLYTQSHRRHLVEFVTWSTPQLYHILAKST
ALSMIDLVTKFEKDHMNEISALIGDDDINSFITEFLLIEPRLFTIYLGQCAAINWAFDVHYHRPSGKYQMGELLSSFLSR
MSKGVFKVLVNALSHPKIYKKFWHCGIIEPIHGPSLDAQNLHTTVCNMVYTCYMTYLDLLLNEELEEFTFLLCESDEDVV
PDRFDNIQAKHLCVLADLYCQPGTCPPIQGLRPVEKCAVLTDHIKAEAMLSPAGSSWNINPIIVDHYSCSLTYLRRGSIK
QIRLRVDPGFIFDALAEVNVSQPKIGSNNISNMSIKAFRPPHDDVAKLLKDINTSKHNLPISGGNLANYEIHAFRRIGLN
SSACYKAVEISTLIRRCLEPGEDGLFLGEGSGSMLITYKEILKLSKCFYNSGVSANSRSGQRELAPYPSEVGLVEHRMGV
GNIVKVLFNGRPEVTWVGSVDCFNFIVSNIPTSSVGFIHSDIETLPDKDTIEKLEELAAILSMALLLGKIGSILVIKLMP
FSGDFVQGFISYVGSHYREVNLVYPRYSNFISTESYLVMTDLKANRLMNPEKIKQQIIESSVRTSPGLIGHILSIKQLSC
IQAIVGDAVSRGDINPTLKKLTPIEQVLINCGLAINGPKLCKELIHHDVASGQDGLLNSILILYRELARFKDNQRSQQGM
FHAYPVLVSSRQRELISRITRKFWGHILLYSGNRKLINKFIQNLKSGYLILDLHQNIFVKNLSKSEKQIIMTGGLKREWV
FKVTVKETKEWYKLVGYSALIKD
;
A
2 'polypeptide(L)'
;MAEEQARHVKNGLECIRALKAEPIGSLAIEEAMAAWSEISDNPGQERATCREEKAGSSGLSKPCLSAIGSTEGGAPRIRG
QGPGESDDDAETLGIPPRNLQASSTGLQCHYVYDHSGEAVKGIQDADSIMVQSGLDGDSTLSGGDNESENSDVDIGEPDT
EGYAITDRGSAPISMGFRASDVETAEGGEIHELLRLQSRGNNFPKLGKTLNVPPPPDPGRASTSGTPIKKGTDARLASFG
TEIASSLTGGATQCARKSPSEPSGPGAPAGNVPECVSNAALIQEWTPESGTTISPRSQNNEEGGDHYDDELFSDVQDIKT
ALAKIHEDNQKIISKLESLLLLKGEVESIKKQINRQNISISTLEGHLSSIMIAIPGLGKDPNDPTADVEINPDLKPIIGR
DSGRALAEVLKKPVASRQLQGMTNGRTSSRGQLLKEFQLKPIGKKMSSAVGFVPDTGPASRSVIRSIIKSSRLEEDRKRY
LMTLLDDIKGANDLAKFHQMLMKIIMKSG
;
B,C,D,E
#
# COMPACT_ATOMS: atom_id res chain seq x y z
N ASN A 7 22.89 -24.74 17.29
CA ASN A 7 21.47 -24.74 17.63
C ASN A 7 20.79 -26.04 17.19
N GLN A 8 21.23 -26.59 16.04
CA GLN A 8 20.76 -27.81 15.41
C GLN A 8 19.28 -27.78 15.00
N ILE A 9 18.66 -26.61 15.03
CA ILE A 9 17.25 -26.46 14.68
C ILE A 9 17.13 -25.33 13.65
N LEU A 10 18.23 -24.62 13.43
CA LEU A 10 18.28 -23.55 12.45
C LEU A 10 19.13 -23.99 11.26
N TYR A 11 18.56 -23.89 10.07
CA TYR A 11 19.23 -24.24 8.83
C TYR A 11 19.55 -22.97 8.06
N PRO A 12 20.60 -22.98 7.23
CA PRO A 12 20.83 -21.84 6.31
C PRO A 12 19.68 -21.68 5.33
N GLU A 13 19.46 -20.43 4.92
CA GLU A 13 18.25 -20.07 4.20
C GLU A 13 18.24 -20.63 2.78
N VAL A 14 17.07 -21.11 2.35
CA VAL A 14 16.93 -21.75 1.06
C VAL A 14 16.82 -20.70 -0.05
N HIS A 15 16.06 -19.64 0.20
CA HIS A 15 15.73 -18.65 -0.81
C HIS A 15 16.29 -17.29 -0.43
N LEU A 16 16.39 -16.41 -1.43
CA LEU A 16 17.06 -15.13 -1.26
C LEU A 16 16.09 -14.10 -0.69
N ASP A 17 16.41 -13.60 0.51
CA ASP A 17 15.70 -12.50 1.14
C ASP A 17 16.68 -11.42 1.60
N SER A 18 17.71 -11.17 0.79
CA SER A 18 18.74 -10.20 1.12
C SER A 18 19.25 -9.51 -0.14
N PRO A 19 19.64 -8.25 -0.05
CA PRO A 19 20.19 -7.56 -1.22
C PRO A 19 21.57 -8.07 -1.59
N ILE A 20 21.97 -7.78 -2.83
CA ILE A 20 23.28 -8.12 -3.35
C ILE A 20 24.16 -6.88 -3.29
N VAL A 21 25.27 -6.97 -2.56
CA VAL A 21 26.19 -5.86 -2.35
C VAL A 21 27.52 -6.23 -2.97
N THR A 22 28.10 -5.31 -3.74
CA THR A 22 29.39 -5.54 -4.37
C THR A 22 30.51 -5.60 -3.32
N ASN A 23 30.40 -4.75 -2.29
CA ASN A 23 31.45 -4.60 -1.30
C ASN A 23 31.66 -5.86 -0.46
N LYS A 24 30.64 -6.70 -0.32
CA LYS A 24 30.85 -8.00 0.34
C LYS A 24 31.78 -8.89 -0.47
N ILE A 25 31.57 -8.95 -1.79
CA ILE A 25 32.41 -9.75 -2.68
C ILE A 25 33.83 -9.18 -2.72
N VAL A 26 33.94 -7.86 -2.75
CA VAL A 26 35.25 -7.21 -2.77
C VAL A 26 35.99 -7.44 -1.44
N ALA A 27 35.27 -7.40 -0.31
CA ALA A 27 35.88 -7.63 0.99
C ALA A 27 36.38 -9.06 1.15
N ILE A 28 35.59 -10.04 0.69
CA ILE A 28 36.05 -11.43 0.74
C ILE A 28 37.24 -11.65 -0.19
N LEU A 29 37.20 -11.10 -1.40
CA LEU A 29 38.31 -11.31 -2.33
C LEU A 29 39.56 -10.51 -1.97
N GLU A 30 39.45 -9.49 -1.12
CA GLU A 30 40.63 -8.79 -0.67
C GLU A 30 41.18 -9.34 0.64
N TYR A 31 40.33 -9.95 1.48
CA TYR A 31 40.83 -10.76 2.59
C TYR A 31 41.52 -12.02 2.10
N ALA A 32 41.00 -12.64 1.04
CA ALA A 32 41.59 -13.85 0.50
C ALA A 32 42.77 -13.56 -0.42
N ARG A 33 43.06 -12.29 -0.69
CA ARG A 33 44.15 -11.80 -1.54
C ARG A 33 44.05 -12.28 -2.99
N VAL A 34 42.86 -12.67 -3.43
CA VAL A 34 42.66 -13.10 -4.81
C VAL A 34 42.46 -11.87 -5.69
N PRO A 35 43.14 -11.77 -6.83
CA PRO A 35 42.88 -10.67 -7.76
C PRO A 35 41.46 -10.74 -8.33
N HIS A 36 40.89 -9.57 -8.58
CA HIS A 36 39.51 -9.47 -9.02
C HIS A 36 39.36 -8.26 -9.94
N ALA A 37 38.27 -8.26 -10.71
CA ALA A 37 38.03 -7.27 -11.74
C ALA A 37 36.98 -6.23 -11.38
N TYR A 38 36.55 -6.20 -10.13
CA TYR A 38 35.56 -5.21 -9.70
C TYR A 38 36.19 -3.83 -9.56
N SER A 39 35.40 -2.81 -9.89
CA SER A 39 35.79 -1.42 -9.69
C SER A 39 34.69 -0.72 -8.90
N LEU A 40 35.10 -0.03 -7.84
CA LEU A 40 34.15 0.59 -6.92
C LEU A 40 34.06 2.10 -7.16
N GLU A 41 32.86 2.65 -7.00
CA GLU A 41 32.69 4.09 -7.08
C GLU A 41 33.31 4.79 -5.89
N ASP A 42 33.35 4.14 -4.73
CA ASP A 42 34.06 4.63 -3.56
C ASP A 42 35.15 3.64 -3.17
N PRO A 43 36.41 4.04 -3.14
CA PRO A 43 37.49 3.10 -2.82
C PRO A 43 37.79 3.00 -1.33
N THR A 44 36.86 3.49 -0.49
CA THR A 44 37.10 3.64 0.94
C THR A 44 37.39 2.31 1.61
N LEU A 45 36.56 1.29 1.33
CA LEU A 45 36.83 -0.07 1.81
C LEU A 45 38.17 -0.56 1.26
N CYS A 46 38.44 -0.29 -0.02
CA CYS A 46 39.71 -0.67 -0.65
C CYS A 46 40.90 0.07 -0.06
N GLN A 47 40.68 1.12 0.74
CA GLN A 47 41.76 1.67 1.54
C GLN A 47 41.84 1.00 2.91
N ASN A 48 40.68 0.82 3.55
CA ASN A 48 40.63 0.45 4.96
C ASN A 48 41.23 -0.94 5.18
N ILE A 49 40.89 -1.88 4.30
CA ILE A 49 41.44 -3.25 4.33
C ILE A 49 42.96 -3.19 4.26
N LYS A 50 43.48 -2.36 3.35
CA LYS A 50 44.93 -2.20 3.19
C LYS A 50 45.55 -1.68 4.47
N HIS A 51 44.87 -0.74 5.13
CA HIS A 51 45.36 -0.20 6.40
C HIS A 51 45.41 -1.30 7.46
N ARG A 52 44.38 -2.14 7.49
CA ARG A 52 44.39 -3.27 8.42
C ARG A 52 45.47 -4.27 8.05
N LEU A 53 45.68 -4.48 6.74
CA LEU A 53 46.74 -5.38 6.31
C LEU A 53 48.11 -4.73 6.46
N LYS A 54 48.15 -3.40 6.65
CA LYS A 54 49.42 -2.79 7.00
C LYS A 54 49.70 -2.94 8.50
N ASN A 55 48.65 -3.10 9.31
CA ASN A 55 48.82 -3.16 10.75
C ASN A 55 49.03 -4.57 11.28
N GLY A 56 48.64 -5.58 10.52
CA GLY A 56 48.73 -6.95 10.99
C GLY A 56 47.50 -7.48 11.67
N PHE A 57 46.35 -6.84 11.50
CA PHE A 57 45.13 -7.26 12.16
C PHE A 57 44.59 -8.53 11.51
N SER A 58 44.25 -9.52 12.32
CA SER A 58 43.71 -10.77 11.81
C SER A 58 42.85 -11.44 12.89
N ASN A 59 41.88 -12.22 12.43
CA ASN A 59 41.07 -13.06 13.31
C ASN A 59 40.87 -14.40 12.62
N GLN A 60 39.88 -15.17 13.07
CA GLN A 60 39.67 -16.51 12.54
C GLN A 60 39.15 -16.48 11.11
N MET A 61 38.40 -15.44 10.74
CA MET A 61 37.86 -15.36 9.39
C MET A 61 38.93 -14.95 8.37
N ILE A 62 39.91 -14.15 8.78
CA ILE A 62 41.01 -13.79 7.88
C ILE A 62 41.89 -15.00 7.62
N ILE A 63 42.22 -15.76 8.66
CA ILE A 63 43.12 -16.91 8.52
C ILE A 63 42.46 -18.02 7.70
N ASN A 64 41.15 -18.21 7.87
CA ASN A 64 40.43 -19.21 7.09
C ASN A 64 40.33 -18.82 5.62
N ASN A 65 40.33 -17.52 5.31
CA ASN A 65 40.21 -17.05 3.94
C ASN A 65 41.55 -16.97 3.21
N VAL A 66 42.67 -16.95 3.93
CA VAL A 66 43.98 -16.96 3.27
C VAL A 66 44.23 -18.32 2.60
N GLU A 67 43.85 -19.40 3.27
CA GLU A 67 44.09 -20.75 2.74
C GLU A 67 43.25 -21.03 1.50
N VAL A 68 41.99 -20.55 1.49
CA VAL A 68 41.12 -20.70 0.33
C VAL A 68 41.70 -19.96 -0.87
N GLY A 69 42.20 -18.74 -0.64
CA GLY A 69 42.85 -17.99 -1.70
C GLY A 69 44.12 -18.64 -2.20
N ASN A 70 44.86 -19.29 -1.31
CA ASN A 70 46.06 -20.04 -1.72
C ASN A 70 45.69 -21.24 -2.59
N VAL A 71 44.60 -21.93 -2.25
CA VAL A 71 44.11 -23.03 -3.10
C VAL A 71 43.69 -22.52 -4.47
N ILE A 72 43.00 -21.38 -4.52
CA ILE A 72 42.59 -20.80 -5.81
C ILE A 72 43.80 -20.39 -6.65
N LYS A 73 44.83 -19.80 -6.03
CA LYS A 73 46.03 -19.42 -6.78
C LYS A 73 46.80 -20.65 -7.26
N SER A 74 46.88 -21.70 -6.43
CA SER A 74 47.55 -22.93 -6.84
C SER A 74 46.82 -23.64 -7.98
N LYS A 75 45.49 -23.53 -8.02
CA LYS A 75 44.77 -24.07 -9.17
C LYS A 75 44.88 -23.18 -10.39
N LEU A 76 44.93 -21.85 -10.21
CA LEU A 76 45.03 -20.94 -11.34
C LEU A 76 46.42 -20.87 -11.94
N ARG A 77 47.43 -21.44 -11.27
CA ARG A 77 48.70 -21.66 -11.96
C ARG A 77 48.57 -22.62 -13.13
N SER A 78 47.61 -23.56 -13.06
CA SER A 78 47.44 -24.53 -14.14
C SER A 78 46.84 -23.89 -15.39
N TYR A 79 45.97 -22.90 -15.21
CA TYR A 79 45.35 -22.22 -16.34
C TYR A 79 46.04 -20.88 -16.56
N PRO A 80 46.86 -20.72 -17.62
CA PRO A 80 47.63 -19.48 -17.77
C PRO A 80 46.81 -18.28 -18.18
N ALA A 81 45.90 -18.43 -19.13
CA ALA A 81 45.13 -17.30 -19.65
C ALA A 81 43.76 -17.23 -18.98
N HIS A 82 43.77 -17.07 -17.66
CA HIS A 82 42.54 -16.99 -16.89
C HIS A 82 42.08 -15.54 -16.78
N SER A 83 40.78 -15.33 -16.88
CA SER A 83 40.20 -13.99 -16.77
C SER A 83 38.97 -14.05 -15.88
N HIS A 84 38.99 -13.28 -14.80
CA HIS A 84 37.82 -13.15 -13.94
C HIS A 84 36.77 -12.29 -14.60
N ILE A 85 35.52 -12.69 -14.46
CA ILE A 85 34.38 -11.96 -15.00
C ILE A 85 33.53 -11.50 -13.82
N PRO A 86 33.11 -10.21 -13.78
CA PRO A 86 32.25 -9.74 -12.69
C PRO A 86 30.85 -10.34 -12.69
N TYR A 87 30.04 -9.96 -11.70
CA TYR A 87 28.75 -10.61 -11.48
C TYR A 87 27.73 -10.45 -12.61
N PRO A 88 27.45 -9.25 -13.17
CA PRO A 88 26.45 -9.25 -14.26
C PRO A 88 26.97 -9.87 -15.55
N ASN A 89 28.24 -9.59 -15.89
CA ASN A 89 28.79 -9.94 -17.18
C ASN A 89 28.93 -11.45 -17.38
N CYS A 90 28.84 -12.23 -16.31
CA CYS A 90 28.92 -13.68 -16.39
C CYS A 90 27.57 -14.37 -16.42
N ASN A 91 26.46 -13.61 -16.37
CA ASN A 91 25.14 -14.21 -16.21
C ASN A 91 24.76 -15.14 -17.36
N GLN A 92 25.06 -14.72 -18.60
CA GLN A 92 24.81 -15.57 -19.77
C GLN A 92 25.61 -16.87 -19.70
N ASP A 93 26.81 -16.82 -19.13
CA ASP A 93 27.52 -18.07 -18.85
C ASP A 93 26.83 -18.84 -17.72
N LEU A 94 26.52 -18.16 -16.62
CA LEU A 94 26.05 -18.88 -15.45
C LEU A 94 24.57 -19.26 -15.53
N PHE A 95 23.83 -18.70 -16.48
CA PHE A 95 22.51 -19.22 -16.79
C PHE A 95 22.57 -20.50 -17.59
N ASN A 96 23.68 -20.77 -18.27
CA ASN A 96 23.84 -21.97 -19.10
C ASN A 96 25.17 -22.63 -18.74
N ILE A 97 25.17 -23.44 -17.68
CA ILE A 97 26.36 -24.15 -17.23
C ILE A 97 25.96 -25.56 -16.86
N GLU A 98 26.78 -26.53 -17.27
CA GLU A 98 26.49 -27.93 -17.02
C GLU A 98 27.78 -28.68 -16.75
N ASP A 99 27.74 -29.60 -15.78
CA ASP A 99 28.83 -30.53 -15.52
C ASP A 99 28.22 -31.89 -15.24
N LYS A 100 28.62 -32.89 -16.02
CA LYS A 100 28.00 -34.21 -15.92
C LYS A 100 28.46 -34.95 -14.67
N GLU A 101 29.74 -34.84 -14.33
CA GLU A 101 30.28 -35.61 -13.22
C GLU A 101 29.81 -35.08 -11.87
N SER A 102 29.64 -33.76 -11.75
CA SER A 102 29.28 -33.17 -10.47
C SER A 102 27.82 -33.34 -10.11
N THR A 103 26.96 -33.64 -11.08
CA THR A 103 25.52 -33.68 -10.88
C THR A 103 24.94 -35.09 -11.06
N ARG A 104 25.63 -36.10 -10.55
CA ARG A 104 25.19 -37.48 -10.75
C ARG A 104 24.02 -37.86 -9.85
N LYS A 105 24.08 -37.48 -8.57
CA LYS A 105 23.15 -37.99 -7.57
C LYS A 105 21.75 -37.42 -7.76
N ILE A 106 21.65 -36.11 -8.01
CA ILE A 106 20.35 -35.50 -8.26
C ILE A 106 19.78 -35.96 -9.60
N ARG A 107 20.64 -36.29 -10.56
CA ARG A 107 20.19 -36.86 -11.83
C ARG A 107 19.58 -38.24 -11.65
N GLU A 108 20.21 -39.07 -10.82
CA GLU A 108 19.66 -40.40 -10.53
C GLU A 108 18.34 -40.29 -9.77
N LEU A 109 18.25 -39.35 -8.81
CA LEU A 109 17.01 -39.14 -8.06
C LEU A 109 15.87 -38.69 -8.97
N LEU A 110 16.14 -37.73 -9.86
CA LEU A 110 15.09 -37.25 -10.73
C LEU A 110 14.74 -38.26 -11.83
N LYS A 111 15.71 -39.08 -12.26
CA LYS A 111 15.40 -40.16 -13.20
C LYS A 111 14.52 -41.23 -12.56
N LYS A 112 14.75 -41.52 -11.28
CA LYS A 112 13.85 -42.41 -10.54
C LYS A 112 12.46 -41.80 -10.40
N GLY A 113 12.39 -40.47 -10.24
CA GLY A 113 11.10 -39.79 -10.25
C GLY A 113 10.38 -39.90 -11.59
N ASN A 114 11.14 -39.79 -12.69
CA ASN A 114 10.57 -40.03 -14.03
C ASN A 114 10.04 -41.45 -14.15
N SER A 115 10.76 -42.42 -13.57
CA SER A 115 10.32 -43.81 -13.62
C SER A 115 8.99 -44.01 -12.90
N LEU A 116 8.86 -43.44 -11.69
CA LEU A 116 7.62 -43.59 -10.92
C LEU A 116 6.44 -42.88 -11.59
N TYR A 117 6.68 -41.67 -12.11
CA TYR A 117 5.62 -40.96 -12.81
C TYR A 117 5.25 -41.65 -14.12
N SER A 118 6.21 -42.33 -14.77
CA SER A 118 5.90 -43.11 -15.95
C SER A 118 5.09 -44.35 -15.61
N LYS A 119 5.25 -44.87 -14.39
CA LYS A 119 4.35 -45.95 -13.96
C LYS A 119 2.92 -45.45 -13.78
N VAL A 120 2.72 -44.27 -13.18
CA VAL A 120 1.36 -43.91 -12.76
C VAL A 120 0.68 -42.87 -13.65
N SER A 121 1.34 -42.36 -14.70
CA SER A 121 0.80 -41.23 -15.45
C SER A 121 -0.44 -41.60 -16.27
N ASP A 122 -0.47 -42.81 -16.83
CA ASP A 122 -1.61 -43.24 -17.64
C ASP A 122 -2.87 -43.37 -16.79
N LYS A 123 -2.73 -43.90 -15.58
CA LYS A 123 -3.88 -44.04 -14.70
C LYS A 123 -4.32 -42.69 -14.14
N VAL A 124 -3.38 -41.76 -13.94
CA VAL A 124 -3.75 -40.38 -13.60
C VAL A 124 -4.58 -39.75 -14.72
N PHE A 125 -4.17 -39.96 -15.98
CA PHE A 125 -4.94 -39.48 -17.12
C PHE A 125 -6.32 -40.13 -17.19
N GLN A 126 -6.41 -41.42 -16.89
CA GLN A 126 -7.70 -42.12 -16.93
C GLN A 126 -8.66 -41.58 -15.87
N CYS A 127 -8.14 -41.30 -14.67
CA CYS A 127 -8.96 -40.73 -13.61
C CYS A 127 -9.46 -39.33 -13.98
N LEU A 128 -8.56 -38.48 -14.53
CA LEU A 128 -8.98 -37.15 -14.94
C LEU A 128 -9.94 -37.18 -16.13
N ARG A 129 -9.78 -38.16 -17.02
CA ARG A 129 -10.70 -38.31 -18.15
C ARG A 129 -12.09 -38.73 -17.69
N ASP A 130 -12.15 -39.62 -16.68
CA ASP A 130 -13.45 -40.01 -16.13
C ASP A 130 -14.12 -38.84 -15.41
N THR A 131 -13.32 -38.03 -14.70
CA THR A 131 -13.84 -36.83 -14.05
C THR A 131 -14.37 -35.83 -15.08
N ASN A 132 -13.67 -35.68 -16.21
CA ASN A 132 -14.14 -34.80 -17.28
C ASN A 132 -15.39 -35.36 -17.95
N SER A 133 -15.48 -36.68 -18.11
CA SER A 133 -16.61 -37.29 -18.78
C SER A 133 -17.86 -37.34 -17.92
N ARG A 134 -17.72 -37.28 -16.59
CA ARG A 134 -18.90 -37.20 -15.74
C ARG A 134 -19.64 -35.87 -15.92
N LEU A 135 -18.90 -34.77 -16.07
CA LEU A 135 -19.51 -33.46 -16.17
C LEU A 135 -20.05 -33.14 -17.56
N GLY A 136 -19.81 -33.99 -18.55
CA GLY A 136 -20.34 -33.80 -19.88
C GLY A 136 -19.39 -33.23 -20.90
N LEU A 137 -18.14 -32.94 -20.51
CA LEU A 137 -17.14 -32.39 -21.42
C LEU A 137 -16.28 -33.48 -22.06
N GLY A 138 -16.77 -34.72 -22.12
CA GLY A 138 -15.96 -35.81 -22.65
C GLY A 138 -15.79 -35.76 -24.15
N SER A 139 -16.74 -35.13 -24.85
CA SER A 139 -16.66 -35.07 -26.31
C SER A 139 -15.63 -34.04 -26.77
N GLU A 140 -15.34 -33.02 -25.96
CA GLU A 140 -14.45 -31.94 -26.33
C GLU A 140 -13.06 -32.06 -25.72
N LEU A 141 -12.68 -33.27 -25.30
CA LEU A 141 -11.33 -33.49 -24.79
C LEU A 141 -10.32 -33.50 -25.93
N ARG A 142 -9.27 -32.72 -25.80
CA ARG A 142 -8.25 -32.65 -26.83
C ARG A 142 -7.37 -33.90 -26.80
N GLU A 143 -6.87 -34.28 -27.98
CA GLU A 143 -6.04 -35.47 -28.09
C GLU A 143 -4.65 -35.25 -27.51
N ASP A 144 -4.14 -34.03 -27.60
CA ASP A 144 -2.79 -33.72 -27.14
C ASP A 144 -2.65 -33.76 -25.62
N ILE A 145 -3.77 -33.67 -24.89
CA ILE A 145 -3.74 -33.66 -23.43
C ILE A 145 -3.25 -35.01 -22.90
N LYS A 146 -3.61 -36.11 -23.57
CA LYS A 146 -3.16 -37.44 -23.17
C LYS A 146 -1.64 -37.57 -23.27
N GLU A 147 -1.07 -37.15 -24.40
CA GLU A 147 0.37 -37.23 -24.58
C GLU A 147 1.11 -36.26 -23.68
N LYS A 148 0.46 -35.15 -23.32
CA LYS A 148 1.10 -34.22 -22.38
C LYS A 148 1.09 -34.76 -20.95
N VAL A 149 0.01 -35.44 -20.55
CA VAL A 149 -0.05 -36.00 -19.19
C VAL A 149 0.89 -37.19 -19.05
N ILE A 150 0.91 -38.11 -20.03
CA ILE A 150 1.72 -39.31 -19.91
C ILE A 150 3.21 -38.98 -19.99
N ASN A 151 3.59 -38.09 -20.89
CA ASN A 151 5.01 -37.75 -21.11
C ASN A 151 5.40 -36.43 -20.48
N LEU A 152 4.86 -36.11 -19.29
CA LEU A 152 5.16 -34.84 -18.64
C LEU A 152 6.60 -34.76 -18.16
N GLY A 153 7.13 -35.86 -17.62
CA GLY A 153 8.52 -35.89 -17.19
C GLY A 153 9.51 -35.74 -18.34
N VAL A 154 9.16 -36.27 -19.51
CA VAL A 154 9.99 -36.13 -20.69
C VAL A 154 10.04 -34.68 -21.14
N TYR A 155 8.91 -33.98 -21.08
CA TYR A 155 8.89 -32.56 -21.42
C TYR A 155 9.60 -31.71 -20.37
N MET A 156 9.59 -32.15 -19.11
CA MET A 156 10.35 -31.43 -18.09
C MET A 156 11.86 -31.63 -18.29
N HIS A 157 12.26 -32.83 -18.71
CA HIS A 157 13.68 -33.15 -18.85
C HIS A 157 14.24 -32.73 -20.20
N SER A 158 13.39 -32.43 -21.17
CA SER A 158 13.86 -31.97 -22.48
C SER A 158 14.10 -30.46 -22.53
N SER A 159 13.78 -29.74 -21.46
CA SER A 159 13.97 -28.30 -21.44
C SER A 159 15.45 -27.94 -21.34
N GLN A 160 15.77 -26.73 -21.79
CA GLN A 160 17.14 -26.26 -21.80
C GLN A 160 17.62 -25.77 -20.44
N TRP A 161 16.73 -25.62 -19.46
CA TRP A 161 17.11 -25.20 -18.11
C TRP A 161 17.26 -26.36 -17.14
N PHE A 162 17.12 -27.60 -17.60
CA PHE A 162 17.24 -28.75 -16.70
C PHE A 162 18.70 -28.98 -16.30
N GLU A 163 19.61 -28.94 -17.26
CA GLU A 163 21.02 -29.13 -16.96
C GLU A 163 21.64 -27.96 -16.19
N PRO A 164 21.24 -26.69 -16.41
CA PRO A 164 21.62 -25.66 -15.41
C PRO A 164 21.08 -25.88 -14.01
N PHE A 165 19.84 -26.36 -13.87
CA PHE A 165 19.19 -26.42 -12.56
C PHE A 165 19.84 -27.47 -11.67
N LEU A 166 20.24 -28.61 -12.25
CA LEU A 166 20.93 -29.66 -11.50
C LEU A 166 22.26 -29.18 -10.95
N PHE A 167 22.97 -28.34 -11.72
CA PHE A 167 24.24 -27.80 -11.23
C PHE A 167 24.01 -26.86 -10.05
N TRP A 168 23.06 -25.92 -10.19
CA TRP A 168 22.87 -24.90 -9.15
C TRP A 168 22.20 -25.45 -7.90
N PHE A 169 21.34 -26.46 -8.03
CA PHE A 169 20.78 -27.11 -6.84
C PHE A 169 21.84 -27.86 -6.05
N THR A 170 22.79 -28.49 -6.75
CA THR A 170 23.89 -29.19 -6.10
C THR A 170 24.79 -28.22 -5.33
N VAL A 171 25.16 -27.10 -5.96
CA VAL A 171 26.02 -26.11 -5.34
C VAL A 171 25.35 -25.50 -4.12
N LYS A 172 24.05 -25.22 -4.22
CA LYS A 172 23.31 -24.64 -3.10
C LYS A 172 23.24 -25.61 -1.92
N THR A 173 22.95 -26.88 -2.20
CA THR A 173 22.80 -27.86 -1.14
C THR A 173 24.14 -28.19 -0.48
N GLU A 174 25.22 -28.26 -1.26
CA GLU A 174 26.54 -28.50 -0.67
C GLU A 174 27.03 -27.28 0.12
N MET A 175 26.68 -26.07 -0.31
CA MET A 175 27.07 -24.88 0.45
C MET A 175 26.32 -24.80 1.78
N ARG A 176 25.04 -25.19 1.78
CA ARG A 176 24.27 -25.20 3.02
C ARG A 176 24.80 -26.23 4.01
N SER A 177 25.35 -27.34 3.50
CA SER A 177 26.00 -28.33 4.36
C SER A 177 27.25 -27.76 5.01
N VAL A 178 28.02 -26.95 4.28
CA VAL A 178 29.24 -26.35 4.81
C VAL A 178 28.92 -25.33 5.89
N ILE A 179 27.84 -24.54 5.70
CA ILE A 179 27.48 -23.49 6.64
C ILE A 179 27.03 -24.08 7.98
N LYS A 180 26.22 -25.13 7.94
CA LYS A 180 25.72 -25.71 9.18
C LYS A 180 26.73 -26.62 9.87
N SER A 181 27.60 -27.31 9.11
CA SER A 181 28.56 -28.22 9.74
C SER A 181 29.66 -27.45 10.44
N GLN A 182 30.17 -26.38 9.82
CA GLN A 182 31.24 -25.60 10.43
C GLN A 182 30.77 -24.81 11.65
N THR A 183 29.47 -24.52 11.72
CA THR A 183 28.91 -23.81 12.87
C THR A 183 28.76 -24.74 14.07
N ARG A 189 40.34 -30.13 13.07
CA ARG A 189 40.54 -30.81 11.81
C ARG A 189 41.01 -29.84 10.71
N ARG A 190 40.41 -28.64 10.70
CA ARG A 190 40.68 -27.52 9.77
C ARG A 190 40.87 -27.97 8.31
N HIS A 191 39.82 -28.58 7.78
CA HIS A 191 39.88 -29.16 6.44
C HIS A 191 39.93 -28.07 5.37
N THR A 192 40.91 -28.17 4.50
CA THR A 192 41.06 -27.22 3.39
C THR A 192 40.14 -27.63 2.24
N PRO A 193 39.32 -26.70 1.73
CA PRO A 193 38.47 -27.03 0.58
C PRO A 193 39.31 -27.27 -0.67
N VAL A 194 39.05 -28.38 -1.34
CA VAL A 194 39.80 -28.76 -2.53
C VAL A 194 38.89 -28.68 -3.75
N PHE A 195 39.51 -28.43 -4.90
CA PHE A 195 38.76 -28.37 -6.14
C PHE A 195 38.32 -29.77 -6.57
N PHE A 196 37.16 -29.83 -7.23
CA PHE A 196 36.63 -31.07 -7.77
C PHE A 196 36.66 -30.93 -9.29
N THR A 197 37.50 -31.74 -9.94
CA THR A 197 37.71 -31.65 -11.38
C THR A 197 36.60 -32.39 -12.10
N GLY A 198 35.72 -31.65 -12.76
CA GLY A 198 34.64 -32.22 -13.55
C GLY A 198 35.01 -32.39 -15.00
N SER A 199 33.99 -32.54 -15.84
CA SER A 199 34.22 -32.66 -17.27
C SER A 199 34.61 -31.31 -17.87
N SER A 200 33.93 -30.24 -17.46
CA SER A 200 34.24 -28.90 -17.95
C SER A 200 34.28 -27.84 -16.85
N VAL A 201 33.92 -28.18 -15.62
CA VAL A 201 33.81 -27.23 -14.52
C VAL A 201 34.68 -27.72 -13.35
N GLU A 202 35.55 -26.84 -12.86
CA GLU A 202 36.25 -27.07 -11.60
C GLU A 202 35.60 -26.24 -10.50
N LEU A 203 35.29 -26.88 -9.38
CA LEU A 203 34.44 -26.32 -8.34
C LEU A 203 35.14 -26.32 -6.99
N LEU A 204 35.16 -25.16 -6.34
CA LEU A 204 35.50 -25.06 -4.92
C LEU A 204 34.31 -24.45 -4.21
N ILE A 205 33.83 -25.13 -3.17
CA ILE A 205 32.74 -24.64 -2.33
C ILE A 205 33.27 -24.44 -0.93
N SER A 206 33.19 -23.20 -0.43
CA SER A 206 33.53 -22.87 0.94
C SER A 206 32.28 -22.31 1.62
N ARG A 207 32.46 -21.82 2.84
CA ARG A 207 31.33 -21.23 3.56
C ARG A 207 30.92 -19.90 2.97
N ASP A 208 31.90 -19.07 2.59
CA ASP A 208 31.63 -17.74 2.08
C ASP A 208 31.92 -17.54 0.59
N LEU A 209 32.67 -18.44 -0.05
CA LEU A 209 33.08 -18.24 -1.42
C LEU A 209 32.95 -19.53 -2.21
N VAL A 210 32.49 -19.41 -3.46
CA VAL A 210 32.46 -20.49 -4.42
C VAL A 210 33.27 -20.06 -5.64
N ALA A 211 34.25 -20.87 -6.01
CA ALA A 211 35.11 -20.60 -7.15
C ALA A 211 34.80 -21.61 -8.26
N ILE A 212 34.43 -21.09 -9.44
CA ILE A 212 34.08 -21.90 -10.60
C ILE A 212 35.05 -21.56 -11.72
N ILE A 213 35.76 -22.57 -12.22
CA ILE A 213 36.70 -22.40 -13.32
C ILE A 213 36.20 -23.22 -14.50
N SER A 214 35.97 -22.55 -15.63
CA SER A 214 35.61 -23.25 -16.85
C SER A 214 36.88 -23.71 -17.55
N LYS A 215 36.96 -25.00 -17.87
CA LYS A 215 38.21 -25.55 -18.41
C LYS A 215 38.42 -25.19 -19.87
N GLU A 216 37.34 -24.99 -20.63
CA GLU A 216 37.49 -24.69 -22.05
C GLU A 216 37.76 -23.22 -22.30
N SER A 217 37.05 -22.33 -21.62
CA SER A 217 37.17 -20.90 -21.85
C SER A 217 38.16 -20.21 -20.93
N GLN A 218 38.59 -20.88 -19.85
CA GLN A 218 39.45 -20.32 -18.79
C GLN A 218 38.85 -19.06 -18.19
N HIS A 219 37.54 -19.11 -17.93
CA HIS A 219 36.83 -18.04 -17.25
C HIS A 219 36.63 -18.43 -15.79
N VAL A 220 36.88 -17.49 -14.88
CA VAL A 220 36.84 -17.73 -13.45
C VAL A 220 35.73 -16.89 -12.85
N TYR A 221 34.89 -17.53 -12.03
CA TYR A 221 33.79 -16.86 -11.35
C TYR A 221 33.92 -17.06 -9.84
N TYR A 222 33.79 -15.97 -9.09
CA TYR A 222 33.73 -16.02 -7.63
C TYR A 222 32.34 -15.58 -7.19
N LEU A 223 31.71 -16.39 -6.36
CA LEU A 223 30.33 -16.15 -5.95
C LEU A 223 30.20 -16.27 -4.45
N THR A 224 29.24 -15.54 -3.90
CA THR A 224 28.86 -15.67 -2.49
C THR A 224 27.60 -16.52 -2.38
N PHE A 225 27.08 -16.62 -1.16
CA PHE A 225 25.90 -17.46 -0.90
C PHE A 225 24.66 -16.87 -1.55
N GLU A 226 24.54 -15.53 -1.52
CA GLU A 226 23.38 -14.84 -2.05
C GLU A 226 23.22 -15.05 -3.55
N LEU A 227 24.35 -15.01 -4.27
CA LEU A 227 24.32 -15.22 -5.72
C LEU A 227 23.89 -16.65 -6.06
N VAL A 228 24.34 -17.63 -5.27
CA VAL A 228 23.98 -19.03 -5.50
C VAL A 228 22.48 -19.22 -5.28
N LEU A 229 21.93 -18.62 -4.21
CA LEU A 229 20.49 -18.70 -3.96
C LEU A 229 19.69 -18.04 -5.09
N MET A 230 20.16 -16.88 -5.56
CA MET A 230 19.49 -16.17 -6.64
C MET A 230 19.50 -16.98 -7.94
N TYR A 231 20.65 -17.56 -8.28
CA TYR A 231 20.77 -18.34 -9.52
C TYR A 231 19.89 -19.59 -9.45
N CYS A 232 19.83 -20.25 -8.29
CA CYS A 232 18.97 -21.42 -8.15
C CYS A 232 17.50 -21.06 -8.32
N ASP A 233 17.07 -19.95 -7.70
CA ASP A 233 15.67 -19.52 -7.84
C ASP A 233 15.32 -19.13 -9.27
N VAL A 234 16.22 -18.41 -9.96
CA VAL A 234 15.97 -17.98 -11.33
C VAL A 234 15.89 -19.18 -12.28
N ILE A 235 16.85 -20.11 -12.18
CA ILE A 235 16.85 -21.25 -13.10
C ILE A 235 15.69 -22.20 -12.82
N GLU A 236 15.33 -22.38 -11.54
CA GLU A 236 14.18 -23.24 -11.24
C GLU A 236 12.87 -22.62 -11.71
N GLY A 237 12.74 -21.30 -11.57
CA GLY A 237 11.56 -20.61 -12.09
C GLY A 237 11.46 -20.68 -13.60
N ARG A 238 12.59 -20.51 -14.29
CA ARG A 238 12.59 -20.65 -15.75
C ARG A 238 12.24 -22.07 -16.19
N LEU A 239 12.74 -23.08 -15.47
CA LEU A 239 12.43 -24.46 -15.80
C LEU A 239 10.95 -24.77 -15.65
N MET A 240 10.37 -24.35 -14.51
CA MET A 240 8.95 -24.61 -14.28
C MET A 240 8.07 -23.82 -15.25
N THR A 241 8.46 -22.59 -15.58
CA THR A 241 7.65 -21.77 -16.47
C THR A 241 7.71 -22.27 -17.91
N GLU A 242 8.90 -22.68 -18.37
CA GLU A 242 9.02 -23.23 -19.72
C GLU A 242 8.30 -24.57 -19.84
N THR A 243 8.36 -25.40 -18.80
CA THR A 243 7.59 -26.65 -18.80
C THR A 243 6.10 -26.37 -18.85
N ALA A 244 5.62 -25.39 -18.07
CA ALA A 244 4.20 -25.07 -18.04
C ALA A 244 3.72 -24.49 -19.36
N MET A 245 4.55 -23.71 -20.05
CA MET A 245 4.16 -23.19 -21.35
C MET A 245 4.25 -24.26 -22.44
N THR A 246 5.16 -25.22 -22.30
CA THR A 246 5.27 -26.29 -23.29
C THR A 246 4.09 -27.26 -23.20
N ILE A 247 3.67 -27.59 -21.98
CA ILE A 247 2.55 -28.52 -21.79
C ILE A 247 1.24 -27.89 -22.22
N ASP A 248 1.00 -26.65 -21.82
CA ASP A 248 -0.28 -26.00 -22.12
C ASP A 248 -0.30 -25.47 -23.55
N ALA A 249 -1.43 -25.69 -24.22
CA ALA A 249 -1.57 -25.35 -25.64
C ALA A 249 -2.00 -23.90 -25.86
N ARG A 250 -2.43 -23.19 -24.84
CA ARG A 250 -2.85 -21.81 -25.00
C ARG A 250 -1.68 -20.84 -25.05
N TYR A 251 -0.48 -21.28 -24.68
CA TYR A 251 0.69 -20.41 -24.57
C TYR A 251 1.72 -20.71 -25.66
N THR A 252 1.26 -20.97 -26.89
CA THR A 252 2.16 -21.39 -27.95
C THR A 252 3.03 -20.24 -28.46
N GLU A 253 2.43 -19.09 -28.75
CA GLU A 253 3.20 -17.96 -29.26
C GLU A 253 3.97 -17.24 -28.16
N LEU A 254 3.40 -17.21 -26.94
CA LEU A 254 4.07 -16.59 -25.80
C LEU A 254 5.35 -17.32 -25.44
N LEU A 255 5.40 -18.64 -25.68
CA LEU A 255 6.60 -19.43 -25.45
C LEU A 255 7.75 -18.96 -26.33
N GLY A 256 7.48 -18.77 -27.63
CA GLY A 256 8.52 -18.29 -28.53
C GLY A 256 8.94 -16.87 -28.24
N ARG A 257 7.97 -16.01 -27.89
CA ARG A 257 8.31 -14.62 -27.58
C ARG A 257 9.13 -14.49 -26.30
N VAL A 258 8.84 -15.30 -25.29
CA VAL A 258 9.62 -15.20 -24.06
C VAL A 258 10.98 -15.90 -24.20
N ARG A 259 11.07 -16.92 -25.08
CA ARG A 259 12.39 -17.49 -25.40
C ARG A 259 13.27 -16.48 -26.11
N TYR A 260 12.70 -15.72 -27.05
CA TYR A 260 13.46 -14.66 -27.71
C TYR A 260 13.84 -13.55 -26.74
N MET A 261 12.95 -13.23 -25.78
CA MET A 261 13.26 -12.25 -24.75
C MET A 261 14.42 -12.70 -23.88
N TRP A 262 14.41 -13.97 -23.46
CA TRP A 262 15.49 -14.52 -22.65
C TRP A 262 16.82 -14.49 -23.38
N LYS A 263 16.82 -14.90 -24.66
CA LYS A 263 18.03 -14.89 -25.46
C LYS A 263 18.55 -13.48 -25.69
N LEU A 264 17.66 -12.52 -25.92
CA LEU A 264 18.05 -11.15 -26.21
C LEU A 264 18.67 -10.47 -24.99
N ILE A 265 18.02 -10.58 -23.83
CA ILE A 265 18.56 -9.94 -22.62
C ILE A 265 19.82 -10.64 -22.13
N ASP A 266 19.87 -11.98 -22.24
CA ASP A 266 21.08 -12.70 -21.87
C ASP A 266 22.23 -12.39 -22.82
N GLY A 267 21.93 -12.05 -24.09
CA GLY A 267 22.96 -11.53 -24.96
C GLY A 267 23.42 -10.14 -24.53
N PHE A 268 22.50 -9.31 -24.04
CA PHE A 268 22.90 -7.97 -23.60
C PHE A 268 23.70 -7.97 -22.30
N PHE A 269 23.62 -9.03 -21.48
CA PHE A 269 24.37 -9.02 -20.21
C PHE A 269 25.89 -8.92 -20.34
N PRO A 270 26.61 -9.68 -21.22
CA PRO A 270 28.09 -9.55 -21.23
C PRO A 270 28.64 -8.19 -21.62
N ALA A 271 28.00 -7.49 -22.55
CA ALA A 271 28.54 -6.22 -23.03
C ALA A 271 28.07 -5.04 -22.18
N LEU A 272 26.78 -5.02 -21.82
CA LEU A 272 26.26 -3.89 -21.08
C LEU A 272 26.52 -4.03 -19.58
N GLY A 273 26.32 -5.22 -19.02
CA GLY A 273 26.62 -5.42 -17.61
C GLY A 273 25.45 -5.02 -16.74
N ASN A 274 25.74 -4.25 -15.70
CA ASN A 274 24.74 -3.79 -14.73
C ASN A 274 23.71 -2.79 -15.27
N PRO A 275 23.99 -1.93 -16.25
CA PRO A 275 22.88 -1.17 -16.86
C PRO A 275 21.88 -1.97 -17.69
N THR A 276 22.01 -3.29 -17.82
CA THR A 276 20.97 -4.08 -18.47
C THR A 276 19.70 -4.13 -17.64
N TYR A 277 19.84 -3.96 -16.32
CA TYR A 277 18.69 -4.03 -15.43
C TYR A 277 17.78 -2.82 -15.58
N GLN A 278 18.27 -1.71 -16.13
CA GLN A 278 17.39 -0.61 -16.48
C GLN A 278 16.46 -0.98 -17.63
N ILE A 279 16.97 -1.73 -18.63
CA ILE A 279 16.12 -2.26 -19.70
C ILE A 279 15.16 -3.31 -19.16
N VAL A 280 15.63 -4.13 -18.23
CA VAL A 280 14.78 -5.14 -17.59
C VAL A 280 13.64 -4.48 -16.82
N ALA A 281 13.94 -3.39 -16.10
CA ALA A 281 12.90 -2.63 -15.42
C ALA A 281 12.00 -1.89 -16.40
N MET A 282 12.52 -1.53 -17.58
CA MET A 282 11.73 -0.86 -18.60
C MET A 282 10.76 -1.83 -19.28
N LEU A 283 11.01 -3.14 -19.18
CA LEU A 283 10.07 -4.13 -19.69
C LEU A 283 8.69 -4.09 -19.01
N GLU A 284 8.59 -3.51 -17.81
CA GLU A 284 7.31 -3.38 -17.12
C GLU A 284 6.45 -2.22 -17.65
N PRO A 285 6.98 -1.03 -17.98
CA PRO A 285 6.16 -0.06 -18.73
C PRO A 285 5.74 -0.49 -20.12
N LEU A 286 6.55 -1.33 -20.79
CA LEU A 286 6.39 -1.56 -22.22
C LEU A 286 5.12 -2.34 -22.54
N SER A 287 4.71 -3.27 -21.68
CA SER A 287 3.47 -4.00 -21.92
C SER A 287 2.26 -3.08 -21.86
N LEU A 288 2.27 -2.12 -20.92
CA LEU A 288 1.20 -1.14 -20.85
C LEU A 288 1.20 -0.21 -22.06
N ALA A 289 2.38 0.16 -22.55
CA ALA A 289 2.45 1.02 -23.74
C ALA A 289 1.95 0.29 -24.99
N TYR A 290 2.37 -0.97 -25.18
CA TYR A 290 1.92 -1.76 -26.32
C TYR A 290 0.44 -2.12 -26.22
N LEU A 291 -0.10 -2.18 -24.99
CA LEU A 291 -1.55 -2.31 -24.84
C LEU A 291 -2.27 -0.99 -25.11
N GLN A 292 -1.63 0.14 -24.83
CA GLN A 292 -2.21 1.44 -25.14
C GLN A 292 -2.25 1.70 -26.64
N LEU A 293 -1.39 1.04 -27.42
CA LEU A 293 -1.37 1.22 -28.87
C LEU A 293 -2.67 0.82 -29.56
N ARG A 294 -3.51 -0.02 -28.95
CA ARG A 294 -4.74 -0.49 -29.59
C ARG A 294 -5.97 0.30 -29.13
N ASP A 295 -5.79 1.52 -28.63
CA ASP A 295 -6.93 2.33 -28.20
C ASP A 295 -7.74 2.84 -29.38
N ILE A 296 -9.03 3.10 -29.12
CA ILE A 296 -9.92 3.62 -30.14
C ILE A 296 -9.60 5.09 -30.43
N THR A 297 -9.16 5.84 -29.42
CA THR A 297 -8.98 7.28 -29.52
C THR A 297 -7.76 7.62 -30.38
N VAL A 298 -7.66 8.91 -30.72
CA VAL A 298 -6.83 9.33 -31.84
C VAL A 298 -5.33 9.38 -31.47
N GLU A 299 -4.93 10.24 -30.54
CA GLU A 299 -3.51 10.42 -30.26
C GLU A 299 -3.05 9.71 -28.99
N LEU A 300 -3.89 8.88 -28.39
CA LEU A 300 -3.51 8.15 -27.19
C LEU A 300 -2.75 6.86 -27.49
N ARG A 301 -2.46 6.56 -28.75
CA ARG A 301 -1.91 5.26 -29.10
C ARG A 301 -0.42 5.16 -28.78
N GLY A 302 0.38 6.08 -29.31
CA GLY A 302 1.82 6.01 -29.13
C GLY A 302 2.39 7.10 -28.24
N ALA A 303 1.69 7.42 -27.15
CA ALA A 303 2.13 8.51 -26.28
C ALA A 303 3.21 8.06 -25.30
N PHE A 304 2.96 6.94 -24.60
CA PHE A 304 3.86 6.45 -23.57
C PHE A 304 4.98 5.59 -24.14
N LEU A 305 4.74 4.97 -25.30
CA LEU A 305 5.77 4.25 -26.02
C LEU A 305 6.91 5.17 -26.46
N ASN A 306 6.59 6.43 -26.79
CA ASN A 306 7.62 7.39 -27.16
C ASN A 306 8.57 7.67 -26.00
N HIS A 307 8.02 7.84 -24.80
CA HIS A 307 8.85 8.05 -23.61
C HIS A 307 9.69 6.82 -23.29
N CYS A 308 9.09 5.63 -23.41
CA CYS A 308 9.84 4.39 -23.16
C CYS A 308 10.98 4.20 -24.16
N PHE A 309 10.72 4.48 -25.44
CA PHE A 309 11.75 4.33 -26.46
C PHE A 309 12.85 5.37 -26.31
N THR A 310 12.48 6.59 -25.90
CA THR A 310 13.47 7.63 -25.65
C THR A 310 14.37 7.27 -24.47
N GLU A 311 13.80 6.69 -23.41
CA GLU A 311 14.64 6.27 -22.28
C GLU A 311 15.52 5.07 -22.62
N ILE A 312 15.03 4.13 -23.45
CA ILE A 312 15.88 3.02 -23.88
C ILE A 312 17.04 3.53 -24.75
N HIS A 313 16.76 4.51 -25.62
CA HIS A 313 17.81 5.14 -26.41
C HIS A 313 18.82 5.86 -25.52
N ASP A 314 18.36 6.50 -24.44
CA ASP A 314 19.25 7.17 -23.51
C ASP A 314 20.14 6.18 -22.76
N VAL A 315 19.57 5.03 -22.36
CA VAL A 315 20.35 3.99 -21.68
C VAL A 315 21.42 3.42 -22.61
N LEU A 316 21.08 3.18 -23.87
CA LEU A 316 22.09 2.72 -24.83
C LEU A 316 23.12 3.80 -25.15
N ASP A 317 22.71 5.08 -25.14
CA ASP A 317 23.62 6.16 -25.52
C ASP A 317 24.62 6.49 -24.43
N GLN A 318 24.21 6.43 -23.16
CA GLN A 318 25.10 6.84 -22.08
C GLN A 318 26.24 5.85 -21.86
N ASN A 319 26.02 4.57 -22.15
CA ASN A 319 26.99 3.53 -21.86
C ASN A 319 27.97 3.29 -23.01
N GLY A 320 27.84 3.99 -24.13
CA GLY A 320 28.83 3.92 -25.19
C GLY A 320 28.35 3.25 -26.46
N PHE A 321 27.14 2.72 -26.51
CA PHE A 321 26.60 2.08 -27.71
C PHE A 321 25.85 3.11 -28.56
N SER A 322 26.60 4.13 -29.01
CA SER A 322 26.03 5.21 -29.80
C SER A 322 26.12 4.86 -31.29
N ASP A 323 25.32 3.87 -31.67
CA ASP A 323 25.23 3.42 -33.05
C ASP A 323 23.76 3.36 -33.44
N GLU A 324 23.44 3.83 -34.64
CA GLU A 324 22.07 3.85 -35.11
C GLU A 324 21.56 2.45 -35.48
N GLY A 325 22.47 1.53 -35.81
CA GLY A 325 22.05 0.18 -36.16
C GLY A 325 21.52 -0.61 -34.99
N THR A 326 22.15 -0.45 -33.81
CA THR A 326 21.80 -1.27 -32.65
C THR A 326 20.41 -0.92 -32.10
N TYR A 327 20.10 0.37 -32.03
CA TYR A 327 18.83 0.82 -31.48
C TYR A 327 17.64 0.37 -32.33
N HIS A 328 17.80 0.41 -33.66
CA HIS A 328 16.73 -0.01 -34.56
C HIS A 328 16.47 -1.51 -34.46
N GLU A 329 17.53 -2.31 -34.30
CA GLU A 329 17.37 -3.75 -34.10
C GLU A 329 16.71 -4.04 -32.76
N LEU A 330 17.02 -3.25 -31.73
CA LEU A 330 16.36 -3.44 -30.44
C LEU A 330 14.87 -3.09 -30.52
N ILE A 331 14.53 -2.04 -31.28
CA ILE A 331 13.12 -1.68 -31.49
C ILE A 331 12.38 -2.78 -32.24
N GLU A 332 13.01 -3.35 -33.27
CA GLU A 332 12.38 -4.45 -34.00
C GLU A 332 12.20 -5.70 -33.13
N ALA A 333 13.19 -5.98 -32.27
CA ALA A 333 13.07 -7.11 -31.34
C ALA A 333 11.95 -6.90 -30.34
N LEU A 334 11.84 -5.69 -29.78
CA LEU A 334 10.76 -5.41 -28.83
C LEU A 334 9.39 -5.41 -29.49
N ASP A 335 9.32 -4.99 -30.76
CA ASP A 335 8.09 -5.11 -31.53
C ASP A 335 7.71 -6.56 -31.77
N TYR A 336 8.70 -7.45 -31.93
CA TYR A 336 8.36 -8.85 -32.08
C TYR A 336 7.87 -9.44 -30.75
N ILE A 337 8.48 -9.05 -29.64
CA ILE A 337 8.11 -9.63 -28.34
C ILE A 337 6.74 -9.15 -27.88
N PHE A 338 6.46 -7.84 -27.97
CA PHE A 338 5.31 -7.30 -27.26
C PHE A 338 4.03 -7.17 -28.07
N ILE A 339 4.03 -7.47 -29.37
CA ILE A 339 2.82 -7.34 -30.18
C ILE A 339 2.15 -8.69 -30.30
N THR A 340 0.90 -8.78 -29.85
CA THR A 340 0.10 -9.99 -29.94
C THR A 340 -1.35 -9.61 -30.20
N ASP A 341 -2.13 -10.59 -30.65
CA ASP A 341 -3.54 -10.35 -30.98
C ASP A 341 -4.47 -10.56 -29.81
N ASP A 342 -4.11 -11.41 -28.85
CA ASP A 342 -4.96 -11.71 -27.70
C ASP A 342 -4.67 -10.75 -26.56
N ILE A 343 -5.73 -10.16 -26.01
CA ILE A 343 -5.57 -9.24 -24.89
C ILE A 343 -5.17 -9.98 -23.62
N HIS A 344 -5.65 -11.23 -23.46
CA HIS A 344 -5.36 -12.00 -22.26
C HIS A 344 -3.89 -12.42 -22.18
N LEU A 345 -3.25 -12.63 -23.32
CA LEU A 345 -1.84 -13.00 -23.36
C LEU A 345 -0.91 -11.78 -23.37
N THR A 346 -1.45 -10.58 -23.34
CA THR A 346 -0.61 -9.38 -23.32
C THR A 346 0.01 -9.18 -21.94
N GLY A 347 -0.77 -9.37 -20.88
CA GLY A 347 -0.32 -9.14 -19.53
C GLY A 347 0.49 -10.25 -18.90
N GLU A 348 0.78 -11.32 -19.63
CA GLU A 348 1.60 -12.41 -19.12
C GLU A 348 3.08 -12.06 -19.07
N ILE A 349 3.50 -10.97 -19.73
CA ILE A 349 4.90 -10.55 -19.69
C ILE A 349 5.26 -9.99 -18.32
N PHE A 350 4.27 -9.55 -17.54
CA PHE A 350 4.50 -9.12 -16.16
C PHE A 350 5.01 -10.26 -15.29
N SER A 351 4.63 -11.51 -15.60
CA SER A 351 5.10 -12.66 -14.86
C SER A 351 6.58 -12.94 -15.07
N PHE A 352 7.16 -12.49 -16.20
CA PHE A 352 8.57 -12.72 -16.50
C PHE A 352 9.44 -11.55 -16.07
N PHE A 353 8.96 -10.72 -15.14
CA PHE A 353 9.71 -9.54 -14.73
C PHE A 353 10.92 -9.88 -13.87
N ARG A 354 10.83 -10.95 -13.07
CA ARG A 354 11.88 -11.33 -12.15
C ARG A 354 12.74 -12.48 -12.67
N SER A 355 12.63 -12.79 -13.96
CA SER A 355 13.28 -13.97 -14.52
C SER A 355 14.73 -13.74 -14.92
N PHE A 356 15.26 -12.52 -14.75
CA PHE A 356 16.62 -12.23 -15.19
C PHE A 356 17.61 -12.04 -14.04
N GLY A 357 17.14 -11.71 -12.84
CA GLY A 357 18.00 -11.60 -11.69
C GLY A 357 17.83 -10.26 -11.01
N HIS A 358 18.74 -9.97 -10.09
CA HIS A 358 18.70 -8.74 -9.32
C HIS A 358 20.03 -8.01 -9.41
N PRO A 359 20.01 -6.68 -9.54
CA PRO A 359 21.26 -5.94 -9.70
C PRO A 359 22.06 -5.85 -8.42
N ARG A 360 23.37 -5.69 -8.58
CA ARG A 360 24.24 -5.39 -7.45
C ARG A 360 24.10 -3.93 -7.06
N LEU A 361 24.20 -3.66 -5.76
CA LEU A 361 23.89 -2.33 -5.23
C LEU A 361 25.06 -1.77 -4.44
N GLU A 362 25.08 -0.45 -4.33
CA GLU A 362 26.03 0.27 -3.50
C GLU A 362 25.32 1.47 -2.91
N ALA A 363 25.69 1.82 -1.67
CA ALA A 363 24.94 2.79 -0.89
C ALA A 363 25.13 4.23 -1.37
N VAL A 364 26.23 4.53 -2.05
CA VAL A 364 26.55 5.90 -2.44
C VAL A 364 25.57 6.41 -3.49
N THR A 365 25.14 5.54 -4.41
CA THR A 365 24.22 5.96 -5.47
C THR A 365 22.83 6.29 -4.93
N ALA A 366 22.31 5.45 -4.04
CA ALA A 366 21.03 5.74 -3.39
C ALA A 366 21.13 6.96 -2.49
N ALA A 367 22.27 7.12 -1.81
CA ALA A 367 22.48 8.28 -0.97
C ALA A 367 22.51 9.58 -1.78
N GLU A 368 23.16 9.56 -2.95
CA GLU A 368 23.19 10.77 -3.77
C GLU A 368 21.87 11.03 -4.46
N ASN A 369 21.06 9.99 -4.72
CA ASN A 369 19.72 10.20 -5.26
C ASN A 369 18.81 10.88 -4.24
N VAL A 370 18.80 10.38 -3.00
CA VAL A 370 17.99 11.01 -1.94
C VAL A 370 18.55 12.39 -1.60
N ARG A 371 19.87 12.57 -1.71
CA ARG A 371 20.49 13.87 -1.51
C ARG A 371 20.06 14.88 -2.57
N LYS A 372 19.94 14.43 -3.82
CA LYS A 372 19.44 15.29 -4.88
C LYS A 372 17.99 15.67 -4.65
N TYR A 373 17.16 14.70 -4.25
CA TYR A 373 15.73 14.99 -4.14
C TYR A 373 15.37 15.79 -2.89
N MET A 374 16.06 15.58 -1.78
CA MET A 374 15.67 16.23 -0.53
C MET A 374 16.37 17.55 -0.26
N ASN A 375 17.24 18.02 -1.16
CA ASN A 375 17.93 19.30 -1.00
C ASN A 375 17.60 20.24 -2.15
N GLN A 376 16.33 20.31 -2.53
CA GLN A 376 15.90 21.11 -3.67
C GLN A 376 15.05 22.28 -3.21
N PRO A 377 15.39 23.51 -3.61
CA PRO A 377 14.53 24.66 -3.29
C PRO A 377 13.24 24.63 -4.07
N LYS A 378 12.19 25.23 -3.49
CA LYS A 378 10.88 25.26 -4.10
C LYS A 378 10.21 26.60 -3.86
N VAL A 379 9.27 26.95 -4.75
CA VAL A 379 8.37 28.08 -4.58
C VAL A 379 6.95 27.59 -4.84
N ILE A 380 6.06 27.79 -3.88
CA ILE A 380 4.68 27.35 -3.99
C ILE A 380 3.77 28.57 -4.03
N VAL A 381 2.49 28.32 -4.30
CA VAL A 381 1.48 29.37 -4.42
C VAL A 381 0.50 29.22 -3.27
N TYR A 382 0.21 30.35 -2.60
CA TYR A 382 -0.67 30.36 -1.44
C TYR A 382 -2.12 30.08 -1.80
N GLU A 383 -2.56 30.53 -2.98
CA GLU A 383 -3.97 30.46 -3.35
C GLU A 383 -4.44 29.03 -3.59
N THR A 384 -3.64 28.24 -4.30
CA THR A 384 -3.99 26.84 -4.56
C THR A 384 -3.95 26.02 -3.28
N LEU A 385 -2.99 26.33 -2.40
CA LEU A 385 -2.91 25.69 -1.09
C LEU A 385 -4.13 25.97 -0.24
N MET A 386 -4.60 27.22 -0.23
CA MET A 386 -5.79 27.55 0.54
C MET A 386 -7.06 26.99 -0.09
N LYS A 387 -7.12 26.86 -1.41
CA LYS A 387 -8.26 26.22 -2.06
C LYS A 387 -8.33 24.73 -1.71
N GLY A 388 -7.19 24.04 -1.70
CA GLY A 388 -7.16 22.67 -1.25
C GLY A 388 -7.49 22.52 0.22
N HIS A 389 -7.09 23.50 1.03
CA HIS A 389 -7.46 23.51 2.45
C HIS A 389 -8.96 23.69 2.63
N ALA A 390 -9.59 24.51 1.79
CA ALA A 390 -11.05 24.69 1.83
C ALA A 390 -11.78 23.41 1.46
N ILE A 391 -11.31 22.71 0.43
CA ILE A 391 -11.91 21.43 0.05
C ILE A 391 -11.73 20.39 1.17
N PHE A 392 -10.56 20.41 1.82
CA PHE A 392 -10.26 19.49 2.92
C PHE A 392 -11.21 19.71 4.10
N CYS A 393 -11.43 20.98 4.44
CA CYS A 393 -12.40 21.32 5.49
C CYS A 393 -13.82 20.91 5.10
N GLY A 394 -14.18 21.08 3.82
CA GLY A 394 -15.51 20.69 3.38
C GLY A 394 -15.75 19.18 3.45
N ILE A 395 -14.71 18.39 3.13
CA ILE A 395 -14.82 16.93 3.24
C ILE A 395 -15.00 16.51 4.70
N ILE A 396 -14.25 17.13 5.62
CA ILE A 396 -14.40 16.81 7.04
C ILE A 396 -15.79 17.18 7.56
N ILE A 397 -16.30 18.35 7.14
CA ILE A 397 -17.63 18.80 7.55
C ILE A 397 -18.72 17.86 7.03
N ASN A 398 -18.61 17.45 5.76
CA ASN A 398 -19.60 16.54 5.19
C ASN A 398 -19.55 15.16 5.84
N GLY A 399 -18.35 14.69 6.21
CA GLY A 399 -18.26 13.42 6.92
C GLY A 399 -18.89 13.46 8.29
N TYR A 400 -18.65 14.55 9.05
CA TYR A 400 -19.24 14.65 10.38
C TYR A 400 -20.75 14.88 10.29
N ARG A 401 -21.23 15.55 9.24
CA ARG A 401 -22.68 15.64 9.05
C ARG A 401 -23.29 14.28 8.72
N ASP A 402 -22.60 13.49 7.89
CA ASP A 402 -23.14 12.20 7.48
C ASP A 402 -23.16 11.20 8.64
N ARG A 403 -22.19 11.26 9.55
CA ARG A 403 -22.18 10.31 10.65
C ARG A 403 -22.91 10.79 11.90
N HIS A 404 -23.22 12.08 12.03
CA HIS A 404 -23.89 12.59 13.22
C HIS A 404 -25.21 13.30 12.90
N GLY A 405 -25.90 12.84 11.86
CA GLY A 405 -27.25 13.30 11.59
C GLY A 405 -27.37 14.72 11.07
N GLY A 406 -26.41 15.17 10.27
CA GLY A 406 -26.48 16.48 9.68
C GLY A 406 -25.95 17.61 10.54
N SER A 407 -25.42 17.31 11.71
CA SER A 407 -24.93 18.34 12.61
C SER A 407 -23.55 18.82 12.19
N TRP A 408 -23.36 20.14 12.23
CA TRP A 408 -22.05 20.74 12.04
C TRP A 408 -21.10 20.41 13.19
N PRO A 409 -19.83 20.16 12.89
CA PRO A 409 -18.84 19.92 13.94
C PRO A 409 -18.51 21.20 14.69
N PRO A 410 -17.91 21.10 15.89
CA PRO A 410 -17.46 22.31 16.58
C PRO A 410 -16.37 23.07 15.84
N LEU A 411 -16.70 24.25 15.34
CA LEU A 411 -15.76 25.08 14.61
C LEU A 411 -16.14 26.54 14.81
N THR A 412 -15.17 27.42 14.56
CA THR A 412 -15.36 28.86 14.71
C THR A 412 -15.11 29.53 13.37
N LEU A 413 -16.17 29.95 12.70
CA LEU A 413 -15.99 30.71 11.48
C LEU A 413 -15.51 32.12 11.82
N PRO A 414 -14.67 32.72 10.98
CA PRO A 414 -14.21 34.08 11.24
C PRO A 414 -15.28 35.13 10.97
N LEU A 415 -14.95 36.39 11.23
CA LEU A 415 -15.92 37.47 11.05
C LEU A 415 -16.22 37.73 9.58
N HIS A 416 -15.23 37.51 8.69
CA HIS A 416 -15.38 37.78 7.28
C HIS A 416 -15.95 36.62 6.49
N ALA A 417 -16.61 35.68 7.17
CA ALA A 417 -17.15 34.50 6.49
C ALA A 417 -18.33 34.89 5.61
N ALA A 418 -18.50 34.12 4.53
CA ALA A 418 -19.56 34.40 3.58
C ALA A 418 -20.92 34.06 4.18
N ASP A 419 -21.97 34.68 3.62
CA ASP A 419 -23.31 34.45 4.12
C ASP A 419 -23.80 33.04 3.80
N THR A 420 -23.29 32.44 2.73
CA THR A 420 -23.65 31.05 2.40
C THR A 420 -23.15 30.09 3.48
N ILE A 421 -21.91 30.27 3.93
CA ILE A 421 -21.32 29.37 4.92
C ILE A 421 -21.97 29.58 6.29
N ARG A 422 -22.24 30.83 6.67
CA ARG A 422 -22.88 31.12 7.94
C ARG A 422 -24.33 30.63 7.96
N ASN A 423 -25.07 30.82 6.87
CA ASN A 423 -26.44 30.34 6.80
C ASN A 423 -26.50 28.81 6.72
N ALA A 424 -25.48 28.19 6.12
CA ALA A 424 -25.40 26.73 6.14
C ALA A 424 -25.08 26.21 7.54
N GLN A 425 -24.27 26.96 8.32
CA GLN A 425 -24.02 26.55 9.69
C GLN A 425 -25.25 26.73 10.57
N ALA A 426 -26.01 27.81 10.34
CA ALA A 426 -27.21 28.05 11.12
C ALA A 426 -28.32 27.05 10.77
N SER A 427 -28.51 26.78 9.48
CA SER A 427 -29.59 25.91 9.03
C SER A 427 -29.20 24.44 8.96
N GLY A 428 -27.94 24.12 9.22
CA GLY A 428 -27.49 22.73 9.17
C GLY A 428 -27.49 22.09 7.80
N ASP A 429 -27.09 22.83 6.77
CA ASP A 429 -27.06 22.34 5.40
C ASP A 429 -25.63 22.05 4.98
N GLY A 430 -25.45 20.99 4.20
CA GLY A 430 -24.13 20.59 3.77
C GLY A 430 -23.54 21.51 2.71
N LEU A 431 -22.23 21.35 2.51
CA LEU A 431 -21.47 22.19 1.58
C LEU A 431 -21.06 21.38 0.35
N THR A 432 -21.28 21.95 -0.82
CA THR A 432 -20.76 21.40 -2.07
C THR A 432 -19.34 21.88 -2.29
N HIS A 433 -18.68 21.31 -3.29
CA HIS A 433 -17.29 21.66 -3.56
C HIS A 433 -17.16 23.05 -4.15
N GLU A 434 -18.14 23.47 -4.95
CA GLU A 434 -18.11 24.78 -5.59
C GLU A 434 -18.17 25.91 -4.57
N GLN A 435 -18.99 25.73 -3.52
CA GLN A 435 -19.07 26.72 -2.45
C GLN A 435 -17.77 26.80 -1.65
N CYS A 436 -17.05 25.68 -1.51
CA CYS A 436 -15.77 25.71 -0.82
C CYS A 436 -14.70 26.39 -1.66
N VAL A 437 -14.65 26.12 -2.97
CA VAL A 437 -13.60 26.70 -3.81
C VAL A 437 -13.85 28.20 -4.02
N ASP A 438 -15.09 28.60 -4.29
CA ASP A 438 -15.39 30.00 -4.54
C ASP A 438 -15.20 30.84 -3.28
N ASN A 439 -15.68 30.36 -2.14
CA ASN A 439 -15.50 31.05 -0.87
C ASN A 439 -14.38 30.40 -0.06
N TRP A 440 -13.17 30.45 -0.60
CA TRP A 440 -12.03 29.89 0.12
C TRP A 440 -11.50 30.82 1.19
N LYS A 441 -11.88 32.10 1.16
CA LYS A 441 -11.48 33.03 2.20
C LYS A 441 -12.34 32.89 3.46
N SER A 442 -13.45 32.18 3.38
CA SER A 442 -14.25 31.92 4.57
C SER A 442 -13.61 30.90 5.49
N PHE A 443 -12.73 30.05 4.96
CA PHE A 443 -11.99 29.06 5.74
C PHE A 443 -10.58 29.52 6.05
N ALA A 444 -10.30 30.81 5.93
CA ALA A 444 -8.94 31.30 6.10
C ALA A 444 -8.51 31.28 7.56
N GLY A 445 -9.44 31.52 8.48
CA GLY A 445 -9.12 31.53 9.89
C GLY A 445 -10.00 30.67 10.75
N VAL A 446 -10.47 29.54 10.21
CA VAL A 446 -11.31 28.64 10.99
C VAL A 446 -10.48 27.90 12.02
N LYS A 447 -11.14 27.46 13.10
CA LYS A 447 -10.49 26.73 14.17
C LYS A 447 -11.44 25.66 14.66
N PHE A 448 -11.14 24.40 14.33
CA PHE A 448 -12.01 23.29 14.71
C PHE A 448 -11.93 23.02 16.21
N GLY A 449 -12.97 22.38 16.72
CA GLY A 449 -12.98 21.88 18.08
C GLY A 449 -12.53 20.43 18.15
N CYS A 450 -12.35 19.95 19.37
CA CYS A 450 -11.91 18.58 19.60
C CYS A 450 -13.12 17.66 19.58
N PHE A 451 -13.21 16.80 18.57
CA PHE A 451 -14.32 15.85 18.49
C PHE A 451 -13.90 14.45 18.08
N MET A 452 -12.61 14.12 18.12
CA MET A 452 -12.16 12.76 17.85
C MET A 452 -11.46 12.19 19.09
N PRO A 453 -11.91 11.05 19.61
CA PRO A 453 -11.28 10.50 20.81
C PRO A 453 -9.92 9.88 20.51
N LEU A 454 -9.10 9.80 21.55
CA LEU A 454 -7.81 9.10 21.49
C LEU A 454 -8.00 7.75 22.18
N SER A 455 -8.21 6.71 21.40
CA SER A 455 -8.37 5.36 21.92
C SER A 455 -7.03 4.65 21.76
N LEU A 456 -6.28 4.54 22.86
CA LEU A 456 -4.95 3.97 22.84
C LEU A 456 -4.79 2.75 23.74
N ASP A 457 -5.58 2.64 24.80
CA ASP A 457 -5.49 1.49 25.69
C ASP A 457 -6.28 0.29 25.20
N SER A 458 -7.00 0.42 24.09
CA SER A 458 -7.83 -0.65 23.56
C SER A 458 -7.21 -1.37 22.36
N ASP A 459 -5.97 -1.05 22.00
CA ASP A 459 -5.32 -1.67 20.86
C ASP A 459 -3.88 -2.03 21.20
N LEU A 460 -3.49 -3.27 20.86
CA LEU A 460 -2.13 -3.75 21.07
C LEU A 460 -1.59 -4.42 19.81
N THR A 461 -2.37 -4.43 18.72
CA THR A 461 -2.01 -5.17 17.52
C THR A 461 -0.81 -4.61 16.79
N MET A 462 -0.45 -3.36 17.03
CA MET A 462 0.51 -2.64 16.21
C MET A 462 1.93 -2.74 16.71
N TYR A 463 2.12 -2.67 18.03
CA TYR A 463 3.46 -2.73 18.61
C TYR A 463 4.08 -4.11 18.48
N LEU A 464 3.26 -5.16 18.33
CA LEU A 464 3.78 -6.51 18.18
C LEU A 464 4.36 -6.78 16.79
N LYS A 465 4.07 -5.92 15.82
CA LYS A 465 4.71 -6.04 14.51
C LYS A 465 6.18 -5.67 14.61
N ASP A 466 7.07 -6.51 14.07
CA ASP A 466 8.51 -6.26 14.22
C ASP A 466 9.08 -5.21 13.26
N LYS A 467 9.75 -4.19 13.80
CA LYS A 467 10.38 -3.17 12.97
C LYS A 467 11.79 -2.88 13.46
N ALA A 468 12.78 -2.97 12.56
CA ALA A 468 14.17 -2.81 12.98
C ALA A 468 14.40 -1.42 13.57
N LEU A 469 15.22 -1.37 14.61
CA LEU A 469 15.52 -0.13 15.31
C LEU A 469 16.96 0.27 15.04
N ALA A 470 17.17 1.55 14.74
CA ALA A 470 18.52 2.06 14.54
C ALA A 470 19.24 2.20 15.88
N ALA A 471 20.56 2.36 15.80
CA ALA A 471 21.39 2.52 16.98
C ALA A 471 21.27 3.95 17.50
N LEU A 472 21.95 4.22 18.61
CA LEU A 472 21.93 5.56 19.19
C LEU A 472 22.81 6.50 18.39
N GLN A 473 22.63 7.80 18.62
CA GLN A 473 23.44 8.79 17.95
C GLN A 473 24.84 8.87 18.52
N ARG A 474 25.00 8.57 19.81
CA ARG A 474 26.33 8.54 20.42
C ARG A 474 27.14 7.35 19.91
N GLU A 475 26.45 6.28 19.50
CA GLU A 475 27.08 5.07 18.99
C GLU A 475 26.43 4.69 17.65
N TRP A 476 26.91 5.35 16.59
CA TRP A 476 26.39 5.13 15.24
C TRP A 476 27.33 4.35 14.35
N ASP A 477 28.59 4.22 14.74
CA ASP A 477 29.59 3.46 14.01
C ASP A 477 29.62 2.00 14.41
N SER A 478 28.73 1.58 15.32
CA SER A 478 28.75 0.21 15.81
C SER A 478 28.21 -0.79 14.79
N VAL A 479 27.49 -0.33 13.77
CA VAL A 479 26.97 -1.25 12.76
C VAL A 479 28.07 -1.74 11.82
N TYR A 480 29.17 -1.01 11.71
CA TYR A 480 30.32 -1.40 10.90
C TYR A 480 31.30 -2.20 11.75
N PRO A 481 31.79 -3.33 11.24
CA PRO A 481 32.77 -4.13 11.99
C PRO A 481 34.11 -3.45 12.10
N LYS A 482 34.90 -3.92 13.08
CA LYS A 482 36.28 -3.46 13.25
C LYS A 482 37.15 -3.87 12.08
N GLU A 483 36.76 -4.93 11.37
CA GLU A 483 37.53 -5.43 10.22
C GLU A 483 37.58 -4.41 9.08
N PHE A 484 36.48 -3.68 8.86
CA PHE A 484 36.36 -2.78 7.71
C PHE A 484 36.62 -1.32 8.07
N LEU A 485 37.06 -1.02 9.28
CA LEU A 485 37.23 0.36 9.73
C LEU A 485 38.68 0.62 10.12
N ARG A 486 39.13 1.85 9.88
CA ARG A 486 40.47 2.26 10.29
C ARG A 486 40.57 2.51 11.79
N TYR A 487 39.45 2.76 12.46
CA TYR A 487 39.40 2.97 13.89
C TYR A 487 38.54 1.89 14.55
N ASP A 488 38.69 1.76 15.85
CA ASP A 488 37.89 0.81 16.60
C ASP A 488 36.53 1.43 16.93
N PRO A 489 35.42 0.86 16.46
CA PRO A 489 34.11 1.46 16.71
C PRO A 489 33.68 1.26 18.14
N PRO A 490 32.81 2.13 18.68
CA PRO A 490 32.26 1.89 20.01
C PRO A 490 31.32 0.69 20.01
N LYS A 491 31.35 -0.05 21.11
CA LYS A 491 30.52 -1.24 21.24
C LYS A 491 29.07 -0.85 21.45
N GLY A 492 28.17 -1.54 20.75
CA GLY A 492 26.76 -1.15 20.72
C GLY A 492 26.00 -1.72 21.90
N THR A 493 25.19 -0.86 22.53
CA THR A 493 24.36 -1.25 23.65
C THR A 493 22.87 -1.15 23.40
N GLY A 494 22.44 -0.51 22.31
CA GLY A 494 21.03 -0.40 22.02
C GLY A 494 20.43 -1.68 21.49
N SER A 495 19.15 -1.89 21.80
CA SER A 495 18.43 -3.06 21.33
C SER A 495 18.03 -2.89 19.86
N ARG A 496 17.96 -4.02 19.15
CA ARG A 496 17.84 -3.99 17.71
C ARG A 496 16.39 -4.02 17.20
N ARG A 497 15.47 -4.60 17.96
CA ARG A 497 14.11 -4.80 17.48
C ARG A 497 13.11 -4.07 18.36
N LEU A 498 11.96 -3.72 17.77
CA LEU A 498 10.94 -2.94 18.45
C LEU A 498 10.26 -3.75 19.55
N VAL A 499 9.93 -5.01 19.27
CA VAL A 499 9.15 -5.83 20.20
C VAL A 499 9.97 -6.19 21.43
N ASP A 500 11.29 -6.30 21.30
CA ASP A 500 12.13 -6.61 22.45
C ASP A 500 12.17 -5.47 23.44
N VAL A 501 12.16 -4.23 22.95
CA VAL A 501 12.07 -3.07 23.83
C VAL A 501 10.66 -2.94 24.39
N PHE A 502 9.64 -3.23 23.57
CA PHE A 502 8.27 -3.00 23.98
C PHE A 502 7.82 -3.98 25.07
N LEU A 503 8.22 -5.25 24.97
CA LEU A 503 7.81 -6.22 25.98
C LEU A 503 8.62 -6.08 27.26
N ASN A 504 9.88 -5.69 27.17
CA ASN A 504 10.74 -5.58 28.34
C ASN A 504 10.63 -4.21 29.03
N ASP A 505 9.78 -3.32 28.51
CA ASP A 505 9.62 -2.00 29.11
C ASP A 505 8.89 -2.10 30.44
N SER A 506 9.51 -1.55 31.49
CA SER A 506 8.95 -1.68 32.83
C SER A 506 7.74 -0.77 33.02
N SER A 507 7.79 0.44 32.48
CA SER A 507 6.70 1.40 32.59
C SER A 507 6.42 1.98 31.20
N PHE A 508 5.36 1.48 30.56
CA PHE A 508 4.94 1.96 29.25
C PHE A 508 3.59 2.64 29.39
N ASP A 509 3.51 3.89 28.97
CA ASP A 509 2.27 4.62 28.92
C ASP A 509 2.08 5.16 27.51
N PRO A 510 0.96 4.88 26.85
CA PRO A 510 0.73 5.42 25.49
C PRO A 510 0.65 6.94 25.44
N TYR A 511 0.27 7.60 26.52
CA TYR A 511 0.21 9.05 26.53
C TYR A 511 1.57 9.69 26.82
N ASP A 512 2.52 8.91 27.33
CA ASP A 512 3.83 9.43 27.68
C ASP A 512 4.64 9.81 26.44
N VAL A 513 4.52 9.02 25.36
CA VAL A 513 5.23 9.37 24.14
C VAL A 513 4.57 10.55 23.42
N ILE A 514 3.25 10.71 23.58
CA ILE A 514 2.59 11.90 23.07
C ILE A 514 3.04 13.13 23.85
N MET A 515 3.25 12.99 25.16
CA MET A 515 3.85 14.09 25.92
C MET A 515 5.32 14.30 25.55
N TYR A 516 5.99 13.25 25.09
CA TYR A 516 7.37 13.39 24.61
C TYR A 516 7.42 14.16 23.29
N VAL A 517 6.36 14.10 22.50
CA VAL A 517 6.24 14.96 21.33
C VAL A 517 5.83 16.38 21.72
N VAL A 518 4.72 16.51 22.47
CA VAL A 518 4.11 17.82 22.73
C VAL A 518 5.01 18.68 23.61
N SER A 519 5.68 18.07 24.59
CA SER A 519 6.59 18.80 25.46
C SER A 519 7.87 19.22 24.74
N GLY A 520 8.15 18.67 23.56
CA GLY A 520 9.28 19.09 22.77
C GLY A 520 10.59 18.42 23.09
N ALA A 521 10.56 17.24 23.72
CA ALA A 521 11.79 16.54 24.06
C ALA A 521 12.38 15.77 22.88
N TYR A 522 11.65 15.64 21.78
CA TYR A 522 12.19 14.90 20.64
C TYR A 522 13.21 15.73 19.86
N LEU A 523 13.05 17.05 19.85
CA LEU A 523 14.02 17.91 19.18
C LEU A 523 15.34 17.98 19.94
N HIS A 524 15.32 17.72 21.24
CA HIS A 524 16.51 17.79 22.08
C HIS A 524 16.95 16.42 22.58
N ASP A 525 16.52 15.36 21.94
CA ASP A 525 16.90 14.01 22.37
C ASP A 525 18.33 13.72 21.93
N PRO A 526 19.22 13.35 22.86
CA PRO A 526 20.62 13.07 22.47
C PRO A 526 20.79 11.79 21.68
N GLU A 527 19.84 10.86 21.70
CA GLU A 527 20.02 9.53 21.14
C GLU A 527 19.18 9.27 19.89
N PHE A 528 18.58 10.30 19.30
CA PHE A 528 17.79 10.09 18.10
C PHE A 528 18.69 9.80 16.90
N ASN A 529 18.29 8.81 16.09
CA ASN A 529 19.02 8.46 14.89
C ASN A 529 18.10 7.74 13.91
N LEU A 530 18.20 8.13 12.65
CA LEU A 530 17.58 7.43 11.52
C LEU A 530 18.65 6.95 10.56
N SER A 531 18.46 5.75 10.03
CA SER A 531 19.39 5.13 9.11
C SER A 531 18.62 4.53 7.95
N TYR A 532 19.32 4.35 6.83
CA TYR A 532 18.74 3.73 5.65
C TYR A 532 19.31 2.33 5.46
N SER A 533 18.54 1.47 4.79
CA SER A 533 19.00 0.14 4.45
C SER A 533 18.45 -0.27 3.10
N LEU A 534 19.26 -1.01 2.34
CA LEU A 534 18.94 -1.37 0.97
C LEU A 534 17.86 -2.45 0.91
N LYS A 535 17.03 -2.37 -0.12
CA LYS A 535 15.90 -3.28 -0.28
C LYS A 535 16.36 -4.62 -0.86
N GLU A 536 15.63 -5.68 -0.50
CA GLU A 536 16.07 -7.04 -0.81
C GLU A 536 15.84 -7.42 -2.27
N LYS A 537 14.75 -6.95 -2.90
CA LYS A 537 14.41 -7.35 -4.27
C LYS A 537 13.87 -6.13 -5.02
N GLU A 538 14.76 -5.41 -5.69
CA GLU A 538 14.38 -4.33 -6.60
C GLU A 538 15.17 -4.46 -7.89
N ILE A 539 14.46 -4.37 -9.02
CA ILE A 539 15.11 -4.47 -10.33
C ILE A 539 15.88 -3.18 -10.64
N LYS A 540 15.45 -2.06 -10.06
CA LYS A 540 16.09 -0.77 -10.30
C LYS A 540 17.51 -0.76 -9.74
N GLU A 541 18.44 -0.21 -10.53
CA GLU A 541 19.86 -0.24 -10.18
C GLU A 541 20.15 0.65 -8.99
N THR A 542 19.49 1.80 -8.90
CA THR A 542 19.62 2.64 -7.72
C THR A 542 18.98 1.99 -6.50
N GLY A 543 17.95 1.17 -6.70
CA GLY A 543 17.32 0.46 -5.61
C GLY A 543 16.41 1.35 -4.79
N ARG A 544 15.88 0.76 -3.73
CA ARG A 544 15.02 1.47 -2.80
C ARG A 544 15.55 1.27 -1.39
N LEU A 545 15.15 2.16 -0.48
CA LEU A 545 15.66 2.17 0.87
C LEU A 545 14.51 2.12 1.86
N PHE A 546 14.72 1.41 2.97
CA PHE A 546 13.80 1.47 4.09
C PHE A 546 14.54 1.98 5.31
N ALA A 547 13.83 2.73 6.16
CA ALA A 547 14.45 3.49 7.24
C ALA A 547 14.27 2.79 8.58
N LYS A 548 15.25 3.01 9.46
CA LYS A 548 15.24 2.51 10.82
C LYS A 548 15.44 3.68 11.78
N MET A 549 14.66 3.69 12.86
CA MET A 549 14.73 4.77 13.84
C MET A 549 14.65 4.20 15.24
N THR A 550 14.80 5.07 16.23
CA THR A 550 14.82 4.65 17.62
C THR A 550 13.42 4.28 18.11
N TYR A 551 13.34 3.90 19.39
CA TYR A 551 12.14 3.27 19.93
C TYR A 551 10.97 4.25 20.05
N LYS A 552 11.22 5.39 20.71
CA LYS A 552 10.13 6.30 21.05
C LYS A 552 9.58 6.99 19.81
N MET A 553 10.44 7.36 18.86
CA MET A 553 9.98 8.04 17.66
C MET A 553 9.20 7.09 16.76
N ARG A 554 9.60 5.82 16.70
CA ARG A 554 8.84 4.81 15.97
C ARG A 554 7.48 4.57 16.63
N ALA A 555 7.44 4.57 17.96
CA ALA A 555 6.16 4.44 18.67
C ALA A 555 5.23 5.61 18.39
N CYS A 556 5.78 6.83 18.36
CA CYS A 556 4.98 8.01 18.03
C CYS A 556 4.49 7.97 16.59
N GLN A 557 5.32 7.44 15.68
CA GLN A 557 4.89 7.23 14.30
C GLN A 557 3.73 6.26 14.19
N VAL A 558 3.81 5.13 14.91
CA VAL A 558 2.74 4.13 14.88
C VAL A 558 1.44 4.70 15.47
N ILE A 559 1.56 5.42 16.60
CA ILE A 559 0.39 6.02 17.23
C ILE A 559 -0.23 7.11 16.34
N ALA A 560 0.62 7.89 15.66
CA ALA A 560 0.12 8.94 14.76
C ALA A 560 -0.63 8.36 13.56
N GLU A 561 -0.08 7.31 12.95
CA GLU A 561 -0.79 6.68 11.83
C GLU A 561 -2.06 5.98 12.27
N ASN A 562 -2.06 5.41 13.49
CA ASN A 562 -3.30 4.83 14.03
C ASN A 562 -4.36 5.90 14.27
N LEU A 563 -3.94 7.07 14.76
CA LEU A 563 -4.88 8.14 15.04
C LEU A 563 -5.47 8.71 13.75
N ILE A 564 -4.66 8.81 12.70
CA ILE A 564 -5.20 9.25 11.40
C ILE A 564 -6.11 8.17 10.81
N SER A 565 -5.74 6.89 10.95
CA SER A 565 -6.51 5.83 10.31
C SER A 565 -7.86 5.61 10.98
N ASN A 566 -7.92 5.64 12.30
CA ASN A 566 -9.16 5.34 13.01
C ASN A 566 -10.11 6.53 13.06
N GLY A 567 -9.65 7.72 12.72
CA GLY A 567 -10.46 8.92 12.87
C GLY A 567 -10.86 9.61 11.58
N ILE A 568 -10.10 10.65 11.23
CA ILE A 568 -10.45 11.56 10.13
C ILE A 568 -10.37 10.84 8.78
N GLY A 569 -9.42 9.90 8.62
CA GLY A 569 -9.23 9.23 7.34
C GLY A 569 -10.41 8.37 6.90
N LYS A 570 -11.17 7.84 7.86
CA LYS A 570 -12.40 7.13 7.55
C LYS A 570 -13.47 8.04 6.94
N TYR A 571 -13.38 9.35 7.18
CA TYR A 571 -14.21 10.31 6.47
C TYR A 571 -13.88 10.33 4.98
N PHE A 572 -12.61 10.14 4.62
CA PHE A 572 -12.16 10.35 3.26
C PHE A 572 -12.46 9.17 2.33
N LYS A 573 -12.83 8.02 2.87
CA LYS A 573 -13.21 6.90 2.04
C LYS A 573 -14.61 7.10 1.49
N ASP A 574 -14.80 6.73 0.23
CA ASP A 574 -16.08 6.91 -0.45
C ASP A 574 -17.12 5.91 0.06
N ALA A 652 -32.44 9.11 -20.82
CA ALA A 652 -31.80 9.28 -22.13
C ALA A 652 -30.36 9.75 -21.99
N TYR A 653 -29.72 9.36 -20.88
CA TYR A 653 -28.34 9.73 -20.61
C TYR A 653 -27.62 8.57 -19.95
N GLU A 654 -26.35 8.37 -20.33
CA GLU A 654 -25.51 7.31 -19.79
C GLU A 654 -24.21 7.91 -19.27
N THR A 655 -23.37 7.07 -18.69
CA THR A 655 -22.11 7.50 -18.09
C THR A 655 -20.95 6.71 -18.69
N VAL A 656 -19.89 7.42 -19.07
CA VAL A 656 -18.65 6.84 -19.55
C VAL A 656 -17.50 7.38 -18.72
N SER A 657 -16.43 6.60 -18.62
CA SER A 657 -15.27 6.95 -17.81
C SER A 657 -13.98 6.65 -18.58
N ALA A 658 -12.94 7.40 -18.27
CA ALA A 658 -11.60 7.14 -18.80
C ALA A 658 -10.60 7.28 -17.66
N PHE A 659 -9.49 6.55 -17.77
CA PHE A 659 -8.62 6.33 -16.62
C PHE A 659 -7.26 7.01 -16.78
N ILE A 660 -6.73 7.50 -15.67
CA ILE A 660 -5.38 8.04 -15.57
C ILE A 660 -4.63 7.22 -14.53
N THR A 661 -3.48 6.68 -14.90
CA THR A 661 -2.63 5.95 -13.96
C THR A 661 -1.35 6.75 -13.75
N THR A 662 -1.08 7.06 -12.47
CA THR A 662 0.08 7.84 -12.05
C THR A 662 0.83 7.07 -10.97
N ASP A 663 2.10 7.42 -10.80
CA ASP A 663 2.96 6.83 -9.79
C ASP A 663 3.13 7.81 -8.63
N LEU A 664 3.09 7.28 -7.40
CA LEU A 664 3.18 8.10 -6.20
C LEU A 664 4.43 7.80 -5.37
N LYS A 665 5.49 7.28 -5.99
CA LYS A 665 6.66 6.85 -5.22
C LYS A 665 7.46 8.02 -4.68
N LYS A 666 7.73 9.02 -5.52
CA LYS A 666 8.60 10.13 -5.14
C LYS A 666 7.82 11.33 -4.60
N TYR A 667 6.53 11.14 -4.26
CA TYR A 667 5.77 12.22 -3.66
C TYR A 667 6.23 12.56 -2.25
N CYS A 668 6.70 11.55 -1.50
CA CYS A 668 7.11 11.75 -0.12
C CYS A 668 8.34 12.64 -0.02
N LEU A 669 9.24 12.55 -1.00
CA LEU A 669 10.39 13.45 -1.05
C LEU A 669 9.97 14.88 -1.34
N ASN A 670 8.82 15.07 -1.99
CA ASN A 670 8.37 16.39 -2.41
C ASN A 670 7.63 17.16 -1.32
N TRP A 671 7.08 16.47 -0.31
CA TRP A 671 6.36 17.17 0.75
C TRP A 671 7.31 17.96 1.63
N ARG A 672 6.89 19.18 1.98
CA ARG A 672 7.65 20.08 2.84
C ARG A 672 6.75 20.55 3.97
N TYR A 673 7.32 21.34 4.89
CA TYR A 673 6.59 21.79 6.06
C TYR A 673 5.53 22.82 5.69
N GLU A 674 5.84 23.69 4.74
CA GLU A 674 4.93 24.78 4.37
C GLU A 674 3.65 24.27 3.73
N THR A 675 3.75 23.21 2.91
CA THR A 675 2.57 22.67 2.27
C THR A 675 1.71 21.86 3.23
N ILE A 676 2.33 21.06 4.11
CA ILE A 676 1.60 20.16 4.99
C ILE A 676 1.16 20.85 6.29
N SER A 677 1.63 22.07 6.55
CA SER A 677 1.49 22.69 7.86
C SER A 677 0.04 23.01 8.21
N LEU A 678 -0.73 23.58 7.29
CA LEU A 678 -2.10 23.99 7.59
C LEU A 678 -3.01 22.77 7.78
N PHE A 679 -2.80 21.73 6.98
CA PHE A 679 -3.53 20.48 7.15
C PHE A 679 -3.21 19.84 8.49
N ALA A 680 -1.95 19.91 8.90
CA ALA A 680 -1.56 19.37 10.20
C ALA A 680 -2.13 20.21 11.34
N GLN A 681 -2.24 21.53 11.19
CA GLN A 681 -2.90 22.35 12.21
C GLN A 681 -4.37 22.00 12.34
N ARG A 682 -5.05 21.74 11.22
CA ARG A 682 -6.46 21.34 11.29
C ARG A 682 -6.62 19.99 11.97
N LEU A 683 -5.73 19.04 11.69
CA LEU A 683 -5.77 17.77 12.42
C LEU A 683 -5.40 17.93 13.89
N ASN A 684 -4.52 18.90 14.21
CA ASN A 684 -4.22 19.18 15.62
C ASN A 684 -5.42 19.75 16.35
N GLU A 685 -6.19 20.61 15.68
CA GLU A 685 -7.41 21.15 16.28
C GLU A 685 -8.48 20.07 16.46
N ILE A 686 -8.59 19.16 15.48
CA ILE A 686 -9.61 18.10 15.58
C ILE A 686 -9.23 17.10 16.68
N TYR A 687 -7.98 16.66 16.71
CA TYR A 687 -7.58 15.65 17.69
C TYR A 687 -7.16 16.25 19.03
N GLY A 688 -6.99 17.56 19.13
CA GLY A 688 -6.66 18.17 20.40
C GLY A 688 -5.24 17.94 20.89
N LEU A 689 -4.29 17.74 19.97
CA LEU A 689 -2.90 17.52 20.33
C LEU A 689 -2.05 18.68 19.79
N PRO A 690 -1.36 19.43 20.64
CA PRO A 690 -0.59 20.58 20.14
C PRO A 690 0.73 20.16 19.51
N SER A 691 0.91 20.55 18.24
CA SER A 691 2.15 20.37 17.47
C SER A 691 2.56 18.89 17.37
N PHE A 692 1.57 18.01 17.21
CA PHE A 692 1.85 16.59 17.18
C PHE A 692 2.07 16.08 15.77
N PHE A 693 1.20 16.45 14.83
CA PHE A 693 1.24 15.92 13.47
C PHE A 693 2.30 16.58 12.60
N GLN A 694 3.05 17.55 13.12
CA GLN A 694 4.12 18.21 12.41
C GLN A 694 5.49 17.66 12.77
N TRP A 695 5.54 16.49 13.41
CA TRP A 695 6.76 16.03 14.08
C TRP A 695 7.86 15.65 13.10
N LEU A 696 7.51 15.07 11.95
CA LEU A 696 8.50 14.45 11.07
C LEU A 696 9.42 15.48 10.45
N HIS A 697 8.86 16.56 9.89
CA HIS A 697 9.67 17.56 9.22
C HIS A 697 10.53 18.34 10.20
N LYS A 698 9.98 18.69 11.36
CA LYS A 698 10.75 19.40 12.38
C LYS A 698 11.87 18.53 12.94
N ARG A 699 11.68 17.22 13.01
CA ARG A 699 12.77 16.36 13.45
C ARG A 699 13.82 16.18 12.36
N LEU A 700 13.40 16.04 11.10
CA LEU A 700 14.34 15.77 10.03
C LEU A 700 15.17 16.99 9.64
N GLU A 701 14.65 18.20 9.80
CA GLU A 701 15.40 19.39 9.39
C GLU A 701 16.63 19.66 10.25
N THR A 702 16.72 19.11 11.46
CA THR A 702 17.85 19.35 12.34
C THR A 702 18.74 18.13 12.55
N SER A 703 18.56 17.06 11.76
CA SER A 703 19.30 15.82 11.99
C SER A 703 19.99 15.36 10.71
N VAL A 704 21.10 14.64 10.89
CA VAL A 704 21.91 14.11 9.80
C VAL A 704 21.53 12.65 9.57
N LEU A 705 21.31 12.28 8.31
CA LEU A 705 20.86 10.94 7.98
C LEU A 705 21.98 10.21 7.25
N TYR A 706 22.03 8.89 7.41
CA TYR A 706 23.06 8.11 6.73
C TYR A 706 22.49 6.78 6.28
N VAL A 707 23.11 6.21 5.24
CA VAL A 707 22.75 4.91 4.70
C VAL A 707 23.70 3.89 5.28
N SER A 708 23.16 2.86 5.92
CA SER A 708 23.96 1.93 6.70
C SER A 708 24.01 0.57 6.01
N ASP A 709 25.21 0.13 5.67
CA ASP A 709 25.48 -1.22 5.22
C ASP A 709 26.82 -1.61 5.87
N PRO A 710 26.94 -2.83 6.41
CA PRO A 710 28.17 -3.22 7.10
C PRO A 710 29.40 -3.22 6.23
N HIS A 711 29.26 -3.49 4.94
CA HIS A 711 30.41 -3.55 4.04
C HIS A 711 30.78 -2.21 3.43
N CYS A 712 29.96 -1.17 3.63
CA CYS A 712 30.28 0.16 3.13
C CYS A 712 30.69 1.05 4.30
N PRO A 713 31.98 1.31 4.51
CA PRO A 713 32.40 2.04 5.70
C PRO A 713 32.50 3.53 5.44
N PRO A 714 32.33 4.35 6.48
CA PRO A 714 32.54 5.79 6.33
C PRO A 714 34.01 6.13 6.12
N ASP A 715 34.25 7.25 5.43
CA ASP A 715 35.61 7.70 5.14
C ASP A 715 36.09 8.62 6.26
N LEU A 716 36.32 8.01 7.43
CA LEU A 716 36.74 8.74 8.62
C LEU A 716 37.97 8.07 9.22
N ASP A 717 38.91 8.90 9.67
CA ASP A 717 40.10 8.38 10.34
C ASP A 717 39.81 8.00 11.79
N ALA A 718 38.90 8.72 12.44
CA ALA A 718 38.58 8.50 13.85
C ALA A 718 37.08 8.71 14.05
N HIS A 719 36.62 8.40 15.26
CA HIS A 719 35.19 8.53 15.56
C HIS A 719 34.80 10.00 15.67
N ILE A 720 33.81 10.40 14.88
CA ILE A 720 33.38 11.79 14.74
C ILE A 720 31.85 11.79 14.83
N PRO A 721 31.23 12.70 15.59
CA PRO A 721 29.77 12.77 15.64
C PRO A 721 29.17 13.20 14.30
N LEU A 722 27.87 12.92 14.16
CA LEU A 722 27.18 13.03 12.87
C LEU A 722 27.12 14.46 12.33
N TYR A 723 27.04 15.46 13.21
CA TYR A 723 26.88 16.83 12.72
C TYR A 723 28.17 17.38 12.12
N LYS A 724 29.32 16.81 12.48
CA LYS A 724 30.58 17.23 11.89
C LYS A 724 30.91 16.51 10.58
N VAL A 725 30.14 15.48 10.23
CA VAL A 725 30.42 14.67 9.03
C VAL A 725 30.10 15.49 7.78
N PRO A 726 30.94 15.46 6.74
CA PRO A 726 30.64 16.19 5.51
C PRO A 726 29.47 15.60 4.74
N ASN A 727 28.96 16.40 3.80
CA ASN A 727 27.78 16.04 3.01
C ASN A 727 28.18 15.28 1.74
N ASP A 728 28.90 14.19 1.94
CA ASP A 728 29.37 13.33 0.86
C ASP A 728 29.10 11.89 1.24
N GLN A 729 29.36 10.99 0.29
CA GLN A 729 29.34 9.53 0.47
C GLN A 729 27.93 9.10 0.87
N ILE A 730 27.72 8.55 2.07
CA ILE A 730 26.46 7.96 2.46
C ILE A 730 25.61 8.90 3.33
N PHE A 731 26.01 10.16 3.46
CA PHE A 731 25.42 11.07 4.43
C PHE A 731 24.59 12.16 3.76
N ILE A 732 23.38 12.36 4.27
CA ILE A 732 22.49 13.46 3.87
C ILE A 732 22.33 14.35 5.09
N LYS A 733 22.90 15.56 5.03
CA LYS A 733 23.16 16.30 6.26
C LYS A 733 21.90 16.94 6.85
N TYR A 734 21.12 17.64 6.04
CA TYR A 734 19.97 18.39 6.57
C TYR A 734 18.81 18.30 5.59
N PRO A 735 18.04 17.22 5.64
CA PRO A 735 17.04 16.99 4.60
C PRO A 735 15.77 17.78 4.81
N MET A 736 15.15 18.13 3.69
CA MET A 736 13.79 18.68 3.66
C MET A 736 12.93 17.73 2.85
N GLY A 737 12.11 16.95 3.53
CA GLY A 737 11.25 16.02 2.85
C GLY A 737 10.66 15.03 3.83
N GLY A 738 9.98 14.03 3.28
CA GLY A 738 9.37 12.98 4.06
C GLY A 738 9.99 11.63 3.69
N ILE A 739 10.17 10.79 4.70
CA ILE A 739 10.71 9.45 4.48
C ILE A 739 9.63 8.63 3.79
N GLU A 740 10.04 7.64 3.00
CA GLU A 740 9.09 6.68 2.41
C GLU A 740 8.30 5.96 3.50
N GLY A 741 6.98 6.05 3.41
CA GLY A 741 6.14 5.65 4.51
C GLY A 741 6.06 6.74 5.58
N TYR A 742 5.73 6.32 6.80
CA TYR A 742 5.85 7.04 8.07
C TYR A 742 4.85 8.19 8.26
N CYS A 743 4.26 8.71 7.18
CA CYS A 743 3.24 9.75 7.25
C CYS A 743 2.28 9.63 6.07
N GLN A 744 2.08 8.41 5.56
CA GLN A 744 1.48 8.23 4.23
C GLN A 744 0.02 8.60 4.19
N LYS A 745 -0.72 8.33 5.28
CA LYS A 745 -2.15 8.62 5.30
C LYS A 745 -2.42 10.12 5.30
N LEU A 746 -1.59 10.88 6.02
CA LEU A 746 -1.70 12.34 6.03
C LEU A 746 -1.42 12.93 4.65
N TRP A 747 -0.40 12.41 3.97
CA TRP A 747 -0.10 12.88 2.61
C TRP A 747 -1.20 12.52 1.64
N THR A 748 -1.82 11.35 1.80
CA THR A 748 -2.91 10.93 0.92
C THR A 748 -4.13 11.83 1.09
N ILE A 749 -4.53 12.07 2.34
CA ILE A 749 -5.71 12.90 2.58
C ILE A 749 -5.43 14.37 2.30
N SER A 750 -4.15 14.77 2.25
CA SER A 750 -3.83 16.09 1.72
C SER A 750 -3.89 16.12 0.20
N THR A 751 -3.56 15.00 -0.46
CA THR A 751 -3.48 14.98 -1.92
C THR A 751 -4.85 15.00 -2.58
N ILE A 752 -5.84 14.31 -1.99
CA ILE A 752 -7.19 14.22 -2.63
C ILE A 752 -7.88 15.57 -2.87
N PRO A 753 -7.81 16.59 -1.98
CA PRO A 753 -8.42 17.89 -2.32
C PRO A 753 -7.93 18.56 -3.60
N TYR A 754 -6.67 18.36 -3.98
CA TYR A 754 -6.19 18.95 -5.23
C TYR A 754 -6.77 18.25 -6.45
N LEU A 755 -7.01 16.93 -6.34
CA LEU A 755 -7.74 16.21 -7.38
C LEU A 755 -9.16 16.74 -7.52
N TYR A 756 -9.82 17.01 -6.39
CA TYR A 756 -11.17 17.59 -6.47
C TYR A 756 -11.17 19.02 -6.99
N LEU A 757 -10.12 19.80 -6.70
CA LEU A 757 -10.01 21.15 -7.24
C LEU A 757 -9.84 21.13 -8.76
N ALA A 758 -9.00 20.22 -9.26
CA ALA A 758 -8.86 20.06 -10.70
C ALA A 758 -10.14 19.55 -11.35
N ALA A 759 -10.91 18.72 -10.62
CA ALA A 759 -12.22 18.30 -11.09
C ALA A 759 -13.18 19.48 -11.22
N TYR A 760 -13.18 20.37 -10.23
CA TYR A 760 -14.10 21.50 -10.27
C TYR A 760 -13.72 22.48 -11.37
N GLU A 761 -12.41 22.68 -11.58
CA GLU A 761 -11.99 23.58 -12.66
C GLU A 761 -12.22 22.97 -14.04
N SER A 762 -12.07 21.64 -14.18
CA SER A 762 -12.28 21.00 -15.47
C SER A 762 -13.72 20.58 -15.71
N GLY A 763 -14.57 20.64 -14.69
CA GLY A 763 -15.97 20.25 -14.84
C GLY A 763 -16.23 18.78 -15.11
N VAL A 764 -15.52 17.89 -14.42
CA VAL A 764 -15.64 16.44 -14.60
C VAL A 764 -15.92 15.81 -13.25
N ARG A 765 -16.26 14.52 -13.27
CA ARG A 765 -16.43 13.75 -12.04
C ARG A 765 -15.28 12.76 -11.88
N ILE A 766 -14.87 12.51 -10.63
CA ILE A 766 -13.72 11.68 -10.32
C ILE A 766 -14.14 10.54 -9.41
N ALA A 767 -13.74 9.31 -9.77
CA ALA A 767 -13.63 8.21 -8.83
C ALA A 767 -12.16 7.84 -8.69
N SER A 768 -11.64 7.85 -7.47
CA SER A 768 -10.20 7.71 -7.25
C SER A 768 -9.90 6.43 -6.49
N LEU A 769 -8.93 5.66 -6.99
CA LEU A 769 -8.48 4.43 -6.35
C LEU A 769 -6.98 4.50 -6.13
N VAL A 770 -6.56 4.22 -4.91
CA VAL A 770 -5.14 4.29 -4.53
C VAL A 770 -4.66 2.88 -4.22
N GLN A 771 -3.75 2.38 -5.06
CA GLN A 771 -3.05 1.14 -4.80
C GLN A 771 -1.72 1.45 -4.13
N GLY A 772 -0.83 0.46 -4.06
CA GLY A 772 0.51 0.70 -3.57
C GLY A 772 1.35 1.39 -4.64
N ASP A 773 1.62 2.68 -4.45
CA ASP A 773 2.40 3.57 -5.33
C ASP A 773 1.79 3.73 -6.71
N ASN A 774 0.52 3.40 -6.89
CA ASN A 774 -0.19 3.60 -8.16
C ASN A 774 -1.54 4.23 -7.87
N GLN A 775 -1.85 5.31 -8.56
CA GLN A 775 -3.12 6.01 -8.39
C GLN A 775 -3.89 6.00 -9.70
N THR A 776 -5.14 5.56 -9.64
CA THR A 776 -6.03 5.52 -10.80
C THR A 776 -7.15 6.52 -10.58
N ILE A 777 -7.28 7.46 -11.51
CA ILE A 777 -8.33 8.47 -11.48
C ILE A 777 -9.26 8.19 -12.64
N ALA A 778 -10.53 7.96 -12.35
CA ALA A 778 -11.55 7.67 -13.35
C ALA A 778 -12.38 8.93 -13.55
N VAL A 779 -12.38 9.43 -14.79
CA VAL A 779 -13.05 10.66 -15.17
C VAL A 779 -14.38 10.30 -15.80
N THR A 780 -15.45 10.91 -15.31
CA THR A 780 -16.81 10.61 -15.72
C THR A 780 -17.49 11.87 -16.22
N LYS A 781 -18.14 11.75 -17.38
CA LYS A 781 -19.00 12.76 -17.98
C LYS A 781 -20.26 12.08 -18.47
N ARG A 782 -21.41 12.74 -18.32
CA ARG A 782 -22.67 12.20 -18.79
C ARG A 782 -22.78 12.35 -20.31
N VAL A 783 -23.24 11.29 -20.97
CA VAL A 783 -23.32 11.25 -22.42
C VAL A 783 -24.71 10.77 -22.85
N PRO A 784 -25.21 11.16 -24.03
CA PRO A 784 -26.50 10.63 -24.50
C PRO A 784 -26.44 9.13 -24.76
N SER A 785 -27.57 8.47 -24.54
CA SER A 785 -27.65 7.03 -24.75
C SER A 785 -27.73 6.67 -26.22
N THR A 786 -28.24 7.58 -27.06
CA THR A 786 -28.39 7.29 -28.48
C THR A 786 -27.07 7.31 -29.24
N TRP A 787 -26.01 7.85 -28.64
CA TRP A 787 -24.72 7.93 -29.32
C TRP A 787 -24.10 6.53 -29.47
N PRO A 788 -23.35 6.29 -30.54
CA PRO A 788 -22.63 5.02 -30.66
C PRO A 788 -21.45 4.95 -29.69
N TYR A 789 -20.89 3.74 -29.57
CA TYR A 789 -19.82 3.48 -28.61
C TYR A 789 -18.53 4.20 -28.99
N ASN A 790 -18.35 4.56 -30.26
CA ASN A 790 -17.09 5.16 -30.70
C ASN A 790 -16.94 6.60 -30.22
N LEU A 791 -18.00 7.40 -30.33
CA LEU A 791 -17.90 8.83 -30.02
C LEU A 791 -17.85 9.10 -28.52
N LYS A 792 -18.51 8.26 -27.73
CA LYS A 792 -18.57 8.44 -26.28
C LYS A 792 -17.19 8.30 -25.65
N LYS A 793 -16.40 7.36 -26.15
CA LYS A 793 -15.03 7.20 -25.64
C LYS A 793 -14.14 8.37 -26.04
N ARG A 794 -14.37 8.94 -27.23
CA ARG A 794 -13.68 10.17 -27.62
C ARG A 794 -14.00 11.33 -26.68
N GLU A 795 -15.28 11.48 -26.31
CA GLU A 795 -15.68 12.55 -25.40
C GLU A 795 -15.06 12.38 -24.01
N ALA A 796 -15.08 11.14 -23.50
CA ALA A 796 -14.46 10.86 -22.22
C ALA A 796 -12.95 11.10 -22.25
N ALA A 797 -12.30 10.74 -23.36
CA ALA A 797 -10.87 10.99 -23.50
C ALA A 797 -10.56 12.48 -23.56
N ARG A 798 -11.40 13.26 -24.26
CA ARG A 798 -11.19 14.71 -24.37
C ARG A 798 -11.27 15.39 -23.01
N VAL A 799 -12.32 15.07 -22.23
CA VAL A 799 -12.44 15.70 -20.92
C VAL A 799 -11.39 15.17 -19.96
N THR A 800 -10.92 13.93 -20.15
CA THR A 800 -9.86 13.39 -19.32
C THR A 800 -8.52 14.06 -19.60
N ARG A 801 -8.23 14.35 -20.87
CA ARG A 801 -7.00 15.07 -21.22
C ARG A 801 -7.01 16.49 -20.68
N ASP A 802 -8.15 17.18 -20.78
CA ASP A 802 -8.26 18.54 -20.23
C ASP A 802 -8.09 18.54 -18.71
N TYR A 803 -8.72 17.57 -18.03
CA TYR A 803 -8.55 17.40 -16.60
C TYR A 803 -7.10 17.11 -16.23
N PHE A 804 -6.41 16.34 -17.06
CA PHE A 804 -5.02 15.99 -16.76
C PHE A 804 -4.11 17.22 -16.86
N VAL A 805 -4.34 18.09 -17.84
CA VAL A 805 -3.55 19.32 -17.94
C VAL A 805 -3.80 20.24 -16.74
N ILE A 806 -5.07 20.40 -16.35
CA ILE A 806 -5.39 21.23 -15.19
C ILE A 806 -4.81 20.63 -13.90
N LEU A 807 -4.84 19.30 -13.78
CA LEU A 807 -4.30 18.64 -12.61
C LEU A 807 -2.79 18.78 -12.52
N ARG A 808 -2.10 18.71 -13.67
CA ARG A 808 -0.66 18.94 -13.71
C ARG A 808 -0.32 20.35 -13.26
N GLN A 809 -1.10 21.34 -13.71
CA GLN A 809 -0.87 22.72 -13.30
C GLN A 809 -1.09 22.92 -11.81
N ARG A 810 -2.17 22.36 -11.26
CA ARG A 810 -2.47 22.55 -9.84
C ARG A 810 -1.52 21.77 -8.94
N LEU A 811 -1.00 20.63 -9.40
CA LEU A 811 0.01 19.93 -8.63
C LEU A 811 1.37 20.60 -8.73
N HIS A 812 1.65 21.30 -9.83
CA HIS A 812 2.90 22.05 -9.91
C HIS A 812 2.85 23.32 -9.06
N ASP A 813 1.66 23.90 -8.88
CA ASP A 813 1.53 25.10 -8.05
C ASP A 813 1.85 24.85 -6.58
N ILE A 814 1.71 23.62 -6.10
CA ILE A 814 2.13 23.27 -4.75
C ILE A 814 3.48 22.55 -4.72
N GLY A 815 4.04 22.19 -5.88
CA GLY A 815 5.42 21.75 -5.97
C GLY A 815 5.66 20.27 -6.16
N HIS A 816 4.64 19.48 -6.52
CA HIS A 816 4.85 18.04 -6.67
C HIS A 816 5.56 17.66 -7.95
N HIS A 817 5.38 18.43 -9.04
CA HIS A 817 6.02 18.22 -10.35
C HIS A 817 5.69 16.84 -10.92
N LEU A 818 4.43 16.71 -11.35
CA LEU A 818 3.84 15.45 -11.77
C LEU A 818 4.59 14.78 -12.93
N LYS A 819 5.24 15.58 -13.80
CA LYS A 819 6.08 15.11 -14.90
C LYS A 819 5.31 14.21 -15.87
N ALA A 820 4.47 14.85 -16.69
CA ALA A 820 3.44 14.22 -17.53
C ALA A 820 3.92 13.07 -18.42
N ASN A 821 5.23 12.96 -18.70
CA ASN A 821 5.72 11.89 -19.56
C ASN A 821 5.60 10.51 -18.92
N GLU A 822 5.77 10.42 -17.60
CA GLU A 822 5.72 9.13 -16.93
C GLU A 822 4.30 8.60 -16.75
N THR A 823 3.32 9.49 -16.60
CA THR A 823 1.95 9.06 -16.37
C THR A 823 1.33 8.52 -17.66
N ILE A 824 0.25 7.75 -17.51
CA ILE A 824 -0.42 7.20 -18.68
C ILE A 824 -1.91 7.49 -18.60
N VAL A 825 -2.51 7.86 -19.74
CA VAL A 825 -3.93 8.13 -19.86
C VAL A 825 -4.50 7.13 -20.85
N SER A 826 -5.52 6.39 -20.42
CA SER A 826 -6.14 5.36 -21.24
C SER A 826 -7.65 5.54 -21.25
N SER A 827 -8.29 5.03 -22.30
CA SER A 827 -9.74 4.98 -22.36
C SER A 827 -10.30 3.60 -22.06
N HIS A 828 -9.45 2.58 -21.95
CA HIS A 828 -9.93 1.23 -21.63
C HIS A 828 -9.38 0.66 -20.34
N PHE A 829 -8.05 0.63 -20.17
CA PHE A 829 -7.46 -0.21 -19.14
C PHE A 829 -7.01 0.60 -17.93
N PHE A 830 -7.01 -0.05 -16.78
CA PHE A 830 -6.27 0.45 -15.61
C PHE A 830 -5.74 -0.75 -14.84
N VAL A 831 -4.64 -0.53 -14.13
CA VAL A 831 -3.95 -1.59 -13.42
C VAL A 831 -4.34 -1.55 -11.95
N TYR A 832 -4.55 -2.74 -11.36
CA TYR A 832 -4.81 -2.88 -9.94
C TYR A 832 -4.19 -4.18 -9.47
N SER A 833 -4.59 -4.63 -8.28
CA SER A 833 -3.87 -5.70 -7.57
C SER A 833 -4.02 -7.05 -8.26
N LYS A 834 -5.23 -7.37 -8.74
CA LYS A 834 -5.43 -8.68 -9.37
C LYS A 834 -4.81 -8.73 -10.76
N GLY A 835 -4.82 -7.62 -11.49
CA GLY A 835 -4.30 -7.61 -12.84
C GLY A 835 -4.69 -6.34 -13.55
N ILE A 836 -4.78 -6.42 -14.88
CA ILE A 836 -5.23 -5.30 -15.69
C ILE A 836 -6.72 -5.42 -15.91
N TYR A 837 -7.45 -4.32 -15.74
CA TYR A 837 -8.86 -4.26 -16.08
C TYR A 837 -8.97 -3.61 -17.45
N TYR A 838 -9.55 -4.33 -18.41
CA TYR A 838 -9.71 -3.89 -19.79
C TYR A 838 -11.18 -4.06 -20.17
N ASP A 839 -11.97 -2.99 -19.99
CA ASP A 839 -13.34 -2.87 -20.49
C ASP A 839 -14.26 -3.98 -19.98
N GLY A 840 -14.17 -4.26 -18.68
CA GLY A 840 -14.92 -5.35 -18.10
C GLY A 840 -14.25 -6.69 -18.15
N LEU A 841 -13.00 -6.76 -18.61
CA LEU A 841 -12.25 -8.01 -18.66
C LEU A 841 -11.07 -7.93 -17.72
N LEU A 842 -10.64 -9.09 -17.22
CA LEU A 842 -9.48 -9.19 -16.34
C LEU A 842 -8.36 -9.89 -17.07
N VAL A 843 -7.23 -9.22 -17.22
CA VAL A 843 -6.01 -9.80 -17.77
C VAL A 843 -5.09 -10.11 -16.59
N SER A 844 -4.77 -11.39 -16.41
CA SER A 844 -4.09 -11.86 -15.21
C SER A 844 -2.78 -12.55 -15.57
N GLN A 845 -1.88 -12.61 -14.59
CA GLN A 845 -0.57 -13.23 -14.74
C GLN A 845 -0.64 -14.63 -14.16
N SER A 846 -0.95 -15.61 -15.02
CA SER A 846 -1.13 -16.97 -14.56
C SER A 846 0.19 -17.68 -14.26
N LEU A 847 1.28 -17.26 -14.92
CA LEU A 847 2.55 -17.98 -14.84
C LEU A 847 3.44 -17.50 -13.71
N LYS A 848 2.98 -16.56 -12.88
CA LYS A 848 3.79 -16.10 -11.76
C LYS A 848 3.82 -17.14 -10.64
N SER A 849 2.66 -17.75 -10.34
CA SER A 849 2.60 -18.74 -9.27
C SER A 849 3.31 -20.03 -9.65
N ILE A 850 3.35 -20.38 -10.94
CA ILE A 850 4.12 -21.53 -11.38
C ILE A 850 5.61 -21.27 -11.22
N ALA A 851 6.04 -20.04 -11.47
CA ALA A 851 7.43 -19.66 -11.22
C ALA A 851 7.74 -19.63 -9.73
N ARG A 852 6.72 -19.38 -8.89
CA ARG A 852 6.91 -19.46 -7.45
C ARG A 852 6.78 -20.87 -6.90
N CYS A 853 6.46 -21.86 -7.74
CA CYS A 853 6.39 -23.26 -7.30
C CYS A 853 7.78 -23.86 -7.37
N VAL A 854 8.48 -23.86 -6.23
CA VAL A 854 9.85 -24.32 -6.14
C VAL A 854 9.96 -25.34 -5.02
N PHE A 855 11.11 -26.02 -4.97
CA PHE A 855 11.37 -26.95 -3.88
C PHE A 855 11.60 -26.20 -2.57
N TRP A 856 11.18 -26.83 -1.47
CA TRP A 856 11.22 -26.32 -0.10
C TRP A 856 10.38 -25.06 0.09
N SER A 857 10.39 -24.51 1.29
CA SER A 857 9.66 -23.29 1.60
C SER A 857 10.45 -22.50 2.63
N GLU A 858 10.02 -21.27 2.87
CA GLU A 858 10.74 -20.36 3.76
C GLU A 858 10.39 -20.71 5.21
N THR A 859 11.04 -21.76 5.69
CA THR A 859 10.93 -22.20 7.08
C THR A 859 12.34 -22.42 7.63
N ILE A 860 12.46 -22.34 8.96
CA ILE A 860 13.77 -22.49 9.58
C ILE A 860 14.22 -23.94 9.59
N VAL A 861 13.30 -24.89 9.48
CA VAL A 861 13.60 -26.31 9.35
C VAL A 861 13.00 -26.79 8.04
N ASP A 862 13.73 -27.63 7.31
CA ASP A 862 13.22 -28.20 6.07
C ASP A 862 12.13 -29.22 6.37
N GLU A 863 10.91 -28.93 5.93
CA GLU A 863 9.77 -29.82 6.11
C GLU A 863 9.19 -30.17 4.74
N THR A 864 8.82 -31.44 4.57
CA THR A 864 8.24 -31.89 3.32
C THR A 864 6.78 -31.43 3.17
N ARG A 865 6.04 -31.42 4.28
CA ARG A 865 4.61 -31.17 4.22
C ARG A 865 4.29 -29.72 3.88
N ALA A 866 5.06 -28.78 4.44
CA ALA A 866 4.89 -27.37 4.10
C ALA A 866 5.25 -27.10 2.64
N ALA A 867 6.28 -27.76 2.14
CA ALA A 867 6.65 -27.62 0.73
C ALA A 867 5.57 -28.16 -0.19
N CYS A 868 4.99 -29.31 0.13
CA CYS A 868 3.91 -29.87 -0.69
C CYS A 868 2.65 -29.02 -0.63
N SER A 869 2.37 -28.43 0.54
CA SER A 869 1.26 -27.49 0.66
C SER A 869 1.50 -26.24 -0.18
N ASN A 870 2.75 -25.77 -0.23
CA ASN A 870 3.09 -24.62 -1.07
C ASN A 870 2.91 -24.93 -2.55
N ILE A 871 3.30 -26.14 -2.97
CA ILE A 871 3.09 -26.59 -4.35
C ILE A 871 1.61 -26.63 -4.69
N ALA A 872 0.79 -27.17 -3.79
CA ALA A 872 -0.65 -27.23 -4.01
C ALA A 872 -1.27 -25.84 -4.08
N THR A 873 -0.83 -24.93 -3.21
CA THR A 873 -1.35 -23.56 -3.21
C THR A 873 -0.98 -22.81 -4.49
N THR A 874 0.26 -22.97 -4.96
CA THR A 874 0.69 -22.31 -6.19
C THR A 874 -0.05 -22.85 -7.41
N MET A 875 -0.23 -24.17 -7.48
CA MET A 875 -1.00 -24.74 -8.59
C MET A 875 -2.47 -24.33 -8.56
N ALA A 876 -3.07 -24.26 -7.36
CA ALA A 876 -4.45 -23.80 -7.25
C ALA A 876 -4.60 -22.33 -7.65
N LYS A 877 -3.63 -21.49 -7.28
CA LYS A 877 -3.66 -20.09 -7.69
C LYS A 877 -3.50 -19.94 -9.20
N SER A 878 -2.66 -20.79 -9.81
CA SER A 878 -2.53 -20.75 -11.26
C SER A 878 -3.81 -21.22 -11.96
N ILE A 879 -4.51 -22.19 -11.37
CA ILE A 879 -5.80 -22.63 -11.93
C ILE A 879 -6.83 -21.51 -11.84
N GLU A 880 -6.85 -20.78 -10.71
CA GLU A 880 -7.77 -19.65 -10.59
C GLU A 880 -7.41 -18.50 -11.53
N ARG A 881 -6.14 -18.32 -11.87
CA ARG A 881 -5.80 -17.28 -12.84
C ARG A 881 -5.86 -17.75 -14.29
N GLY A 882 -6.17 -19.01 -14.56
CA GLY A 882 -6.46 -19.40 -15.92
C GLY A 882 -5.69 -20.56 -16.52
N TYR A 883 -4.84 -21.22 -15.73
CA TYR A 883 -4.11 -22.37 -16.24
C TYR A 883 -5.05 -23.59 -16.29
N ASP A 884 -4.66 -24.57 -17.09
CA ASP A 884 -5.45 -25.78 -17.25
C ASP A 884 -5.40 -26.62 -15.98
N ARG A 885 -6.51 -27.29 -15.69
CA ARG A 885 -6.70 -27.95 -14.40
C ARG A 885 -5.93 -29.27 -14.33
N TYR A 886 -6.10 -30.12 -15.36
CA TYR A 886 -5.56 -31.47 -15.34
C TYR A 886 -4.04 -31.46 -15.45
N LEU A 887 -3.51 -30.53 -16.26
CA LEU A 887 -2.07 -30.39 -16.41
C LEU A 887 -1.43 -29.90 -15.11
N ALA A 888 -2.12 -28.99 -14.41
CA ALA A 888 -1.64 -28.51 -13.11
C ALA A 888 -1.67 -29.63 -12.07
N TYR A 889 -2.70 -30.49 -12.11
CA TYR A 889 -2.74 -31.64 -11.20
C TYR A 889 -1.61 -32.63 -11.48
N SER A 890 -1.33 -32.89 -12.76
CA SER A 890 -0.22 -33.78 -13.12
C SER A 890 1.12 -33.21 -12.69
N LEU A 891 1.32 -31.90 -12.89
CA LEU A 891 2.56 -31.25 -12.46
C LEU A 891 2.67 -31.23 -10.94
N ASN A 892 1.55 -31.13 -10.23
CA ASN A 892 1.55 -31.22 -8.78
C ASN A 892 1.99 -32.60 -8.31
N VAL A 893 1.49 -33.66 -8.96
CA VAL A 893 1.88 -35.03 -8.59
C VAL A 893 3.36 -35.26 -8.85
N LEU A 894 3.85 -34.79 -10.00
CA LEU A 894 5.27 -34.93 -10.35
C LEU A 894 6.16 -34.17 -9.37
N LYS A 895 5.76 -32.95 -8.99
CA LYS A 895 6.58 -32.15 -8.09
C LYS A 895 6.53 -32.70 -6.66
N VAL A 896 5.41 -33.31 -6.25
CA VAL A 896 5.34 -33.97 -4.94
C VAL A 896 6.26 -35.19 -4.91
N ILE A 897 6.29 -35.99 -5.97
CA ILE A 897 7.18 -37.15 -6.03
C ILE A 897 8.64 -36.72 -5.98
N GLN A 898 8.99 -35.68 -6.75
CA GLN A 898 10.37 -35.19 -6.74
C GLN A 898 10.73 -34.56 -5.39
N GLN A 899 9.78 -33.90 -4.73
CA GLN A 899 10.03 -33.30 -3.43
C GLN A 899 10.27 -34.36 -2.36
N ILE A 900 9.51 -35.46 -2.41
CA ILE A 900 9.72 -36.57 -1.48
C ILE A 900 11.08 -37.22 -1.72
N LEU A 901 11.48 -37.38 -2.99
CA LEU A 901 12.79 -37.97 -3.28
C LEU A 901 13.94 -37.08 -2.84
N ILE A 902 13.80 -35.75 -2.99
CA ILE A 902 14.84 -34.85 -2.49
C ILE A 902 14.86 -34.83 -0.97
N SER A 903 13.69 -34.90 -0.33
CA SER A 903 13.62 -34.91 1.13
C SER A 903 14.20 -36.19 1.72
N LEU A 904 14.18 -37.29 0.98
CA LEU A 904 14.78 -38.52 1.47
C LEU A 904 16.24 -38.67 1.10
N GLY A 905 16.64 -38.28 -0.12
CA GLY A 905 17.97 -38.63 -0.59
C GLY A 905 18.99 -37.51 -0.66
N PHE A 906 18.54 -36.27 -0.92
CA PHE A 906 19.43 -35.13 -1.12
C PHE A 906 19.03 -34.05 -0.13
N THR A 907 19.58 -34.16 1.09
CA THR A 907 19.21 -33.26 2.17
C THR A 907 20.40 -33.03 3.08
N ILE A 908 20.35 -31.94 3.83
CA ILE A 908 21.38 -31.62 4.82
C ILE A 908 21.02 -32.10 6.21
N ASN A 909 19.86 -32.72 6.38
CA ASN A 909 19.43 -33.18 7.70
C ASN A 909 20.19 -34.45 8.08
N SER A 910 20.82 -34.44 9.25
CA SER A 910 21.57 -35.58 9.75
C SER A 910 20.72 -36.55 10.55
N THR A 911 19.44 -36.25 10.75
CA THR A 911 18.54 -37.11 11.50
C THR A 911 17.84 -38.14 10.63
N MET A 912 18.05 -38.09 9.31
CA MET A 912 17.47 -39.08 8.41
C MET A 912 18.24 -40.38 8.54
N THR A 913 17.73 -41.29 9.37
CA THR A 913 18.39 -42.55 9.62
C THR A 913 18.21 -43.50 8.43
N ARG A 914 19.06 -44.52 8.38
CA ARG A 914 18.97 -45.53 7.32
C ARG A 914 17.80 -46.49 7.52
N ASP A 915 17.16 -46.47 8.69
CA ASP A 915 16.01 -47.32 8.93
C ASP A 915 14.77 -46.85 8.18
N VAL A 916 14.76 -45.60 7.71
CA VAL A 916 13.63 -45.07 6.97
C VAL A 916 13.99 -44.74 5.52
N VAL A 917 15.26 -44.43 5.23
CA VAL A 917 15.63 -44.00 3.88
C VAL A 917 15.68 -45.19 2.93
N ILE A 918 16.37 -46.25 3.31
CA ILE A 918 16.52 -47.44 2.48
C ILE A 918 15.18 -48.18 2.28
N PRO A 919 14.32 -48.40 3.29
CA PRO A 919 12.98 -48.96 2.97
C PRO A 919 12.12 -48.10 2.05
N LEU A 920 12.21 -46.78 2.14
CA LEU A 920 11.40 -45.92 1.28
C LEU A 920 11.95 -45.87 -0.14
N LEU A 921 13.28 -45.83 -0.28
CA LEU A 921 13.87 -45.73 -1.61
C LEU A 921 13.87 -47.06 -2.35
N THR A 922 13.99 -48.19 -1.64
CA THR A 922 13.94 -49.48 -2.32
C THR A 922 12.53 -49.88 -2.73
N ASN A 923 11.52 -49.50 -1.96
CA ASN A 923 10.14 -49.86 -2.26
C ASN A 923 9.49 -48.72 -3.03
N ASN A 924 9.23 -48.96 -4.32
CA ASN A 924 8.69 -47.91 -5.18
C ASN A 924 7.22 -47.62 -4.89
N ASP A 925 6.42 -48.69 -4.74
CA ASP A 925 4.98 -48.55 -4.57
C ASP A 925 4.63 -47.86 -3.27
N LEU A 926 5.45 -48.05 -2.23
CA LEU A 926 5.28 -47.35 -0.96
C LEU A 926 5.41 -45.84 -1.13
N LEU A 927 6.41 -45.40 -1.89
CA LEU A 927 6.64 -43.97 -2.07
C LEU A 927 5.58 -43.37 -2.98
N ILE A 928 5.14 -44.10 -4.01
CA ILE A 928 4.08 -43.59 -4.88
C ILE A 928 2.75 -43.48 -4.14
N ARG A 929 2.43 -44.49 -3.30
CA ARG A 929 1.20 -44.42 -2.52
C ARG A 929 1.26 -43.34 -1.44
N MET A 930 2.45 -43.04 -0.93
CA MET A 930 2.58 -41.90 -0.03
C MET A 930 2.40 -40.58 -0.78
N ALA A 931 2.88 -40.51 -2.03
CA ALA A 931 2.75 -39.27 -2.79
C ALA A 931 1.32 -39.02 -3.26
N LEU A 932 0.57 -40.07 -3.59
CA LEU A 932 -0.76 -39.89 -4.16
C LEU A 932 -1.86 -39.79 -3.11
N LEU A 933 -1.66 -40.29 -1.90
CA LEU A 933 -2.70 -40.28 -0.89
C LEU A 933 -2.93 -38.85 -0.39
N PRO A 934 -4.20 -38.44 -0.22
CA PRO A 934 -4.47 -37.11 0.33
C PRO A 934 -4.00 -36.96 1.77
N ALA A 935 -3.59 -35.75 2.11
CA ALA A 935 -3.09 -35.41 3.43
C ALA A 935 -4.12 -35.37 4.57
N PRO A 936 -5.40 -35.04 4.37
CA PRO A 936 -6.37 -35.22 5.48
C PRO A 936 -6.55 -36.66 5.94
N ILE A 937 -6.23 -37.66 5.12
CA ILE A 937 -6.34 -39.05 5.55
C ILE A 937 -4.97 -39.69 5.75
N GLY A 938 -3.90 -38.90 5.75
CA GLY A 938 -2.58 -39.37 6.15
C GLY A 938 -1.51 -39.36 5.07
N GLY A 939 -1.78 -38.85 3.86
CA GLY A 939 -0.80 -38.84 2.80
C GLY A 939 -0.02 -37.54 2.73
N MET A 940 0.56 -37.29 1.56
CA MET A 940 1.34 -36.08 1.31
C MET A 940 0.90 -35.38 0.02
N ASN A 941 -0.37 -35.53 -0.37
CA ASN A 941 -0.93 -34.79 -1.49
C ASN A 941 -1.92 -33.78 -0.94
N TYR A 942 -1.65 -32.49 -1.15
CA TYR A 942 -2.45 -31.42 -0.58
C TYR A 942 -3.38 -30.76 -1.58
N LEU A 943 -3.55 -31.34 -2.77
CA LEU A 943 -4.46 -30.82 -3.78
C LEU A 943 -5.52 -31.86 -4.08
N ASN A 944 -6.78 -31.47 -3.97
CA ASN A 944 -7.91 -32.35 -4.23
C ASN A 944 -8.49 -32.06 -5.61
N MET A 945 -9.18 -33.07 -6.14
CA MET A 945 -9.78 -32.93 -7.47
C MET A 945 -11.00 -32.01 -7.43
N SER A 946 -11.67 -31.91 -6.29
CA SER A 946 -12.75 -30.94 -6.15
C SER A 946 -12.21 -29.52 -6.03
N ARG A 947 -10.97 -29.37 -5.55
CA ARG A 947 -10.38 -28.05 -5.37
C ARG A 947 -10.01 -27.41 -6.70
N LEU A 948 -9.77 -28.22 -7.74
CA LEU A 948 -9.43 -27.69 -9.06
C LEU A 948 -10.59 -26.92 -9.69
N PHE A 949 -11.82 -27.27 -9.34
CA PHE A 949 -13.00 -26.64 -9.92
C PHE A 949 -13.56 -25.52 -9.05
N VAL A 950 -13.66 -25.74 -7.74
CA VAL A 950 -14.25 -24.77 -6.83
C VAL A 950 -13.23 -24.38 -5.76
N ARG A 951 -13.40 -23.17 -5.23
CA ARG A 951 -12.46 -22.63 -4.26
C ARG A 951 -12.61 -23.32 -2.91
N ASN A 952 -13.83 -23.49 -2.44
CA ASN A 952 -14.10 -23.99 -1.10
C ASN A 952 -14.67 -25.40 -1.18
N ILE A 953 -13.99 -26.34 -0.55
CA ILE A 953 -14.55 -27.66 -0.27
C ILE A 953 -14.98 -27.68 1.19
N GLY A 954 -16.03 -28.44 1.48
CA GLY A 954 -16.62 -28.39 2.81
C GLY A 954 -15.85 -29.17 3.85
N ASP A 955 -15.81 -30.50 3.70
CA ASP A 955 -15.13 -31.38 4.65
C ASP A 955 -13.92 -31.99 3.95
N PRO A 956 -12.70 -31.71 4.41
CA PRO A 956 -11.52 -32.33 3.80
C PRO A 956 -11.48 -33.85 3.89
N VAL A 957 -12.03 -34.44 4.95
CA VAL A 957 -11.99 -35.89 5.12
C VAL A 957 -12.90 -36.57 4.09
N THR A 958 -14.12 -36.05 3.91
CA THR A 958 -15.06 -36.65 2.96
C THR A 958 -14.57 -36.49 1.52
N SER A 959 -14.01 -35.31 1.19
CA SER A 959 -13.44 -35.09 -0.13
C SER A 959 -12.23 -35.98 -0.38
N SER A 960 -11.41 -36.18 0.65
CA SER A 960 -10.26 -37.07 0.53
C SER A 960 -10.67 -38.52 0.32
N ILE A 961 -11.72 -38.97 1.03
CA ILE A 961 -12.20 -40.34 0.85
C ILE A 961 -12.84 -40.52 -0.53
N ALA A 962 -13.55 -39.51 -1.03
CA ALA A 962 -14.11 -39.56 -2.37
C ALA A 962 -13.02 -39.60 -3.44
N ASP A 963 -11.95 -38.82 -3.26
CA ASP A 963 -10.82 -38.86 -4.18
C ASP A 963 -10.11 -40.21 -4.12
N LEU A 964 -10.02 -40.81 -2.93
CA LEU A 964 -9.41 -42.12 -2.80
C LEU A 964 -10.26 -43.20 -3.48
N LYS A 965 -11.59 -43.08 -3.39
CA LYS A 965 -12.47 -44.01 -4.11
C LYS A 965 -12.33 -43.84 -5.62
N ARG A 966 -12.15 -42.60 -6.09
CA ARG A 966 -11.89 -42.38 -7.50
C ARG A 966 -10.57 -43.00 -7.95
N MET A 967 -9.53 -42.91 -7.11
CA MET A 967 -8.24 -43.52 -7.43
C MET A 967 -8.32 -45.05 -7.41
N ILE A 968 -9.12 -45.62 -6.50
CA ILE A 968 -9.32 -47.07 -6.49
C ILE A 968 -10.08 -47.52 -7.73
N LEU A 969 -11.11 -46.77 -8.13
CA LEU A 969 -11.89 -47.13 -9.31
C LEU A 969 -11.08 -46.95 -10.60
N ALA A 970 -10.13 -46.01 -10.61
CA ALA A 970 -9.26 -45.81 -11.77
C ALA A 970 -8.02 -46.70 -11.73
N SER A 971 -7.92 -47.61 -10.75
CA SER A 971 -6.81 -48.53 -10.51
C SER A 971 -5.48 -47.82 -10.25
N LEU A 972 -5.52 -46.56 -9.84
CA LEU A 972 -4.30 -45.84 -9.50
C LEU A 972 -3.72 -46.31 -8.16
N MET A 973 -4.59 -46.65 -7.21
CA MET A 973 -4.20 -47.12 -5.90
C MET A 973 -4.98 -48.38 -5.56
N PRO A 974 -4.42 -49.29 -4.76
CA PRO A 974 -5.13 -50.52 -4.42
C PRO A 974 -6.31 -50.28 -3.49
N GLU A 975 -7.18 -51.29 -3.42
CA GLU A 975 -8.38 -51.23 -2.58
C GLU A 975 -8.02 -51.25 -1.10
N GLU A 976 -7.04 -52.08 -0.74
CA GLU A 976 -6.68 -52.34 0.66
C GLU A 976 -6.20 -51.08 1.38
N THR A 977 -5.67 -50.11 0.62
CA THR A 977 -5.24 -48.83 1.18
C THR A 977 -6.39 -48.11 1.89
N LEU A 978 -7.60 -48.22 1.35
CA LEU A 978 -8.78 -47.67 2.00
C LEU A 978 -8.99 -48.27 3.38
N HIS A 979 -8.83 -49.60 3.48
CA HIS A 979 -8.92 -50.28 4.77
C HIS A 979 -7.85 -49.78 5.72
N GLN A 980 -6.64 -49.51 5.19
CA GLN A 980 -5.56 -48.97 6.01
C GLN A 980 -5.92 -47.60 6.54
N VAL A 981 -6.62 -46.79 5.72
CA VAL A 981 -7.08 -45.48 6.17
C VAL A 981 -8.08 -45.62 7.30
N MET A 982 -8.90 -46.66 7.25
CA MET A 982 -9.87 -46.88 8.31
C MET A 982 -9.30 -47.68 9.47
N THR A 983 -8.04 -48.13 9.39
CA THR A 983 -7.41 -48.83 10.50
C THR A 983 -6.13 -48.13 10.95
N GLN A 984 -6.06 -46.82 10.73
CA GLN A 984 -4.88 -46.04 11.05
C GLN A 984 -4.78 -45.84 12.56
N GLN A 985 -3.55 -45.86 13.06
CA GLN A 985 -3.27 -45.64 14.47
C GLN A 985 -3.65 -44.22 14.89
N PRO A 986 -4.50 -44.04 15.90
CA PRO A 986 -4.88 -42.69 16.31
C PRO A 986 -3.74 -41.97 17.03
N GLY A 987 -3.75 -40.64 16.90
CA GLY A 987 -2.79 -39.81 17.59
C GLY A 987 -3.31 -39.34 18.94
N ASP A 988 -2.48 -38.53 19.60
CA ASP A 988 -2.80 -38.00 20.93
C ASP A 988 -3.04 -36.51 20.82
N SER A 989 -4.29 -36.10 21.02
CA SER A 989 -4.66 -34.70 21.03
C SER A 989 -5.85 -34.52 21.98
N SER A 990 -5.91 -33.36 22.62
CA SER A 990 -6.91 -33.09 23.64
C SER A 990 -8.13 -32.43 23.03
N PHE A 991 -9.04 -31.94 23.88
CA PHE A 991 -10.22 -31.22 23.40
C PHE A 991 -9.85 -29.85 22.87
N LEU A 992 -8.75 -29.26 23.36
CA LEU A 992 -8.35 -27.93 22.91
C LEU A 992 -7.81 -27.97 21.48
N ASP A 993 -7.06 -29.03 21.13
CA ASP A 993 -6.58 -29.18 19.77
C ASP A 993 -7.72 -29.49 18.81
N TRP A 994 -8.76 -30.18 19.28
CA TRP A 994 -9.94 -30.42 18.46
C TRP A 994 -10.75 -29.15 18.28
N ALA A 995 -10.81 -28.30 19.31
CA ALA A 995 -11.56 -27.06 19.20
C ALA A 995 -10.82 -26.02 18.36
N SER A 996 -9.49 -26.07 18.35
CA SER A 996 -8.74 -25.16 17.47
C SER A 996 -8.85 -25.58 16.01
N ASP A 997 -8.82 -26.88 15.74
CA ASP A 997 -8.96 -27.41 14.39
C ASP A 997 -10.12 -28.39 14.36
N PRO A 998 -11.33 -27.96 13.95
CA PRO A 998 -12.51 -28.83 14.10
C PRO A 998 -12.56 -29.99 13.11
N TYR A 999 -11.89 -29.91 11.97
CA TYR A 999 -11.93 -30.96 10.97
C TYR A 999 -10.76 -31.93 11.06
N SER A 1000 -9.97 -31.87 12.13
CA SER A 1000 -8.84 -32.77 12.28
C SER A 1000 -9.29 -34.19 12.57
N ALA A 1001 -8.53 -35.16 12.05
CA ALA A 1001 -8.84 -36.57 12.21
C ALA A 1001 -7.80 -37.29 13.06
N ASN A 1002 -7.19 -36.57 14.01
CA ASN A 1002 -6.30 -37.13 15.04
C ASN A 1002 -5.10 -37.86 14.45
N LEU A 1003 -4.55 -37.32 13.37
CA LEU A 1003 -3.44 -37.98 12.69
C LEU A 1003 -2.13 -37.73 13.42
N VAL A 1004 -1.17 -38.63 13.21
CA VAL A 1004 0.09 -38.61 13.93
C VAL A 1004 1.10 -37.76 13.16
N CYS A 1005 1.60 -36.70 13.80
CA CYS A 1005 2.73 -35.88 13.35
C CYS A 1005 2.45 -35.22 12.00
N VAL A 1006 1.46 -34.33 12.00
CA VAL A 1006 1.08 -33.58 10.82
C VAL A 1006 1.38 -32.09 10.94
N GLN A 1007 1.37 -31.54 12.16
CA GLN A 1007 1.45 -30.10 12.38
C GLN A 1007 2.81 -29.53 11.95
N SER A 1008 2.76 -28.33 11.38
CA SER A 1008 3.98 -27.64 10.97
C SER A 1008 4.76 -27.23 12.22
N ILE A 1009 6.07 -27.47 12.18
CA ILE A 1009 6.86 -27.38 13.41
C ILE A 1009 7.31 -25.94 13.68
N THR A 1010 7.40 -25.13 12.62
CA THR A 1010 7.72 -23.72 12.79
C THR A 1010 6.59 -22.99 13.51
N ARG A 1011 5.34 -23.38 13.23
CA ARG A 1011 4.20 -22.82 13.93
C ARG A 1011 4.22 -23.17 15.41
N LEU A 1012 4.61 -24.40 15.74
CA LEU A 1012 4.73 -24.81 17.15
C LEU A 1012 5.83 -24.03 17.86
N LEU A 1013 6.98 -23.85 17.19
CA LEU A 1013 8.07 -23.09 17.79
C LEU A 1013 7.69 -21.63 18.00
N LYS A 1014 6.99 -21.03 17.02
CA LYS A 1014 6.52 -19.65 17.15
C LYS A 1014 5.51 -19.50 18.28
N ASN A 1015 4.58 -20.47 18.41
CA ASN A 1015 3.58 -20.40 19.47
C ASN A 1015 4.21 -20.53 20.86
N ILE A 1016 5.15 -21.46 21.03
CA ILE A 1016 5.81 -21.62 22.33
C ILE A 1016 6.64 -20.39 22.68
N THR A 1017 7.41 -19.86 21.71
CA THR A 1017 8.23 -18.69 21.96
C THR A 1017 7.39 -17.45 22.26
N ALA A 1018 6.31 -17.24 21.49
CA ALA A 1018 5.45 -16.08 21.70
C ALA A 1018 4.70 -16.17 23.03
N ARG A 1019 4.23 -17.37 23.40
CA ARG A 1019 3.56 -17.53 24.68
C ARG A 1019 4.50 -17.30 25.85
N PHE A 1020 5.74 -17.78 25.74
CA PHE A 1020 6.72 -17.58 26.81
C PHE A 1020 7.06 -16.09 26.97
N VAL A 1021 7.29 -15.39 25.85
CA VAL A 1021 7.70 -14.00 25.97
C VAL A 1021 6.52 -13.10 26.34
N LEU A 1022 5.28 -13.50 26.04
CA LEU A 1022 4.14 -12.70 26.47
C LEU A 1022 3.73 -12.98 27.91
N ILE A 1023 3.95 -14.19 28.41
CA ILE A 1023 3.70 -14.45 29.83
C ILE A 1023 4.74 -13.74 30.69
N HIS A 1024 6.02 -13.83 30.29
CA HIS A 1024 7.10 -13.25 31.11
C HIS A 1024 7.41 -11.80 30.74
N SER A 1025 6.42 -11.03 30.27
CA SER A 1025 6.64 -9.63 29.93
C SER A 1025 6.22 -8.73 31.09
N PRO A 1026 7.09 -7.80 31.52
CA PRO A 1026 6.70 -6.87 32.61
C PRO A 1026 5.92 -5.65 32.15
N ASN A 1027 5.34 -5.70 30.95
CA ASN A 1027 4.63 -4.56 30.39
C ASN A 1027 3.33 -4.34 31.16
N PRO A 1028 3.06 -3.12 31.64
CA PRO A 1028 1.80 -2.86 32.36
C PRO A 1028 0.55 -2.92 31.50
N MET A 1029 0.66 -3.01 30.18
CA MET A 1029 -0.53 -3.20 29.35
C MET A 1029 -1.01 -4.65 29.33
N LEU A 1030 -0.26 -5.56 29.92
CA LEU A 1030 -0.56 -6.99 29.92
C LEU A 1030 -0.55 -7.53 31.35
N LYS A 1031 -1.30 -6.85 32.23
CA LYS A 1031 -1.28 -7.18 33.66
C LYS A 1031 -1.93 -8.53 33.93
N GLY A 1032 -3.09 -8.79 33.33
CA GLY A 1032 -3.82 -10.01 33.66
C GLY A 1032 -4.25 -10.84 32.48
N LEU A 1033 -3.86 -10.44 31.27
CA LEU A 1033 -4.24 -11.20 30.09
C LEU A 1033 -3.50 -12.53 30.02
N PHE A 1034 -2.19 -12.50 30.19
CA PHE A 1034 -1.36 -13.70 30.11
C PHE A 1034 -0.91 -14.09 31.50
N HIS A 1035 -1.43 -15.22 31.98
CA HIS A 1035 -1.07 -15.77 33.27
C HIS A 1035 -0.29 -17.05 33.09
N ASP A 1036 0.36 -17.49 34.17
CA ASP A 1036 1.11 -18.74 34.15
C ASP A 1036 0.21 -19.96 34.05
N ASP A 1037 -1.06 -19.84 34.46
CA ASP A 1037 -2.01 -20.94 34.46
C ASP A 1037 -3.08 -20.75 33.38
N SER A 1038 -2.68 -20.20 32.23
CA SER A 1038 -3.63 -19.93 31.16
C SER A 1038 -4.03 -21.19 30.40
N LYS A 1039 -3.07 -22.11 30.19
CA LYS A 1039 -3.32 -23.29 29.37
C LYS A 1039 -4.29 -24.25 30.04
N GLU A 1040 -4.21 -24.37 31.37
CA GLU A 1040 -5.17 -25.18 32.10
C GLU A 1040 -6.58 -24.61 32.00
N GLU A 1041 -6.70 -23.29 32.02
CA GLU A 1041 -8.01 -22.64 31.85
C GLU A 1041 -8.57 -22.87 30.45
N ASP A 1042 -7.71 -22.79 29.42
CA ASP A 1042 -8.16 -23.03 28.05
C ASP A 1042 -8.59 -24.48 27.84
N GLU A 1043 -7.82 -25.44 28.38
CA GLU A 1043 -8.21 -26.84 28.28
C GLU A 1043 -9.47 -27.14 29.09
N GLY A 1044 -9.64 -26.47 30.24
CA GLY A 1044 -10.87 -26.64 31.00
C GLY A 1044 -12.08 -26.10 30.28
N LEU A 1045 -11.95 -24.97 29.59
CA LEU A 1045 -13.05 -24.44 28.78
C LEU A 1045 -13.40 -25.36 27.62
N ALA A 1046 -12.38 -25.89 26.94
CA ALA A 1046 -12.62 -26.80 25.82
C ALA A 1046 -13.27 -28.11 26.29
N ALA A 1047 -12.81 -28.65 27.41
CA ALA A 1047 -13.41 -29.85 27.96
C ALA A 1047 -14.78 -29.58 28.58
N PHE A 1048 -15.07 -28.34 28.96
CA PHE A 1048 -16.43 -28.02 29.39
C PHE A 1048 -17.38 -28.01 28.20
N LEU A 1049 -16.93 -27.46 27.07
CA LEU A 1049 -17.83 -27.36 25.92
C LEU A 1049 -18.00 -28.69 25.18
N MET A 1050 -16.94 -29.50 25.03
CA MET A 1050 -17.01 -30.64 24.13
C MET A 1050 -17.05 -32.00 24.83
N ASP A 1051 -17.35 -32.06 26.12
CA ASP A 1051 -17.53 -33.33 26.81
C ASP A 1051 -18.99 -33.51 27.21
N ARG A 1052 -19.90 -33.12 26.33
CA ARG A 1052 -21.32 -33.32 26.53
C ARG A 1052 -21.75 -34.57 25.77
N HIS A 1053 -23.05 -34.89 25.86
CA HIS A 1053 -23.54 -36.16 25.33
C HIS A 1053 -23.53 -36.21 23.81
N ILE A 1054 -23.59 -35.06 23.14
CA ILE A 1054 -23.32 -34.96 21.71
C ILE A 1054 -22.21 -33.93 21.53
N ILE A 1055 -21.20 -34.29 20.75
CA ILE A 1055 -20.03 -33.43 20.54
C ILE A 1055 -20.26 -32.60 19.28
N VAL A 1056 -20.27 -31.28 19.44
CA VAL A 1056 -20.38 -30.36 18.30
C VAL A 1056 -19.09 -29.57 18.23
N PRO A 1057 -18.16 -29.93 17.35
CA PRO A 1057 -16.83 -29.29 17.38
C PRO A 1057 -16.75 -27.94 16.68
N ARG A 1058 -17.73 -27.64 15.81
CA ARG A 1058 -17.68 -26.36 15.09
C ARG A 1058 -18.17 -25.20 15.96
N ALA A 1059 -19.17 -25.45 16.80
CA ALA A 1059 -19.70 -24.40 17.66
C ALA A 1059 -18.70 -24.00 18.74
N ALA A 1060 -17.99 -24.98 19.30
CA ALA A 1060 -16.98 -24.71 20.32
C ALA A 1060 -15.82 -23.90 19.77
N HIS A 1061 -15.48 -24.10 18.50
CA HIS A 1061 -14.45 -23.28 17.85
C HIS A 1061 -14.88 -21.83 17.79
N GLU A 1062 -16.16 -21.57 17.47
CA GLU A 1062 -16.67 -20.21 17.42
C GLU A 1062 -16.76 -19.60 18.81
N ILE A 1063 -17.04 -20.40 19.84
CA ILE A 1063 -17.08 -19.86 21.20
C ILE A 1063 -15.67 -19.51 21.68
N LEU A 1064 -14.69 -20.40 21.46
CA LEU A 1064 -13.33 -20.11 21.89
C LEU A 1064 -12.67 -19.00 21.08
N ASP A 1065 -13.04 -18.80 19.81
CA ASP A 1065 -12.44 -17.70 19.05
C ASP A 1065 -12.87 -16.34 19.58
N HIS A 1066 -14.07 -16.23 20.13
CA HIS A 1066 -14.56 -14.97 20.67
C HIS A 1066 -14.41 -14.86 22.17
N SER A 1067 -13.85 -15.87 22.83
CA SER A 1067 -13.63 -15.82 24.27
C SER A 1067 -12.23 -15.27 24.56
N VAL A 1068 -11.81 -15.39 25.82
CA VAL A 1068 -10.51 -14.88 26.25
C VAL A 1068 -9.38 -15.75 25.68
N THR A 1069 -9.65 -17.05 25.46
CA THR A 1069 -8.66 -17.97 24.91
C THR A 1069 -8.28 -17.57 23.48
N GLY A 1070 -9.27 -17.28 22.64
CA GLY A 1070 -8.98 -16.82 21.30
C GLY A 1070 -8.43 -15.41 21.27
N ALA A 1071 -8.72 -14.61 22.30
CA ALA A 1071 -8.10 -13.30 22.41
C ALA A 1071 -6.60 -13.41 22.67
N ARG A 1072 -6.21 -14.31 23.59
CA ARG A 1072 -4.79 -14.56 23.83
C ARG A 1072 -4.13 -15.17 22.60
N GLU A 1073 -4.83 -16.07 21.90
CA GLU A 1073 -4.27 -16.69 20.70
C GLU A 1073 -4.12 -15.67 19.57
N SER A 1074 -5.02 -14.70 19.47
CA SER A 1074 -4.92 -13.67 18.45
C SER A 1074 -3.80 -12.68 18.77
N ILE A 1075 -3.62 -12.34 20.05
CA ILE A 1075 -2.50 -11.48 20.44
C ILE A 1075 -1.17 -12.19 20.21
N ALA A 1076 -1.10 -13.48 20.53
CA ALA A 1076 0.14 -14.23 20.30
C ALA A 1076 0.40 -14.50 18.83
N GLY A 1077 -0.65 -14.57 18.02
CA GLY A 1077 -0.46 -14.84 16.60
C GLY A 1077 0.05 -13.64 15.81
N MET A 1078 -0.29 -12.43 16.24
CA MET A 1078 0.16 -11.23 15.55
C MET A 1078 1.62 -10.90 15.84
N LEU A 1079 2.20 -11.46 16.90
CA LEU A 1079 3.61 -11.29 17.17
C LEU A 1079 4.40 -12.28 16.31
N ASP A 1080 5.21 -11.76 15.39
CA ASP A 1080 6.03 -12.59 14.52
C ASP A 1080 7.40 -12.74 15.20
N THR A 1081 7.70 -13.98 15.62
CA THR A 1081 8.93 -14.20 16.37
C THR A 1081 10.15 -14.18 15.46
N THR A 1082 10.01 -14.71 14.24
CA THR A 1082 11.08 -14.93 13.26
C THR A 1082 12.24 -15.73 13.86
N LYS A 1083 13.43 -15.56 13.30
CA LYS A 1083 14.60 -16.26 13.85
C LYS A 1083 15.06 -15.63 15.16
N GLY A 1084 14.93 -14.31 15.29
CA GLY A 1084 15.54 -13.59 16.40
C GLY A 1084 14.95 -13.93 17.75
N LEU A 1085 13.62 -13.98 17.84
CA LEU A 1085 12.99 -14.28 19.13
C LEU A 1085 13.14 -15.76 19.49
N ILE A 1086 13.21 -16.64 18.50
CA ILE A 1086 13.47 -18.05 18.76
C ILE A 1086 14.88 -18.24 19.32
N ARG A 1087 15.87 -17.54 18.74
CA ARG A 1087 17.23 -17.58 19.29
C ARG A 1087 17.29 -16.95 20.68
N ALA A 1088 16.55 -15.85 20.89
CA ALA A 1088 16.53 -15.19 22.20
C ALA A 1088 15.90 -16.09 23.26
N SER A 1089 14.83 -16.81 22.91
CA SER A 1089 14.24 -17.76 23.84
C SER A 1089 15.14 -18.97 24.06
N MET A 1090 15.99 -19.30 23.08
CA MET A 1090 16.97 -20.36 23.29
C MET A 1090 18.04 -19.94 24.29
N ARG A 1091 18.50 -18.68 24.21
CA ARG A 1091 19.41 -18.18 25.25
C ARG A 1091 18.74 -18.02 26.61
N LYS A 1092 17.45 -17.67 26.64
CA LYS A 1092 16.75 -17.60 27.92
C LYS A 1092 16.52 -18.98 28.53
N GLY A 1093 16.34 -20.01 27.69
CA GLY A 1093 16.07 -21.33 28.18
C GLY A 1093 14.61 -21.70 28.28
N GLY A 1094 13.72 -20.93 27.65
CA GLY A 1094 12.31 -21.31 27.61
C GLY A 1094 12.08 -22.58 26.80
N LEU A 1095 12.83 -22.74 25.71
CA LEU A 1095 12.79 -23.96 24.92
C LEU A 1095 13.72 -24.98 25.56
N THR A 1096 13.14 -26.04 26.13
CA THR A 1096 13.94 -27.06 26.80
C THR A 1096 14.66 -27.94 25.77
N SER A 1097 15.64 -28.70 26.26
CA SER A 1097 16.41 -29.57 25.38
C SER A 1097 15.58 -30.72 24.84
N ARG A 1098 14.58 -31.18 25.61
CA ARG A 1098 13.64 -32.18 25.11
C ARG A 1098 12.82 -31.62 23.95
N VAL A 1099 12.43 -30.35 24.04
CA VAL A 1099 11.69 -29.70 22.96
C VAL A 1099 12.55 -29.59 21.70
N ILE A 1100 13.83 -29.23 21.86
CA ILE A 1100 14.74 -29.10 20.71
C ILE A 1100 14.96 -30.46 20.05
N THR A 1101 15.21 -31.50 20.85
CA THR A 1101 15.45 -32.84 20.32
C THR A 1101 14.19 -33.41 19.68
N ARG A 1102 13.02 -33.11 20.25
CA ARG A 1102 11.77 -33.64 19.71
C ARG A 1102 11.37 -32.93 18.43
N LEU A 1103 11.52 -31.61 18.38
CA LEU A 1103 11.18 -30.84 17.19
C LEU A 1103 12.23 -30.97 16.09
N SER A 1104 13.43 -31.47 16.41
CA SER A 1104 14.44 -31.68 15.38
C SER A 1104 14.20 -32.92 14.54
N ASN A 1105 13.36 -33.85 15.02
CA ASN A 1105 13.24 -35.18 14.39
C ASN A 1105 11.86 -35.47 13.81
N TYR A 1106 10.98 -34.47 13.66
CA TYR A 1106 9.62 -34.77 13.22
C TYR A 1106 9.50 -35.16 11.75
N ASP A 1107 10.46 -34.80 10.88
CA ASP A 1107 10.37 -35.22 9.48
C ASP A 1107 10.55 -36.73 9.34
N TYR A 1108 11.50 -37.29 10.08
CA TYR A 1108 11.66 -38.73 10.18
C TYR A 1108 10.44 -39.40 10.78
N GLU A 1109 9.76 -38.72 11.72
CA GLU A 1109 8.54 -39.27 12.30
C GLU A 1109 7.39 -39.25 11.30
N GLN A 1110 7.31 -38.22 10.45
CA GLN A 1110 6.30 -38.20 9.39
C GLN A 1110 6.50 -39.34 8.40
N PHE A 1111 7.76 -39.56 7.99
CA PHE A 1111 8.03 -40.64 7.04
C PHE A 1111 7.81 -42.01 7.68
N ARG A 1112 8.15 -42.15 8.96
CA ARG A 1112 7.90 -43.41 9.68
C ARG A 1112 6.41 -43.69 9.82
N ALA A 1113 5.62 -42.66 10.15
CA ALA A 1113 4.18 -42.84 10.29
C ALA A 1113 3.52 -43.18 8.97
N GLY A 1114 3.97 -42.54 7.88
CA GLY A 1114 3.45 -42.89 6.56
C GLY A 1114 3.80 -44.31 6.15
N MET A 1115 5.03 -44.74 6.45
CA MET A 1115 5.44 -46.10 6.11
C MET A 1115 4.69 -47.15 6.94
N VAL A 1116 4.46 -46.86 8.23
CA VAL A 1116 3.72 -47.79 9.09
C VAL A 1116 2.25 -47.85 8.66
N LEU A 1117 1.68 -46.71 8.24
CA LEU A 1117 0.33 -46.70 7.68
C LEU A 1117 0.23 -47.54 6.41
N LEU A 1118 1.11 -47.31 5.44
CA LEU A 1118 0.96 -47.97 4.16
C LEU A 1118 1.44 -49.42 4.16
N THR A 1119 2.22 -49.83 5.15
CA THR A 1119 2.64 -51.23 5.24
C THR A 1119 1.78 -52.06 6.19
N GLY A 1120 0.81 -51.47 6.86
CA GLY A 1120 -0.01 -52.21 7.80
C GLY A 1120 -1.06 -53.05 7.10
N ARG A 1121 -1.43 -54.17 7.74
CA ARG A 1121 -2.43 -55.10 7.23
C ARG A 1121 -3.49 -55.33 8.31
N LYS A 1122 -4.47 -54.43 8.36
CA LYS A 1122 -5.65 -54.59 9.22
C LYS A 1122 -6.87 -54.21 8.39
N ARG A 1123 -7.92 -55.01 8.48
CA ARG A 1123 -9.11 -54.81 7.66
C ARG A 1123 -10.35 -54.75 8.54
N ASN A 1124 -11.33 -53.97 8.09
CA ASN A 1124 -12.62 -53.85 8.75
C ASN A 1124 -13.70 -54.37 7.81
N VAL A 1125 -14.53 -55.29 8.31
CA VAL A 1125 -15.51 -55.95 7.46
C VAL A 1125 -16.71 -55.08 7.11
N LEU A 1126 -16.89 -53.95 7.78
CA LEU A 1126 -17.96 -53.03 7.46
C LEU A 1126 -17.65 -52.14 6.26
N ILE A 1127 -16.42 -52.18 5.75
CA ILE A 1127 -16.01 -51.36 4.62
C ILE A 1127 -16.51 -52.05 3.35
N ASP A 1128 -17.58 -51.53 2.77
CA ASP A 1128 -18.06 -52.00 1.48
C ASP A 1128 -17.50 -51.11 0.39
N LYS A 1129 -17.17 -51.72 -0.75
CA LYS A 1129 -16.66 -50.95 -1.87
C LYS A 1129 -17.76 -50.10 -2.50
N GLU A 1130 -17.40 -48.86 -2.85
CA GLU A 1130 -18.31 -47.84 -3.40
C GLU A 1130 -19.49 -47.57 -2.47
N SER A 1131 -19.21 -47.51 -1.16
CA SER A 1131 -20.19 -47.03 -0.20
C SER A 1131 -20.17 -45.50 -0.18
N CYS A 1132 -21.00 -44.92 0.68
CA CYS A 1132 -21.09 -43.47 0.78
C CYS A 1132 -19.86 -42.92 1.49
N SER A 1133 -19.35 -41.78 0.99
CA SER A 1133 -18.18 -41.18 1.61
C SER A 1133 -18.51 -40.54 2.95
N VAL A 1134 -19.77 -40.18 3.17
CA VAL A 1134 -20.19 -39.56 4.44
C VAL A 1134 -20.13 -40.57 5.57
N GLN A 1135 -20.62 -41.79 5.33
CA GLN A 1135 -20.59 -42.82 6.37
C GLN A 1135 -19.16 -43.28 6.66
N LEU A 1136 -18.32 -43.34 5.62
CA LEU A 1136 -16.91 -43.67 5.81
C LEU A 1136 -16.18 -42.58 6.60
N ALA A 1137 -16.52 -41.32 6.34
CA ALA A 1137 -15.90 -40.22 7.09
C ALA A 1137 -16.37 -40.22 8.54
N ARG A 1138 -17.65 -40.53 8.78
CA ARG A 1138 -18.16 -40.64 10.15
C ARG A 1138 -17.49 -41.79 10.90
N ALA A 1139 -17.29 -42.93 10.23
CA ALA A 1139 -16.61 -44.06 10.86
C ALA A 1139 -15.14 -43.75 11.13
N LEU A 1140 -14.48 -43.01 10.23
CA LEU A 1140 -13.10 -42.61 10.47
C LEU A 1140 -12.98 -41.64 11.64
N ARG A 1141 -13.88 -40.65 11.72
CA ARG A 1141 -13.85 -39.71 12.83
C ARG A 1141 -14.23 -40.39 14.15
N SER A 1142 -15.07 -41.41 14.10
CA SER A 1142 -15.38 -42.16 15.32
C SER A 1142 -14.22 -43.06 15.74
N HIS A 1143 -13.47 -43.60 14.78
CA HIS A 1143 -12.36 -44.47 15.13
C HIS A 1143 -11.18 -43.69 15.68
N MET A 1144 -10.83 -42.55 15.05
CA MET A 1144 -9.64 -41.82 15.47
C MET A 1144 -9.87 -41.07 16.78
N TRP A 1145 -11.10 -40.69 17.09
CA TRP A 1145 -11.42 -39.93 18.29
C TRP A 1145 -12.09 -40.78 19.37
N ALA A 1146 -11.89 -42.10 19.33
CA ALA A 1146 -12.64 -43.00 20.21
C ALA A 1146 -12.20 -42.92 21.66
N ARG A 1147 -11.01 -42.39 21.93
CA ARG A 1147 -10.59 -42.20 23.33
C ARG A 1147 -11.33 -41.05 23.98
N LEU A 1148 -11.52 -39.95 23.26
CA LEU A 1148 -12.20 -38.78 23.82
C LEU A 1148 -13.71 -38.88 23.69
N ALA A 1149 -14.20 -39.31 22.51
CA ALA A 1149 -15.64 -39.33 22.28
C ALA A 1149 -16.31 -40.46 23.05
N ARG A 1150 -15.67 -41.64 23.08
CA ARG A 1150 -16.16 -42.84 23.79
C ARG A 1150 -17.55 -43.27 23.31
N GLY A 1151 -17.77 -43.18 22.01
CA GLY A 1151 -19.01 -43.66 21.41
C GLY A 1151 -20.11 -42.63 21.25
N ARG A 1152 -19.92 -41.40 21.73
CA ARG A 1152 -20.94 -40.39 21.55
C ARG A 1152 -20.95 -39.87 20.11
N PRO A 1153 -22.12 -39.47 19.60
CA PRO A 1153 -22.19 -38.97 18.23
C PRO A 1153 -21.51 -37.63 18.04
N ILE A 1154 -21.06 -37.38 16.82
CA ILE A 1154 -20.47 -36.12 16.39
C ILE A 1154 -21.33 -35.56 15.27
N TYR A 1155 -21.74 -34.30 15.40
CA TYR A 1155 -22.63 -33.66 14.44
C TYR A 1155 -22.01 -32.39 13.89
N GLY A 1156 -22.37 -32.08 12.65
CA GLY A 1156 -22.04 -30.78 12.06
C GLY A 1156 -20.75 -30.70 11.28
N LEU A 1157 -20.15 -31.82 10.91
CA LEU A 1157 -18.89 -31.81 10.18
C LEU A 1157 -18.97 -32.47 8.80
N GLU A 1158 -20.13 -32.99 8.40
CA GLU A 1158 -20.23 -33.82 7.21
C GLU A 1158 -21.03 -33.10 6.12
N VAL A 1159 -20.50 -33.13 4.90
CA VAL A 1159 -21.13 -32.54 3.73
C VAL A 1159 -20.79 -33.44 2.54
N PRO A 1160 -21.67 -33.59 1.56
CA PRO A 1160 -21.31 -34.37 0.37
C PRO A 1160 -20.23 -33.68 -0.48
N ASP A 1161 -19.49 -34.50 -1.21
CA ASP A 1161 -18.45 -34.00 -2.09
C ASP A 1161 -19.04 -33.27 -3.29
N VAL A 1162 -18.29 -32.29 -3.80
CA VAL A 1162 -18.76 -31.47 -4.92
C VAL A 1162 -18.84 -32.29 -6.21
N LEU A 1163 -17.80 -33.08 -6.50
CA LEU A 1163 -17.76 -33.80 -7.77
C LEU A 1163 -18.68 -35.02 -7.78
N GLU A 1164 -18.86 -35.69 -6.65
CA GLU A 1164 -19.68 -36.90 -6.62
C GLU A 1164 -21.17 -36.58 -6.70
N SER A 1165 -21.60 -35.44 -6.15
CA SER A 1165 -23.03 -35.13 -6.09
C SER A 1165 -23.58 -34.68 -7.43
N MET A 1166 -22.76 -34.06 -8.28
CA MET A 1166 -23.24 -33.32 -9.43
C MET A 1166 -22.82 -33.98 -10.74
N ARG A 1167 -23.79 -34.15 -11.64
CA ARG A 1167 -23.57 -34.74 -12.96
C ARG A 1167 -24.10 -33.77 -14.01
N GLY A 1168 -23.32 -33.59 -15.08
CA GLY A 1168 -23.62 -32.58 -16.07
C GLY A 1168 -23.94 -33.16 -17.44
N HIS A 1169 -24.81 -32.46 -18.17
CA HIS A 1169 -25.15 -32.82 -19.54
C HIS A 1169 -25.24 -31.57 -20.39
N LEU A 1170 -24.66 -31.64 -21.58
CA LEU A 1170 -24.66 -30.52 -22.52
C LEU A 1170 -25.67 -30.79 -23.62
N ILE A 1171 -26.62 -29.89 -23.79
CA ILE A 1171 -27.63 -29.98 -24.84
C ILE A 1171 -27.17 -29.07 -25.96
N ARG A 1172 -26.39 -29.61 -26.89
CA ARG A 1172 -26.15 -28.89 -28.13
C ARG A 1172 -27.40 -28.85 -28.97
N ARG A 1173 -28.00 -30.02 -29.21
CA ARG A 1173 -29.29 -30.17 -29.86
C ARG A 1173 -29.94 -31.46 -29.37
N HIS A 1174 -31.28 -31.47 -29.42
CA HIS A 1174 -32.12 -32.67 -29.24
C HIS A 1174 -31.95 -33.31 -27.85
N GLU A 1175 -32.39 -32.58 -26.84
CA GLU A 1175 -32.83 -33.11 -25.55
C GLU A 1175 -31.72 -33.66 -24.66
N THR A 1176 -32.10 -34.17 -23.49
CA THR A 1176 -31.18 -34.62 -22.45
C THR A 1176 -31.32 -36.12 -22.26
N CYS A 1177 -30.17 -36.80 -22.14
CA CYS A 1177 -30.19 -38.23 -21.82
C CYS A 1177 -30.56 -38.46 -20.36
N VAL A 1178 -30.11 -37.58 -19.46
CA VAL A 1178 -30.27 -37.80 -18.03
C VAL A 1178 -31.73 -37.64 -17.61
N ILE A 1179 -32.40 -36.61 -18.14
CA ILE A 1179 -33.80 -36.32 -17.77
C ILE A 1179 -34.73 -37.44 -18.26
N CYS A 1180 -34.53 -37.89 -19.49
CA CYS A 1180 -35.38 -38.95 -20.03
C CYS A 1180 -35.06 -40.31 -19.40
N GLU A 1181 -33.78 -40.59 -19.18
CA GLU A 1181 -33.39 -41.91 -18.67
C GLU A 1181 -33.70 -42.08 -17.19
N CYS A 1182 -33.38 -41.09 -16.36
CA CYS A 1182 -33.50 -41.25 -14.92
C CYS A 1182 -34.75 -40.59 -14.33
N GLY A 1183 -35.34 -39.62 -15.02
CA GLY A 1183 -36.46 -38.90 -14.47
C GLY A 1183 -36.09 -37.84 -13.45
N SER A 1184 -34.81 -37.52 -13.32
CA SER A 1184 -34.38 -36.50 -12.37
C SER A 1184 -34.75 -35.11 -12.88
N VAL A 1185 -35.34 -34.30 -12.00
CA VAL A 1185 -35.76 -32.96 -12.34
C VAL A 1185 -35.07 -31.91 -11.48
N ASN A 1186 -34.12 -32.31 -10.64
CA ASN A 1186 -33.39 -31.40 -9.77
C ASN A 1186 -32.08 -31.01 -10.44
N TYR A 1187 -32.06 -29.84 -11.07
CA TYR A 1187 -30.89 -29.40 -11.83
C TYR A 1187 -30.89 -27.88 -11.95
N GLY A 1188 -29.72 -27.35 -12.29
CA GLY A 1188 -29.55 -25.92 -12.54
C GLY A 1188 -29.31 -25.69 -14.02
N TRP A 1189 -29.84 -24.59 -14.54
CA TRP A 1189 -29.91 -24.36 -15.98
C TRP A 1189 -28.95 -23.26 -16.38
N PHE A 1190 -28.06 -23.55 -17.33
CA PHE A 1190 -27.06 -22.60 -17.79
C PHE A 1190 -27.22 -22.38 -19.30
N PHE A 1191 -27.15 -21.12 -19.72
CA PHE A 1191 -27.39 -20.77 -21.12
C PHE A 1191 -26.32 -19.81 -21.60
N VAL A 1192 -25.70 -20.12 -22.74
CA VAL A 1192 -24.73 -19.26 -23.39
C VAL A 1192 -25.18 -19.04 -24.83
N PRO A 1193 -25.45 -17.81 -25.25
CA PRO A 1193 -25.91 -17.57 -26.63
C PRO A 1193 -24.79 -17.76 -27.64
N SER A 1194 -25.20 -17.97 -28.89
CA SER A 1194 -24.28 -18.14 -29.99
C SER A 1194 -23.86 -16.79 -30.58
N GLY A 1195 -22.76 -16.81 -31.31
CA GLY A 1195 -22.26 -15.64 -32.01
C GLY A 1195 -21.77 -14.51 -31.12
N CYS A 1196 -21.07 -14.83 -30.04
CA CYS A 1196 -20.48 -13.84 -29.16
C CYS A 1196 -18.98 -14.04 -29.13
N GLN A 1197 -18.22 -12.95 -29.28
CA GLN A 1197 -16.76 -13.01 -29.31
C GLN A 1197 -16.25 -12.93 -27.87
N LEU A 1198 -15.63 -14.02 -27.41
CA LEU A 1198 -15.14 -14.07 -26.04
C LEU A 1198 -13.84 -13.29 -25.86
N ASP A 1199 -13.01 -13.21 -26.90
CA ASP A 1199 -11.67 -12.65 -26.75
C ASP A 1199 -11.70 -11.13 -26.62
N ASP A 1200 -12.54 -10.47 -27.41
CA ASP A 1200 -12.62 -9.02 -27.40
C ASP A 1200 -14.01 -8.57 -26.99
N ILE A 1201 -14.12 -7.29 -26.62
CA ILE A 1201 -15.39 -6.71 -26.20
C ILE A 1201 -16.30 -6.51 -27.40
N PRO A 1231 -20.57 0.13 18.15
CA PRO A 1231 -20.25 -0.47 19.45
C PRO A 1231 -18.84 -1.02 19.51
N SER A 1232 -18.45 -1.52 20.68
CA SER A 1232 -17.11 -2.05 20.86
C SER A 1232 -17.01 -3.47 20.29
N ARG A 1233 -15.76 -3.92 20.11
CA ARG A 1233 -15.52 -5.26 19.58
C ARG A 1233 -15.83 -6.33 20.63
N SER A 1234 -15.55 -6.02 21.90
CA SER A 1234 -15.78 -6.98 22.97
C SER A 1234 -17.26 -7.23 23.20
N LEU A 1235 -18.09 -6.20 23.06
CA LEU A 1235 -19.53 -6.37 23.18
C LEU A 1235 -20.09 -7.24 22.05
N ARG A 1236 -19.58 -7.04 20.83
CA ARG A 1236 -19.98 -7.89 19.71
C ARG A 1236 -19.52 -9.33 19.90
N SER A 1237 -18.34 -9.52 20.51
CA SER A 1237 -17.87 -10.85 20.84
C SER A 1237 -18.77 -11.52 21.88
N ALA A 1238 -19.21 -10.77 22.89
CA ALA A 1238 -20.12 -11.30 23.90
C ALA A 1238 -21.48 -11.67 23.30
N VAL A 1239 -21.98 -10.84 22.38
CA VAL A 1239 -23.21 -11.14 21.66
C VAL A 1239 -23.06 -12.41 20.83
N ARG A 1240 -21.91 -12.57 20.15
CA ARG A 1240 -21.69 -13.77 19.34
C ARG A 1240 -21.59 -15.03 20.20
N ILE A 1241 -20.93 -14.93 21.36
CA ILE A 1241 -20.83 -16.06 22.29
C ILE A 1241 -22.21 -16.45 22.80
N ALA A 1242 -23.03 -15.46 23.16
CA ALA A 1242 -24.38 -15.73 23.66
C ALA A 1242 -25.25 -16.35 22.56
N THR A 1243 -25.12 -15.87 21.32
CA THR A 1243 -25.91 -16.42 20.21
C THR A 1243 -25.52 -17.86 19.90
N VAL A 1244 -24.22 -18.16 19.84
CA VAL A 1244 -23.78 -19.52 19.51
C VAL A 1244 -24.12 -20.49 20.64
N TYR A 1245 -23.99 -20.05 21.90
CA TYR A 1245 -24.30 -20.96 23.00
C TYR A 1245 -25.81 -21.17 23.14
N SER A 1246 -26.61 -20.15 22.85
CA SER A 1246 -28.06 -20.32 22.90
C SER A 1246 -28.57 -21.17 21.74
N TRP A 1247 -27.93 -21.09 20.57
CA TRP A 1247 -28.37 -21.89 19.43
C TRP A 1247 -27.92 -23.34 19.55
N ALA A 1248 -26.62 -23.56 19.77
CA ALA A 1248 -26.05 -24.89 19.58
C ALA A 1248 -26.39 -25.84 20.72
N TYR A 1249 -26.40 -25.33 21.95
CA TYR A 1249 -26.61 -26.18 23.13
C TYR A 1249 -28.01 -26.06 23.70
N GLY A 1250 -28.93 -25.43 22.99
CA GLY A 1250 -30.28 -25.24 23.48
C GLY A 1250 -30.40 -24.00 24.34
N ASP A 1251 -31.64 -23.53 24.47
CA ASP A 1251 -31.93 -22.36 25.30
C ASP A 1251 -33.01 -22.69 26.33
N ASP A 1252 -32.71 -22.41 27.58
CA ASP A 1252 -33.65 -22.46 28.70
C ASP A 1252 -33.08 -21.58 29.81
N ASP A 1253 -33.61 -21.75 31.03
CA ASP A 1253 -33.12 -20.96 32.15
C ASP A 1253 -31.71 -21.39 32.56
N SER A 1254 -31.41 -22.68 32.49
CA SER A 1254 -30.11 -23.18 32.92
C SER A 1254 -29.01 -22.89 31.91
N SER A 1255 -29.31 -22.92 30.61
CA SER A 1255 -28.28 -22.69 29.61
C SER A 1255 -27.92 -21.21 29.48
N TRP A 1256 -28.84 -20.30 29.79
CA TRP A 1256 -28.54 -18.88 29.68
C TRP A 1256 -27.63 -18.39 30.80
N ASN A 1257 -27.60 -19.09 31.93
CA ASN A 1257 -26.68 -18.71 33.01
C ASN A 1257 -25.23 -18.96 32.59
N GLU A 1258 -24.96 -20.08 31.94
CA GLU A 1258 -23.61 -20.38 31.46
C GLU A 1258 -23.22 -19.43 30.33
N ALA A 1259 -24.17 -19.07 29.46
CA ALA A 1259 -23.90 -18.12 28.41
C ALA A 1259 -23.61 -16.73 28.98
N TRP A 1260 -24.32 -16.35 30.03
CA TRP A 1260 -24.03 -15.07 30.69
C TRP A 1260 -22.68 -15.09 31.40
N LEU A 1261 -22.30 -16.22 32.00
CA LEU A 1261 -20.99 -16.29 32.65
C LEU A 1261 -19.86 -16.30 31.64
N LEU A 1262 -20.07 -16.86 30.45
CA LEU A 1262 -19.04 -16.78 29.41
C LEU A 1262 -18.98 -15.39 28.77
N ALA A 1263 -20.14 -14.77 28.52
CA ALA A 1263 -20.16 -13.46 27.86
C ALA A 1263 -19.85 -12.31 28.81
N ARG A 1264 -19.89 -12.54 30.14
CA ARG A 1264 -19.57 -11.49 31.09
C ARG A 1264 -18.07 -11.19 31.10
N GLN A 1265 -17.25 -12.17 30.71
CA GLN A 1265 -15.80 -12.01 30.74
C GLN A 1265 -15.29 -11.06 29.66
N ARG A 1266 -16.09 -10.79 28.62
CA ARG A 1266 -15.68 -9.85 27.58
C ARG A 1266 -16.33 -8.48 27.73
N ALA A 1267 -17.59 -8.42 28.16
CA ALA A 1267 -18.31 -7.17 28.29
C ALA A 1267 -19.08 -7.15 29.60
N ASN A 1268 -19.31 -5.94 30.11
CA ASN A 1268 -19.99 -5.74 31.39
C ASN A 1268 -21.49 -5.58 31.13
N VAL A 1269 -22.19 -6.71 31.03
CA VAL A 1269 -23.64 -6.73 30.86
C VAL A 1269 -24.24 -7.67 31.90
N SER A 1270 -25.54 -7.47 32.15
CA SER A 1270 -26.28 -8.35 33.03
C SER A 1270 -26.97 -9.43 32.20
N LEU A 1271 -27.80 -10.25 32.86
CA LEU A 1271 -28.54 -11.30 32.16
C LEU A 1271 -29.64 -10.72 31.29
N GLU A 1272 -30.37 -9.72 31.81
CA GLU A 1272 -31.49 -9.15 31.07
C GLU A 1272 -31.01 -8.36 29.86
N GLU A 1273 -29.92 -7.60 30.02
CA GLU A 1273 -29.36 -6.86 28.90
C GLU A 1273 -28.83 -7.81 27.82
N LEU A 1274 -28.24 -8.93 28.23
CA LEU A 1274 -27.76 -9.92 27.27
C LEU A 1274 -28.91 -10.61 26.56
N ARG A 1275 -30.04 -10.82 27.24
CA ARG A 1275 -31.22 -11.36 26.57
C ARG A 1275 -31.81 -10.36 25.57
N VAL A 1276 -31.84 -9.07 25.93
CA VAL A 1276 -32.46 -8.08 25.05
C VAL A 1276 -31.60 -7.80 23.83
N ILE A 1277 -30.29 -7.58 24.02
CA ILE A 1277 -29.43 -7.15 22.92
C ILE A 1277 -29.20 -8.28 21.92
N THR A 1278 -28.99 -9.49 22.40
CA THR A 1278 -28.75 -10.62 21.50
C THR A 1278 -30.04 -11.05 20.81
N PRO A 1279 -30.11 -11.06 19.48
CA PRO A 1279 -31.31 -11.48 18.74
C PRO A 1279 -31.35 -12.99 18.52
N THR A 1302 -11.08 -13.62 -11.47
CA THR A 1302 -11.02 -15.00 -11.92
C THR A 1302 -11.06 -15.08 -13.44
N SER A 1303 -10.75 -16.26 -13.98
CA SER A 1303 -10.76 -16.49 -15.41
C SER A 1303 -12.12 -16.92 -15.93
N LEU A 1304 -13.13 -17.01 -15.06
CA LEU A 1304 -14.46 -17.44 -15.48
C LEU A 1304 -15.19 -16.36 -16.27
N VAL A 1305 -14.76 -15.09 -16.12
CA VAL A 1305 -15.51 -13.93 -16.60
C VAL A 1305 -15.65 -13.92 -18.11
N ARG A 1306 -14.70 -14.55 -18.83
CA ARG A 1306 -14.75 -14.68 -20.29
C ARG A 1306 -16.01 -15.38 -20.77
N VAL A 1307 -16.58 -16.27 -19.96
CA VAL A 1307 -17.85 -16.89 -20.31
C VAL A 1307 -18.94 -16.21 -19.49
N ALA A 1308 -18.57 -15.72 -18.29
CA ALA A 1308 -19.57 -15.35 -17.30
C ALA A 1308 -20.30 -14.05 -17.63
N ARG A 1309 -19.77 -13.23 -18.54
CA ARG A 1309 -20.52 -12.07 -18.98
C ARG A 1309 -21.68 -12.46 -19.88
N TYR A 1310 -21.54 -13.57 -20.62
CA TYR A 1310 -22.59 -14.02 -21.52
C TYR A 1310 -23.52 -15.06 -20.93
N THR A 1311 -23.24 -15.54 -19.71
CA THR A 1311 -23.93 -16.70 -19.17
C THR A 1311 -25.18 -16.29 -18.42
N THR A 1312 -26.29 -16.96 -18.71
CA THR A 1312 -27.54 -16.80 -17.97
C THR A 1312 -27.76 -18.06 -17.14
N ILE A 1313 -27.91 -17.87 -15.84
CA ILE A 1313 -28.09 -18.97 -14.90
C ILE A 1313 -29.49 -18.86 -14.31
N SER A 1314 -30.29 -19.91 -14.47
CA SER A 1314 -31.62 -19.96 -13.86
C SER A 1314 -31.68 -21.15 -12.92
N ASN A 1315 -32.19 -20.90 -11.71
CA ASN A 1315 -32.24 -21.86 -10.61
C ASN A 1315 -33.65 -22.31 -10.30
N ASP A 1316 -34.60 -22.08 -11.23
CA ASP A 1316 -36.01 -22.32 -10.96
C ASP A 1316 -36.27 -23.83 -10.86
N ASN A 1317 -35.62 -24.62 -11.70
CA ASN A 1317 -35.86 -26.06 -11.72
C ASN A 1317 -35.20 -26.81 -10.57
N LEU A 1318 -34.40 -26.13 -9.75
CA LEU A 1318 -33.87 -26.74 -8.53
C LEU A 1318 -34.99 -27.00 -7.54
N SER A 1319 -34.73 -27.90 -6.60
CA SER A 1319 -35.71 -28.25 -5.57
C SER A 1319 -35.83 -27.13 -4.54
N THR A 1329 -28.49 -26.77 2.39
CA THR A 1329 -28.21 -27.19 1.02
C THR A 1329 -27.84 -26.00 0.15
N ASN A 1330 -27.75 -24.81 0.76
CA ASN A 1330 -27.38 -23.61 0.03
C ASN A 1330 -25.92 -23.65 -0.42
N PHE A 1331 -25.06 -24.25 0.41
CA PHE A 1331 -23.65 -24.39 0.06
C PHE A 1331 -23.47 -25.30 -1.16
N ILE A 1332 -24.23 -26.39 -1.22
CA ILE A 1332 -24.14 -27.34 -2.34
C ILE A 1332 -24.59 -26.67 -3.64
N TYR A 1333 -25.65 -25.87 -3.57
CA TYR A 1333 -26.14 -25.17 -4.77
C TYR A 1333 -25.17 -24.08 -5.21
N GLN A 1334 -24.58 -23.35 -4.25
CA GLN A 1334 -23.60 -22.31 -4.59
C GLN A 1334 -22.36 -22.91 -5.24
N GLN A 1335 -21.84 -24.00 -4.68
CA GLN A 1335 -20.70 -24.68 -5.28
C GLN A 1335 -21.08 -25.33 -6.60
N GLY A 1336 -22.36 -25.69 -6.78
CA GLY A 1336 -22.82 -26.16 -8.07
C GLY A 1336 -22.78 -25.09 -9.15
N MET A 1337 -23.16 -23.86 -8.80
CA MET A 1337 -23.07 -22.76 -9.76
C MET A 1337 -21.62 -22.42 -10.08
N LEU A 1338 -20.74 -22.50 -9.08
CA LEU A 1338 -19.31 -22.31 -9.34
C LEU A 1338 -18.75 -23.41 -10.24
N LEU A 1339 -19.18 -24.65 -10.03
CA LEU A 1339 -18.77 -25.76 -10.89
C LEU A 1339 -19.28 -25.59 -12.32
N GLY A 1340 -20.51 -25.09 -12.47
CA GLY A 1340 -21.05 -24.86 -13.80
C GLY A 1340 -20.32 -23.77 -14.55
N LEU A 1341 -19.95 -22.69 -13.84
CA LEU A 1341 -19.14 -21.64 -14.46
C LEU A 1341 -17.76 -22.17 -14.84
N GLY A 1342 -17.18 -23.04 -14.00
CA GLY A 1342 -15.90 -23.65 -14.34
C GLY A 1342 -15.99 -24.58 -15.54
N VAL A 1343 -17.09 -25.33 -15.65
CA VAL A 1343 -17.29 -26.23 -16.78
C VAL A 1343 -17.47 -25.45 -18.08
N LEU A 1344 -18.27 -24.37 -18.04
CA LEU A 1344 -18.41 -23.53 -19.23
C LEU A 1344 -17.14 -22.76 -19.56
N GLU A 1345 -16.28 -22.50 -18.57
CA GLU A 1345 -14.96 -21.93 -18.88
C GLU A 1345 -14.05 -22.97 -19.53
N THR A 1346 -14.13 -24.22 -19.08
CA THR A 1346 -13.31 -25.29 -19.66
C THR A 1346 -13.76 -25.63 -21.08
N LEU A 1347 -15.05 -25.47 -21.37
CA LEU A 1347 -15.57 -25.80 -22.69
C LEU A 1347 -15.09 -24.81 -23.75
N PHE A 1348 -15.03 -23.53 -23.41
CA PHE A 1348 -14.67 -22.48 -24.36
C PHE A 1348 -13.28 -21.90 -24.08
N ARG A 1349 -12.36 -22.73 -23.60
CA ARG A 1349 -11.04 -22.23 -23.22
C ARG A 1349 -10.17 -21.93 -24.43
N LEU A 1350 -10.16 -22.82 -25.42
CA LEU A 1350 -9.30 -22.70 -26.59
C LEU A 1350 -10.02 -22.14 -27.80
N GLU A 1351 -11.28 -21.74 -27.66
CA GLU A 1351 -12.09 -21.27 -28.77
C GLU A 1351 -12.38 -19.79 -28.61
N LYS A 1352 -12.26 -19.04 -29.72
CA LYS A 1352 -12.39 -17.59 -29.66
C LYS A 1352 -13.84 -17.14 -29.51
N ASP A 1353 -14.79 -17.83 -30.16
CA ASP A 1353 -16.18 -17.42 -30.12
C ASP A 1353 -17.09 -18.65 -30.07
N THR A 1354 -18.28 -18.46 -29.51
CA THR A 1354 -19.29 -19.50 -29.53
C THR A 1354 -19.80 -19.68 -30.96
N GLY A 1355 -19.85 -20.92 -31.42
CA GLY A 1355 -20.10 -21.16 -32.83
C GLY A 1355 -21.42 -21.79 -33.21
N SER A 1356 -22.29 -20.98 -33.84
CA SER A 1356 -23.43 -21.41 -34.63
C SER A 1356 -24.53 -22.17 -33.88
N SER A 1357 -24.44 -22.26 -32.55
CA SER A 1357 -25.44 -22.97 -31.79
C SER A 1357 -25.44 -22.45 -30.35
N ASN A 1358 -26.62 -22.45 -29.74
CA ASN A 1358 -26.74 -22.07 -28.35
C ASN A 1358 -26.25 -23.19 -27.44
N THR A 1359 -25.64 -22.81 -26.32
CA THR A 1359 -25.08 -23.76 -25.37
C THR A 1359 -25.99 -23.85 -24.15
N VAL A 1360 -26.49 -25.05 -23.88
CA VAL A 1360 -27.35 -25.33 -22.73
C VAL A 1360 -26.65 -26.37 -21.86
N LEU A 1361 -26.53 -26.08 -20.57
CA LEU A 1361 -25.85 -26.97 -19.64
C LEU A 1361 -26.75 -27.27 -18.46
N HIS A 1362 -26.84 -28.55 -18.09
CA HIS A 1362 -27.61 -29.02 -16.95
C HIS A 1362 -26.66 -29.64 -15.93
N LEU A 1363 -26.75 -29.21 -14.68
CA LEU A 1363 -26.02 -29.81 -13.57
C LEU A 1363 -27.02 -30.42 -12.61
N HIS A 1364 -27.28 -31.71 -12.79
CA HIS A 1364 -28.19 -32.42 -11.90
C HIS A 1364 -27.52 -32.67 -10.55
N VAL A 1365 -28.34 -32.72 -9.51
CA VAL A 1365 -27.87 -32.97 -8.14
C VAL A 1365 -28.42 -34.33 -7.71
N GLU A 1366 -27.51 -35.24 -7.38
CA GLU A 1366 -27.89 -36.59 -7.01
C GLU A 1366 -28.13 -36.71 -5.50
N HIS A 1377 -30.75 -31.67 17.75
CA HIS A 1377 -30.66 -31.76 19.19
C HIS A 1377 -31.82 -31.03 19.88
N PRO A 1378 -32.49 -31.72 20.81
CA PRO A 1378 -33.48 -31.02 21.65
C PRO A 1378 -32.79 -30.03 22.58
N ARG A 1379 -31.83 -30.54 23.34
CA ARG A 1379 -30.93 -29.72 24.14
C ARG A 1379 -29.70 -30.55 24.45
N ILE A 1380 -28.59 -29.87 24.69
CA ILE A 1380 -27.33 -30.56 25.00
C ILE A 1380 -26.89 -30.11 26.39
N PRO A 1381 -27.22 -30.86 27.44
CA PRO A 1381 -26.84 -30.45 28.80
C PRO A 1381 -25.35 -30.57 29.04
N SER A 1382 -24.87 -29.78 29.99
CA SER A 1382 -23.45 -29.71 30.32
C SER A 1382 -23.14 -30.71 31.42
N SER A 1383 -22.19 -31.60 31.16
CA SER A 1383 -21.79 -32.60 32.15
C SER A 1383 -20.78 -32.04 33.14
N ARG A 1384 -19.93 -31.12 32.71
CA ARG A 1384 -18.88 -30.56 33.56
C ARG A 1384 -19.41 -29.33 34.30
N LYS A 1385 -18.55 -28.74 35.13
CA LYS A 1385 -18.83 -27.50 35.84
C LYS A 1385 -17.77 -26.47 35.49
N LEU A 1386 -18.18 -25.20 35.45
CA LEU A 1386 -17.28 -24.13 35.03
C LEU A 1386 -16.27 -23.82 36.12
N GLU A 1387 -14.99 -23.91 35.77
CA GLU A 1387 -13.93 -23.53 36.71
C GLU A 1387 -13.83 -22.00 36.82
N LEU A 1388 -13.91 -21.31 35.69
CA LEU A 1388 -13.87 -19.85 35.55
C LEU A 1388 -12.60 -19.25 36.14
N ARG A 1389 -12.66 -17.97 36.50
CA ARG A 1389 -11.54 -17.26 37.11
C ARG A 1389 -12.06 -16.53 38.34
N ALA A 1390 -11.23 -16.45 39.38
CA ALA A 1390 -11.65 -15.89 40.66
C ALA A 1390 -11.95 -14.40 40.56
N GLU A 1391 -11.13 -13.64 39.83
CA GLU A 1391 -11.34 -12.22 39.63
C GLU A 1391 -11.39 -11.93 38.14
N LEU A 1392 -12.39 -11.18 37.71
CA LEU A 1392 -12.53 -10.83 36.30
C LEU A 1392 -11.42 -9.89 35.86
N CYS A 1393 -10.86 -10.15 34.69
CA CYS A 1393 -9.80 -9.32 34.15
C CYS A 1393 -10.37 -7.99 33.67
N THR A 1394 -9.73 -6.89 34.06
CA THR A 1394 -10.18 -5.55 33.71
C THR A 1394 -9.22 -4.86 32.73
N ASN A 1395 -8.52 -5.64 31.92
CA ASN A 1395 -7.62 -5.06 30.94
C ASN A 1395 -8.42 -4.41 29.82
N PRO A 1396 -8.06 -3.19 29.39
CA PRO A 1396 -8.91 -2.46 28.43
C PRO A 1396 -8.93 -3.06 27.03
N LEU A 1397 -7.97 -3.89 26.66
CA LEU A 1397 -7.97 -4.50 25.33
C LEU A 1397 -9.10 -5.50 25.16
N ILE A 1398 -9.44 -6.23 26.22
CA ILE A 1398 -10.34 -7.37 26.14
C ILE A 1398 -11.66 -7.09 26.85
N TYR A 1399 -11.62 -6.48 28.03
CA TYR A 1399 -12.82 -6.26 28.83
C TYR A 1399 -13.39 -4.88 28.54
N ASP A 1400 -14.70 -4.83 28.33
CA ASP A 1400 -15.42 -3.58 28.11
C ASP A 1400 -16.06 -3.16 29.43
N ASN A 1401 -15.66 -1.98 29.94
CA ASN A 1401 -16.14 -1.54 31.24
C ASN A 1401 -17.57 -1.04 31.18
N ALA A 1402 -17.97 -0.41 30.07
CA ALA A 1402 -19.31 0.12 29.95
C ALA A 1402 -20.12 -0.67 28.93
N PRO A 1403 -21.39 -0.96 29.22
CA PRO A 1403 -22.26 -1.60 28.22
C PRO A 1403 -22.58 -0.72 27.01
N LEU A 1404 -22.41 0.60 27.15
CA LEU A 1404 -22.54 1.61 26.08
C LEU A 1404 -23.97 1.61 25.56
N ILE A 1405 -24.22 1.39 24.27
CA ILE A 1405 -25.56 1.53 23.69
C ILE A 1405 -26.29 0.21 23.85
N ASP A 1406 -27.10 0.13 24.92
CA ASP A 1406 -27.95 -1.04 25.15
C ASP A 1406 -29.24 -0.99 24.37
N ARG A 1407 -29.67 0.20 23.92
CA ARG A 1407 -30.89 0.31 23.13
C ARG A 1407 -30.71 -0.27 21.73
N ASP A 1408 -29.54 -0.03 21.13
CA ASP A 1408 -29.25 -0.56 19.79
C ASP A 1408 -28.82 -2.02 19.90
N ALA A 1409 -29.66 -2.92 19.41
CA ALA A 1409 -29.36 -4.35 19.40
C ALA A 1409 -28.54 -4.77 18.20
N THR A 1410 -28.47 -3.95 17.16
CA THR A 1410 -27.58 -4.20 16.03
C THR A 1410 -26.14 -3.92 16.45
N ARG A 1411 -25.23 -4.83 16.06
CA ARG A 1411 -23.81 -4.81 16.37
C ARG A 1411 -23.51 -4.70 17.86
N ILE B 325 -42.79 82.52 25.40
CA ILE B 325 -42.04 82.53 24.15
C ILE B 325 -40.57 82.76 24.44
N HIS B 326 -40.29 83.74 25.31
CA HIS B 326 -38.91 84.04 25.69
C HIS B 326 -38.30 82.91 26.51
N GLU B 327 -39.09 82.29 27.38
CA GLU B 327 -38.62 81.13 28.13
C GLU B 327 -38.33 79.96 27.21
N ASP B 328 -39.18 79.76 26.19
CA ASP B 328 -38.94 78.73 25.19
C ASP B 328 -37.71 79.02 24.36
N ASN B 329 -37.44 80.31 24.09
CA ASN B 329 -36.27 80.68 23.29
C ASN B 329 -34.98 80.42 24.04
N GLN B 330 -34.97 80.63 25.37
CA GLN B 330 -33.81 80.29 26.17
C GLN B 330 -33.56 78.79 26.22
N LYS B 331 -34.63 78.00 26.19
CA LYS B 331 -34.50 76.55 26.10
C LYS B 331 -33.90 76.12 24.76
N ILE B 332 -34.31 76.77 23.67
CA ILE B 332 -33.81 76.44 22.33
C ILE B 332 -32.32 76.76 22.23
N ILE B 333 -31.91 77.92 22.74
CA ILE B 333 -30.50 78.30 22.77
C ILE B 333 -29.70 77.35 23.68
N SER B 334 -30.33 76.88 24.76
CA SER B 334 -29.69 75.92 25.67
C SER B 334 -29.38 74.59 24.97
N LYS B 335 -30.31 74.10 24.15
CA LYS B 335 -30.06 72.86 23.42
CA LYS B 335 -30.06 72.87 23.42
C LYS B 335 -29.11 73.08 22.25
N LEU B 336 -29.11 74.28 21.66
CA LEU B 336 -28.20 74.55 20.54
C LEU B 336 -26.74 74.62 20.99
N GLU B 337 -26.49 75.07 22.22
CA GLU B 337 -25.12 75.05 22.76
C GLU B 337 -24.63 73.62 22.96
N SER B 338 -25.51 72.72 23.38
CA SER B 338 -25.14 71.32 23.51
C SER B 338 -24.87 70.68 22.14
N LEU B 339 -25.59 71.12 21.11
CA LEU B 339 -25.37 70.58 19.77
C LEU B 339 -24.08 71.11 19.13
N LEU B 340 -23.63 72.30 19.55
CA LEU B 340 -22.35 72.83 19.07
C LEU B 340 -21.16 72.15 19.74
N LEU B 341 -21.37 71.36 20.78
CA LEU B 341 -20.28 70.64 21.45
C LEU B 341 -19.69 69.51 20.61
N LEU B 342 -20.36 69.09 19.54
CA LEU B 342 -19.92 67.95 18.77
C LEU B 342 -18.74 68.24 17.86
N LYS B 343 -18.36 69.52 17.71
CA LYS B 343 -17.32 69.88 16.76
C LYS B 343 -15.95 69.37 17.17
N GLY B 344 -15.65 69.38 18.47
CA GLY B 344 -14.43 68.78 18.96
C GLY B 344 -14.39 67.27 18.78
N GLU B 345 -15.54 66.62 18.85
CA GLU B 345 -15.62 65.18 18.65
C GLU B 345 -15.37 64.82 17.19
N VAL B 346 -15.87 65.63 16.25
CA VAL B 346 -15.67 65.37 14.82
C VAL B 346 -14.20 65.55 14.44
N GLU B 347 -13.54 66.55 15.04
CA GLU B 347 -12.11 66.71 14.85
C GLU B 347 -11.33 65.53 15.45
N SER B 348 -11.83 64.97 16.56
CA SER B 348 -11.22 63.78 17.15
C SER B 348 -11.37 62.57 16.23
N ILE B 349 -12.50 62.49 15.51
CA ILE B 349 -12.68 61.47 14.49
C ILE B 349 -11.68 61.67 13.35
N LYS B 350 -11.46 62.93 12.95
CA LYS B 350 -10.57 63.25 11.83
C LYS B 350 -9.12 62.86 12.13
N LYS B 351 -8.67 63.05 13.38
CA LYS B 351 -7.33 62.65 13.77
C LYS B 351 -7.17 61.13 13.75
N GLN B 352 -8.23 60.39 14.10
CA GLN B 352 -8.14 58.92 14.09
C GLN B 352 -8.06 58.38 12.67
N ILE B 353 -8.77 59.00 11.71
CA ILE B 353 -8.68 58.60 10.32
C ILE B 353 -7.29 58.95 9.76
N ASN B 354 -6.74 60.08 10.20
CA ASN B 354 -5.39 60.47 9.82
C ASN B 354 -4.35 59.50 10.37
N ARG B 355 -4.55 59.00 11.59
CA ARG B 355 -3.64 58.02 12.17
C ARG B 355 -3.68 56.69 11.41
N GLN B 356 -4.87 56.28 10.98
CA GLN B 356 -4.99 55.08 10.17
C GLN B 356 -4.35 55.25 8.79
N ASN B 357 -4.45 56.45 8.23
CA ASN B 357 -3.95 56.72 6.89
C ASN B 357 -2.42 56.60 6.83
N ILE B 358 -1.74 56.99 7.91
CA ILE B 358 -0.31 56.73 8.04
C ILE B 358 -0.04 55.24 8.12
N SER B 359 -0.87 54.50 8.88
CA SER B 359 -0.64 53.08 9.13
C SER B 359 -0.79 52.25 7.85
N ILE B 360 -1.79 52.58 7.02
CA ILE B 360 -1.98 51.88 5.76
C ILE B 360 -0.86 52.24 4.78
N SER B 361 -0.40 53.49 4.80
CA SER B 361 0.65 53.93 3.87
C SER B 361 1.98 53.25 4.15
N THR B 362 2.30 53.01 5.43
CA THR B 362 3.49 52.23 5.76
C THR B 362 3.36 50.79 5.30
N LEU B 363 2.16 50.21 5.40
CA LEU B 363 1.95 48.84 4.96
C LEU B 363 2.03 48.72 3.44
N GLU B 364 1.54 49.75 2.72
CA GLU B 364 1.66 49.76 1.27
C GLU B 364 3.11 49.94 0.84
N GLY B 365 3.89 50.70 1.61
CA GLY B 365 5.32 50.79 1.36
C GLY B 365 6.05 49.49 1.63
N HIS B 366 5.64 48.77 2.68
CA HIS B 366 6.23 47.47 2.97
C HIS B 366 5.80 46.42 1.95
N LEU B 367 4.59 46.54 1.42
CA LEU B 367 4.09 45.55 0.46
C LEU B 367 4.75 45.67 -0.90
N SER B 368 5.06 46.91 -1.33
CA SER B 368 5.65 47.12 -2.64
C SER B 368 7.12 46.75 -2.70
N SER B 369 7.77 46.51 -1.55
CA SER B 369 9.20 46.23 -1.54
C SER B 369 9.51 44.84 -2.05
N ILE B 370 8.72 43.83 -1.63
CA ILE B 370 9.01 42.45 -1.97
C ILE B 370 8.39 42.02 -3.30
N MET B 371 7.75 42.94 -4.03
CA MET B 371 7.21 42.61 -5.33
C MET B 371 8.33 42.46 -6.36
N ILE B 372 8.25 41.39 -7.15
CA ILE B 372 9.18 41.16 -8.24
C ILE B 372 8.38 40.77 -9.49
N ALA B 373 9.08 40.67 -10.61
CA ALA B 373 8.50 40.18 -11.84
C ALA B 373 8.75 38.69 -11.99
N ILE B 374 7.79 38.00 -12.61
CA ILE B 374 7.86 36.56 -12.84
C ILE B 374 7.88 36.33 -14.34
N PRO B 375 8.85 35.59 -14.88
CA PRO B 375 8.89 35.34 -16.32
C PRO B 375 7.77 34.43 -16.77
N GLY B 376 7.37 34.61 -18.03
CA GLY B 376 6.31 33.81 -18.63
C GLY B 376 5.75 34.43 -19.90
N PRO B 392 3.46 42.58 -15.82
CA PRO B 392 3.04 41.18 -15.69
C PRO B 392 2.23 40.94 -14.43
N ASP B 393 2.26 39.70 -13.91
CA ASP B 393 1.53 39.35 -12.69
C ASP B 393 1.97 40.12 -11.45
N LEU B 394 3.29 40.26 -11.24
CA LEU B 394 3.90 40.96 -10.10
C LEU B 394 3.45 40.37 -8.76
N LYS B 395 3.69 39.08 -8.57
CA LYS B 395 3.36 38.40 -7.32
C LYS B 395 4.49 38.53 -6.32
N PRO B 396 4.24 39.07 -5.12
CA PRO B 396 5.30 39.14 -4.11
C PRO B 396 5.63 37.78 -3.51
N ILE B 397 6.87 37.64 -3.06
CA ILE B 397 7.37 36.40 -2.48
C ILE B 397 7.91 36.67 -1.07
N ILE B 398 7.48 35.87 -0.10
CA ILE B 398 7.90 35.96 1.29
C ILE B 398 8.82 34.78 1.60
N GLY B 399 9.99 35.07 2.16
CA GLY B 399 10.93 34.04 2.56
C GLY B 399 10.52 33.37 3.85
N ARG B 400 11.36 32.40 4.27
CA ARG B 400 11.04 31.57 5.43
C ARG B 400 11.39 32.27 6.74
N ASP B 401 12.67 32.55 6.94
CA ASP B 401 13.16 33.12 8.19
C ASP B 401 13.36 34.63 8.06
N SER B 402 14.26 35.04 7.17
CA SER B 402 14.44 36.45 6.84
C SER B 402 14.62 36.64 5.34
N GLY B 403 14.48 35.59 4.54
CA GLY B 403 14.74 35.66 3.12
C GLY B 403 15.92 34.79 2.71
N ARG B 404 16.11 33.68 3.44
CA ARG B 404 17.21 32.78 3.15
C ARG B 404 17.01 32.05 1.83
N ALA B 405 15.77 31.70 1.51
CA ALA B 405 15.48 31.00 0.26
C ALA B 405 15.63 31.89 -0.97
N LEU B 406 15.56 33.21 -0.80
CA LEU B 406 15.57 34.11 -1.95
C LEU B 406 16.94 34.24 -2.58
N ALA B 407 18.02 33.89 -1.87
CA ALA B 407 19.35 33.92 -2.46
C ALA B 407 19.54 32.78 -3.47
N GLU B 408 18.82 31.68 -3.29
CA GLU B 408 18.98 30.50 -4.15
C GLU B 408 18.07 30.56 -5.37
N VAL B 409 16.79 30.88 -5.17
CA VAL B 409 15.81 30.81 -6.25
C VAL B 409 15.98 31.96 -7.24
N LEU B 410 16.23 33.17 -6.74
CA LEU B 410 16.19 34.36 -7.59
C LEU B 410 17.42 34.46 -8.48
N LYS B 411 17.23 35.12 -9.62
CA LYS B 411 18.33 35.38 -10.53
C LYS B 411 19.23 36.48 -9.97
N LYS B 412 20.54 36.30 -10.14
CA LYS B 412 21.50 37.26 -9.60
C LYS B 412 21.49 38.54 -10.41
N PRO B 413 21.32 39.72 -9.78
CA PRO B 413 21.29 40.99 -10.49
C PRO B 413 22.67 41.60 -10.70
N ALA C 323 -49.54 82.17 20.29
CA ALA C 323 -49.79 80.75 20.42
C ALA C 323 -49.26 79.98 19.22
N LYS C 324 -49.43 80.56 18.03
CA LYS C 324 -48.86 79.97 16.83
C LYS C 324 -47.33 80.03 16.86
N ILE C 325 -46.78 81.14 17.32
CA ILE C 325 -45.33 81.28 17.47
C ILE C 325 -44.83 80.33 18.55
N HIS C 326 -45.59 80.18 19.64
CA HIS C 326 -45.24 79.22 20.69
C HIS C 326 -45.35 77.78 20.18
N GLU C 327 -46.34 77.50 19.32
CA GLU C 327 -46.48 76.16 18.74
C GLU C 327 -45.30 75.84 17.82
N ASP C 328 -44.82 76.84 17.07
CA ASP C 328 -43.65 76.66 16.24
C ASP C 328 -42.40 76.39 17.08
N ASN C 329 -42.29 77.05 18.24
CA ASN C 329 -41.12 76.87 19.10
C ASN C 329 -41.06 75.46 19.69
N GLN C 330 -42.22 74.86 19.97
CA GLN C 330 -42.24 73.46 20.39
C GLN C 330 -41.79 72.53 19.26
N LYS C 331 -42.10 72.89 18.02
CA LYS C 331 -41.58 72.14 16.88
C LYS C 331 -40.08 72.31 16.74
N ILE C 332 -39.56 73.50 17.09
CA ILE C 332 -38.11 73.71 17.11
C ILE C 332 -37.46 72.83 18.17
N ILE C 333 -38.08 72.74 19.36
CA ILE C 333 -37.54 71.96 20.46
C ILE C 333 -37.50 70.47 20.11
N SER C 334 -38.55 69.97 19.47
CA SER C 334 -38.63 68.54 19.12
C SER C 334 -37.56 68.15 18.10
N LYS C 335 -37.25 69.04 17.15
CA LYS C 335 -36.16 68.77 16.22
C LYS C 335 -34.79 68.80 16.90
N LEU C 336 -34.62 69.67 17.91
CA LEU C 336 -33.35 69.71 18.63
C LEU C 336 -33.13 68.46 19.48
N GLU C 337 -34.21 67.91 20.04
CA GLU C 337 -34.11 66.65 20.78
C GLU C 337 -33.76 65.49 19.85
N SER C 338 -34.24 65.54 18.60
CA SER C 338 -33.90 64.53 17.62
C SER C 338 -32.41 64.60 17.25
N LEU C 339 -31.86 65.82 17.20
CA LEU C 339 -30.43 65.96 16.98
C LEU C 339 -29.62 65.48 18.19
N LEU C 340 -30.19 65.60 19.40
CA LEU C 340 -29.53 65.05 20.58
C LEU C 340 -29.52 63.52 20.57
N LEU C 341 -30.52 62.89 19.96
CA LEU C 341 -30.49 61.44 19.78
C LEU C 341 -29.40 61.03 18.80
N LEU C 342 -29.09 61.90 17.83
CA LEU C 342 -28.04 61.63 16.87
C LEU C 342 -26.65 61.77 17.49
N LYS C 343 -26.55 62.52 18.59
CA LYS C 343 -25.27 62.77 19.27
C LYS C 343 -24.64 61.47 19.78
N GLY C 344 -25.45 60.58 20.36
CA GLY C 344 -24.93 59.32 20.84
C GLY C 344 -24.45 58.38 19.75
N GLU C 345 -25.13 58.39 18.60
CA GLU C 345 -24.75 57.50 17.50
C GLU C 345 -23.42 57.91 16.88
N VAL C 346 -23.19 59.22 16.72
CA VAL C 346 -21.93 59.72 16.18
C VAL C 346 -20.78 59.42 17.15
N GLU C 347 -21.06 59.49 18.46
CA GLU C 347 -20.08 59.10 19.46
C GLU C 347 -19.75 57.61 19.38
N SER C 348 -20.74 56.79 18.99
CA SER C 348 -20.50 55.37 18.82
C SER C 348 -19.60 55.07 17.62
N ILE C 349 -19.65 55.93 16.60
CA ILE C 349 -18.78 55.78 15.43
C ILE C 349 -17.32 55.98 15.82
N LYS C 350 -17.07 56.95 16.71
CA LYS C 350 -15.70 57.27 17.13
C LYS C 350 -15.05 56.12 17.89
N LYS C 351 -15.85 55.37 18.65
CA LYS C 351 -15.35 54.18 19.33
C LYS C 351 -14.94 53.09 18.32
N GLN C 352 -15.73 52.89 17.27
CA GLN C 352 -15.42 51.84 16.30
C GLN C 352 -14.21 52.20 15.44
N ILE C 353 -14.05 53.48 15.11
CA ILE C 353 -12.87 53.92 14.36
C ILE C 353 -11.63 53.78 15.24
N ASN C 354 -11.76 54.07 16.53
CA ASN C 354 -10.65 53.90 17.48
C ASN C 354 -10.27 52.43 17.63
N ARG C 355 -11.25 51.53 17.68
CA ARG C 355 -10.97 50.10 17.77
C ARG C 355 -10.33 49.57 16.48
N GLN C 356 -10.72 50.11 15.34
CA GLN C 356 -10.13 49.69 14.07
C GLN C 356 -8.68 50.14 13.94
N ASN C 357 -8.33 51.30 14.51
CA ASN C 357 -6.94 51.77 14.44
C ASN C 357 -6.03 50.93 15.30
N ILE C 358 -6.52 50.44 16.44
CA ILE C 358 -5.76 49.49 17.25
C ILE C 358 -5.60 48.17 16.50
N SER C 359 -6.66 47.71 15.83
CA SER C 359 -6.62 46.47 15.08
C SER C 359 -5.66 46.54 13.90
N ILE C 360 -5.64 47.67 13.19
CA ILE C 360 -4.75 47.78 12.04
C ILE C 360 -3.31 48.01 12.49
N SER C 361 -3.10 48.57 13.70
CA SER C 361 -1.75 48.78 14.19
C SER C 361 -1.10 47.45 14.62
N THR C 362 -1.87 46.58 15.28
CA THR C 362 -1.38 45.24 15.58
C THR C 362 -1.21 44.43 14.30
N LEU C 363 -2.08 44.65 13.31
CA LEU C 363 -1.91 44.05 11.99
C LEU C 363 -0.64 44.57 11.33
N GLU C 364 -0.32 45.85 11.54
CA GLU C 364 0.89 46.43 11.00
C GLU C 364 2.14 45.83 11.64
N GLY C 365 2.08 45.59 12.95
CA GLY C 365 3.21 44.97 13.65
C GLY C 365 3.48 43.56 13.19
N HIS C 366 2.42 42.78 12.95
CA HIS C 366 2.60 41.43 12.42
C HIS C 366 3.03 41.45 10.96
N LEU C 367 2.53 42.41 10.17
CA LEU C 367 2.94 42.49 8.76
C LEU C 367 4.38 42.96 8.63
N SER C 368 4.83 43.85 9.51
CA SER C 368 6.22 44.30 9.46
C SER C 368 7.19 43.21 9.90
N SER C 369 6.75 42.26 10.71
CA SER C 369 7.61 41.15 11.11
C SER C 369 7.84 40.17 9.98
N ILE C 370 6.85 39.99 9.11
CA ILE C 370 6.90 38.91 8.12
C ILE C 370 7.74 39.31 6.92
N MET C 371 7.36 40.36 6.22
CA MET C 371 8.00 40.71 4.95
C MET C 371 9.20 41.62 5.21
N ILE C 372 10.28 41.01 5.69
CA ILE C 372 11.57 41.68 5.87
C ILE C 372 12.58 41.24 4.81
N ALA C 373 12.14 40.56 3.75
CA ALA C 373 13.06 40.05 2.74
C ALA C 373 13.66 41.18 1.91
N ILE C 374 12.81 42.11 1.46
CA ILE C 374 13.08 43.25 0.57
C ILE C 374 14.10 42.98 -0.56
N PRO C 375 13.80 42.05 -1.50
CA PRO C 375 14.79 41.72 -2.52
C PRO C 375 14.98 42.82 -3.58
N SER C 429 8.37 48.10 -9.87
CA SER C 429 8.58 47.26 -8.70
C SER C 429 9.07 45.86 -9.10
N ARG C 430 10.18 45.80 -9.82
CA ARG C 430 10.76 44.54 -10.25
C ARG C 430 12.26 44.54 -9.97
N GLY C 431 12.76 43.48 -9.33
CA GLY C 431 14.18 43.38 -9.06
C GLY C 431 14.84 42.10 -9.51
N GLN C 432 14.08 41.01 -9.59
CA GLN C 432 14.61 39.69 -9.89
C GLN C 432 13.60 38.90 -10.70
N LEU C 433 14.03 37.73 -11.18
CA LEU C 433 13.19 36.78 -11.88
C LEU C 433 13.46 35.38 -11.36
N LEU C 434 12.46 34.51 -11.45
CA LEU C 434 12.65 33.12 -11.06
C LEU C 434 13.49 32.40 -12.11
N LYS C 435 14.38 31.52 -11.64
CA LYS C 435 15.30 30.81 -12.53
C LYS C 435 14.66 29.51 -13.00
N GLU C 436 13.63 29.67 -13.83
CA GLU C 436 12.92 28.59 -14.54
C GLU C 436 12.34 27.56 -13.57
N PHE C 437 11.57 28.03 -12.60
CA PHE C 437 10.81 27.18 -11.71
C PHE C 437 9.39 26.96 -12.18
N GLN C 438 9.03 27.46 -13.36
CA GLN C 438 7.69 27.31 -13.91
C GLN C 438 7.49 25.87 -14.42
N LEU C 439 6.23 25.55 -14.71
CA LEU C 439 5.89 24.21 -15.18
C LEU C 439 6.33 23.95 -16.60
N LYS C 440 6.56 25.01 -17.41
CA LYS C 440 6.86 24.96 -18.84
C LYS C 440 5.80 24.16 -19.59
N PRO C 441 4.62 24.73 -19.83
CA PRO C 441 3.50 23.95 -20.43
C PRO C 441 3.83 23.44 -21.83
N ILE C 442 3.22 22.31 -22.16
CA ILE C 442 3.65 21.51 -23.30
C ILE C 442 3.28 22.19 -24.61
N GLY C 443 4.18 22.09 -25.60
CA GLY C 443 3.92 22.62 -26.91
C GLY C 443 3.11 21.66 -27.77
N LYS C 444 2.67 22.17 -28.92
CA LYS C 444 1.91 21.35 -29.86
C LYS C 444 2.79 20.29 -30.51
N LYS C 445 4.05 20.63 -30.81
CA LYS C 445 4.95 19.68 -31.44
C LYS C 445 5.40 18.59 -30.46
N MET C 446 5.63 18.94 -29.21
CA MET C 446 6.13 17.99 -28.22
C MET C 446 5.04 17.02 -27.80
N SER C 447 5.43 15.77 -27.57
CA SER C 447 4.49 14.74 -27.13
C SER C 447 4.33 14.74 -25.61
N SER C 448 3.22 14.17 -25.17
CA SER C 448 2.90 14.10 -23.75
C SER C 448 1.94 12.93 -23.53
N ALA C 449 1.41 12.80 -22.32
CA ALA C 449 0.42 11.77 -22.04
C ALA C 449 -0.94 12.10 -22.64
N VAL C 450 -1.19 13.38 -22.95
CA VAL C 450 -2.41 13.77 -23.62
C VAL C 450 -2.46 13.22 -25.04
N GLY C 451 -1.34 13.30 -25.77
CA GLY C 451 -1.31 12.78 -27.12
C GLY C 451 0.10 12.70 -27.65
N PHE C 452 0.23 11.98 -28.77
CA PHE C 452 1.51 11.77 -29.43
C PHE C 452 1.59 12.64 -30.69
N VAL C 453 2.61 13.48 -30.76
CA VAL C 453 2.92 14.27 -31.95
C VAL C 453 4.35 13.95 -32.36
N PRO C 454 4.61 13.63 -33.63
CA PRO C 454 5.97 13.30 -34.05
C PRO C 454 6.90 14.50 -33.98
N ASP C 455 8.09 14.27 -33.44
CA ASP C 455 9.10 15.31 -33.27
C ASP C 455 10.46 14.65 -33.08
N THR C 456 11.50 15.47 -33.14
CA THR C 456 12.92 15.16 -32.92
C THR C 456 13.35 14.08 -33.93
N GLY C 457 14.10 13.06 -33.50
CA GLY C 457 14.74 12.15 -34.42
C GLY C 457 14.27 10.72 -34.37
N PRO C 458 15.05 9.85 -33.71
CA PRO C 458 14.90 8.41 -33.95
C PRO C 458 13.68 7.76 -33.31
N ALA C 459 13.19 8.29 -32.18
CA ALA C 459 12.13 7.60 -31.45
C ALA C 459 10.79 7.72 -32.15
N SER C 460 10.52 8.86 -32.79
CA SER C 460 9.22 9.12 -33.40
C SER C 460 8.95 8.19 -34.58
N ARG C 461 9.97 7.92 -35.39
CA ARG C 461 9.84 6.99 -36.50
C ARG C 461 9.51 5.58 -36.01
N SER C 462 10.14 5.18 -34.90
CA SER C 462 9.86 3.88 -34.29
C SER C 462 8.43 3.81 -33.76
N VAL C 463 7.93 4.92 -33.19
CA VAL C 463 6.55 4.93 -32.70
C VAL C 463 5.55 4.83 -33.85
N ILE C 464 5.78 5.57 -34.94
CA ILE C 464 4.88 5.48 -36.11
C ILE C 464 4.93 4.08 -36.72
N ARG C 465 6.13 3.48 -36.77
CA ARG C 465 6.27 2.12 -37.28
C ARG C 465 5.55 1.11 -36.39
N SER C 466 5.56 1.33 -35.07
CA SER C 466 4.83 0.46 -34.15
C SER C 466 3.32 0.60 -34.31
N ILE C 467 2.84 1.82 -34.57
CA ILE C 467 1.40 2.02 -34.81
C ILE C 467 0.96 1.35 -36.11
N ILE C 468 1.81 1.38 -37.14
CA ILE C 468 1.48 0.65 -38.36
C ILE C 468 1.50 -0.86 -38.12
N LYS C 469 2.50 -1.38 -37.40
CA LYS C 469 2.59 -2.82 -37.19
C LYS C 469 1.53 -3.34 -36.23
N SER C 470 0.98 -2.50 -35.36
CA SER C 470 -0.07 -2.93 -34.44
C SER C 470 -1.47 -2.75 -34.99
N SER C 471 -1.62 -2.23 -36.21
CA SER C 471 -2.93 -1.85 -36.72
C SER C 471 -3.68 -3.08 -37.24
N ARG C 472 -4.97 -2.87 -37.52
CA ARG C 472 -5.84 -3.87 -38.12
C ARG C 472 -5.92 -3.75 -39.63
N LEU C 473 -4.95 -3.09 -40.26
CA LEU C 473 -4.95 -2.88 -41.70
C LEU C 473 -4.48 -4.15 -42.41
N GLU C 474 -4.64 -4.14 -43.74
CA GLU C 474 -4.13 -5.21 -44.57
C GLU C 474 -2.62 -5.10 -44.72
N GLU C 475 -1.98 -6.24 -45.00
CA GLU C 475 -0.52 -6.32 -44.93
C GLU C 475 0.15 -5.56 -46.08
N ASP C 476 -0.46 -5.59 -47.27
CA ASP C 476 0.08 -4.85 -48.41
C ASP C 476 0.00 -3.34 -48.18
N ARG C 477 -1.11 -2.89 -47.59
CA ARG C 477 -1.24 -1.47 -47.24
C ARG C 477 -0.24 -1.06 -46.17
N LYS C 478 0.02 -1.96 -45.21
CA LYS C 478 1.02 -1.68 -44.19
C LYS C 478 2.42 -1.58 -44.79
N ARG C 479 2.75 -2.47 -45.74
CA ARG C 479 4.05 -2.41 -46.41
C ARG C 479 4.19 -1.14 -47.26
N TYR C 480 3.10 -0.74 -47.93
CA TYR C 480 3.10 0.50 -48.70
C TYR C 480 3.29 1.72 -47.80
N LEU C 481 2.66 1.71 -46.63
CA LEU C 481 2.89 2.79 -45.66
C LEU C 481 4.30 2.77 -45.09
N MET C 482 4.91 1.58 -44.96
CA MET C 482 6.32 1.52 -44.59
C MET C 482 7.21 2.17 -45.63
N THR C 483 6.92 1.91 -46.92
CA THR C 483 7.68 2.56 -47.99
C THR C 483 7.52 4.08 -47.98
N LEU C 484 6.27 4.55 -47.77
CA LEU C 484 6.04 5.99 -47.69
C LEU C 484 6.70 6.61 -46.45
N LEU C 485 6.73 5.88 -45.33
CA LEU C 485 7.36 6.40 -44.12
C LEU C 485 8.88 6.45 -44.27
N ASP C 486 9.47 5.48 -44.98
CA ASP C 486 10.89 5.55 -45.26
C ASP C 486 11.21 6.65 -46.27
N ASP C 487 10.25 7.02 -47.11
CA ASP C 487 10.48 8.11 -48.05
C ASP C 487 10.54 9.47 -47.35
N ILE C 488 9.71 9.68 -46.33
CA ILE C 488 9.52 10.99 -45.72
C ILE C 488 10.70 11.30 -44.80
N LYS C 489 11.28 12.49 -44.98
CA LYS C 489 12.42 12.98 -44.20
C LYS C 489 12.10 14.13 -43.27
N GLY C 490 11.27 15.08 -43.70
CA GLY C 490 11.04 16.30 -42.93
C GLY C 490 10.17 16.08 -41.71
N ALA C 491 10.34 16.99 -40.74
CA ALA C 491 9.59 16.88 -39.49
C ALA C 491 8.13 17.27 -39.67
N ASN C 492 7.86 18.30 -40.46
CA ASN C 492 6.48 18.67 -40.76
C ASN C 492 5.81 17.63 -41.64
N ASP C 493 6.57 17.00 -42.53
CA ASP C 493 6.00 15.96 -43.38
C ASP C 493 5.77 14.66 -42.61
N LEU C 494 6.50 14.46 -41.50
CA LEU C 494 6.18 13.36 -40.60
C LEU C 494 4.84 13.60 -39.90
N ALA C 495 4.54 14.85 -39.58
CA ALA C 495 3.26 15.19 -38.95
C ALA C 495 2.11 15.01 -39.93
N LYS C 496 2.34 15.30 -41.22
CA LYS C 496 1.32 15.08 -42.23
C LYS C 496 1.06 13.61 -42.48
N PHE C 497 2.10 12.77 -42.33
CA PHE C 497 1.92 11.32 -42.43
C PHE C 497 1.11 10.80 -41.25
N HIS C 498 1.33 11.34 -40.05
CA HIS C 498 0.65 10.85 -38.85
C HIS C 498 -0.84 11.19 -38.88
N GLN C 499 -1.20 12.37 -39.39
CA GLN C 499 -2.60 12.70 -39.55
C GLN C 499 -3.25 11.87 -40.66
N MET C 500 -2.47 11.53 -41.69
CA MET C 500 -2.98 10.65 -42.74
C MET C 500 -3.08 9.21 -42.26
N LEU C 501 -2.15 8.79 -41.39
CA LEU C 501 -2.19 7.44 -40.85
C LEU C 501 -3.39 7.22 -39.94
N MET C 502 -3.69 8.20 -39.09
CA MET C 502 -4.82 8.06 -38.16
C MET C 502 -6.15 8.15 -38.90
N LYS C 503 -6.19 8.83 -40.05
CA LYS C 503 -7.39 8.85 -40.87
C LYS C 503 -7.68 7.46 -41.45
N ILE C 504 -6.65 6.72 -41.83
CA ILE C 504 -6.84 5.38 -42.40
C ILE C 504 -7.30 4.41 -41.34
N ILE C 505 -6.76 4.52 -40.12
CA ILE C 505 -7.14 3.62 -39.02
C ILE C 505 -8.58 3.89 -38.60
N MET C 506 -8.99 5.16 -38.56
CA MET C 506 -10.37 5.50 -38.23
C MET C 506 -11.34 5.07 -39.33
N LYS C 507 -10.91 5.13 -40.60
CA LYS C 507 -11.76 4.73 -41.71
C LYS C 507 -11.83 3.21 -41.81
N LYS D 324 -36.72 91.53 21.46
CA LYS D 324 -35.84 90.58 22.14
C LYS D 324 -36.05 89.19 21.53
N ILE D 325 -37.31 88.91 21.19
CA ILE D 325 -37.65 87.64 20.54
C ILE D 325 -37.04 87.58 19.14
N HIS D 326 -37.06 88.71 18.43
CA HIS D 326 -36.39 88.79 17.13
C HIS D 326 -34.88 88.65 17.26
N GLU D 327 -34.30 89.22 18.33
CA GLU D 327 -32.87 89.07 18.56
C GLU D 327 -32.51 87.63 18.87
N ASP D 328 -33.34 86.94 19.66
CA ASP D 328 -33.10 85.54 19.98
C ASP D 328 -33.23 84.65 18.75
N ASN D 329 -34.16 84.99 17.84
CA ASN D 329 -34.35 84.19 16.63
C ASN D 329 -33.16 84.28 15.69
N GLN D 330 -32.53 85.45 15.60
CA GLN D 330 -31.33 85.61 14.79
C GLN D 330 -30.16 84.82 15.38
N LYS D 331 -30.10 84.71 16.71
CA LYS D 331 -29.08 83.89 17.35
C LYS D 331 -29.31 82.40 17.06
N ILE D 332 -30.58 81.98 17.00
CA ILE D 332 -30.90 80.60 16.65
C ILE D 332 -30.48 80.30 15.21
N ILE D 333 -30.74 81.24 14.29
CA ILE D 333 -30.36 81.09 12.89
C ILE D 333 -28.85 80.98 12.73
N SER D 334 -28.10 81.80 13.49
CA SER D 334 -26.63 81.78 13.42
C SER D 334 -26.07 80.45 13.91
N LYS D 335 -26.65 79.89 14.98
CA LYS D 335 -26.22 78.57 15.44
C LYS D 335 -26.64 77.45 14.48
N LEU D 336 -27.78 77.60 13.80
CA LEU D 336 -28.19 76.61 12.81
C LEU D 336 -27.26 76.62 11.59
N GLU D 337 -26.80 77.79 11.18
CA GLU D 337 -25.86 77.88 10.07
C GLU D 337 -24.50 77.28 10.44
N SER D 338 -24.11 77.38 11.72
CA SER D 338 -22.87 76.75 12.18
C SER D 338 -22.97 75.24 12.13
N LEU D 339 -24.13 74.69 12.50
CA LEU D 339 -24.33 73.24 12.40
C LEU D 339 -24.42 72.79 10.94
N LEU D 340 -24.92 73.65 10.06
CA LEU D 340 -24.91 73.33 8.63
C LEU D 340 -23.51 73.32 8.05
N LEU D 341 -22.62 74.17 8.57
CA LEU D 341 -21.22 74.10 8.16
C LEU D 341 -20.55 72.83 8.69
N LEU D 342 -21.03 72.31 9.82
CA LEU D 342 -20.50 71.06 10.35
C LEU D 342 -20.87 69.87 9.48
N LYS D 343 -22.00 69.95 8.75
CA LYS D 343 -22.42 68.86 7.89
C LYS D 343 -21.45 68.61 6.74
N GLY D 344 -20.89 69.67 6.17
CA GLY D 344 -19.94 69.51 5.09
C GLY D 344 -18.65 68.84 5.51
N GLU D 345 -18.21 69.09 6.75
CA GLU D 345 -17.04 68.41 7.29
C GLU D 345 -17.33 66.92 7.52
N VAL D 346 -18.56 66.60 7.93
CA VAL D 346 -18.97 65.20 8.11
C VAL D 346 -18.99 64.46 6.77
N GLU D 347 -19.42 65.14 5.70
CA GLU D 347 -19.38 64.53 4.37
C GLU D 347 -17.94 64.32 3.89
N SER D 348 -17.03 65.20 4.30
CA SER D 348 -15.61 65.01 3.98
C SER D 348 -15.03 63.81 4.72
N ILE D 349 -15.57 63.51 5.91
CA ILE D 349 -15.19 62.30 6.63
C ILE D 349 -15.60 61.05 5.86
N LYS D 350 -16.79 61.10 5.25
CA LYS D 350 -17.32 59.96 4.47
C LYS D 350 -16.45 59.67 3.25
N LYS D 351 -15.95 60.70 2.57
CA LYS D 351 -15.09 60.49 1.42
C LYS D 351 -13.73 59.93 1.83
N GLN D 352 -13.20 60.36 2.98
CA GLN D 352 -11.91 59.85 3.43
C GLN D 352 -12.00 58.42 3.92
N ILE D 353 -13.12 58.05 4.56
CA ILE D 353 -13.33 56.67 4.98
C ILE D 353 -13.44 55.75 3.77
N ASN D 354 -14.15 56.20 2.74
CA ASN D 354 -14.33 55.40 1.52
C ASN D 354 -13.01 55.24 0.76
N ARG D 355 -12.16 56.27 0.79
CA ARG D 355 -10.87 56.17 0.13
C ARG D 355 -9.95 55.17 0.82
N GLN D 356 -9.96 55.16 2.16
CA GLN D 356 -9.14 54.19 2.90
C GLN D 356 -9.69 52.77 2.77
N ASN D 357 -11.00 52.62 2.55
CA ASN D 357 -11.58 51.30 2.37
C ASN D 357 -11.10 50.64 1.09
N ILE D 358 -10.90 51.42 0.03
CA ILE D 358 -10.33 50.91 -1.20
C ILE D 358 -8.87 50.50 -0.98
N SER D 359 -8.14 51.27 -0.16
CA SER D 359 -6.73 50.99 0.10
C SER D 359 -6.56 49.68 0.87
N ILE D 360 -7.47 49.38 1.79
CA ILE D 360 -7.45 48.08 2.45
C ILE D 360 -7.78 46.97 1.46
N SER D 361 -8.70 47.24 0.55
CA SER D 361 -9.15 46.24 -0.42
C SER D 361 -8.05 45.87 -1.40
N THR D 362 -7.28 46.85 -1.86
CA THR D 362 -6.21 46.52 -2.80
C THR D 362 -5.02 45.87 -2.10
N LEU D 363 -4.80 46.16 -0.81
CA LEU D 363 -3.78 45.45 -0.05
C LEU D 363 -4.18 44.00 0.19
N GLU D 364 -5.48 43.75 0.39
CA GLU D 364 -5.97 42.38 0.59
C GLU D 364 -5.79 41.55 -0.67
N GLY D 365 -5.88 42.18 -1.85
CA GLY D 365 -5.60 41.49 -3.08
C GLY D 365 -4.15 41.07 -3.22
N HIS D 366 -3.22 41.93 -2.78
CA HIS D 366 -1.80 41.61 -2.89
C HIS D 366 -1.36 40.56 -1.87
N LEU D 367 -1.98 40.53 -0.68
CA LEU D 367 -1.73 39.41 0.21
C LEU D 367 -2.40 38.12 -0.25
N SER D 368 -3.38 38.22 -1.15
CA SER D 368 -3.94 37.00 -1.75
C SER D 368 -2.99 36.41 -2.79
N SER D 369 -2.11 37.22 -3.37
CA SER D 369 -1.22 36.81 -4.45
C SER D 369 0.21 36.57 -3.99
N ILE D 370 0.41 36.07 -2.78
CA ILE D 370 1.74 35.81 -2.23
C ILE D 370 2.18 34.42 -2.65
N MET D 371 3.43 34.27 -3.05
CA MET D 371 4.04 32.96 -3.26
C MET D 371 5.07 32.69 -2.19
N ILE D 372 5.07 31.46 -1.66
CA ILE D 372 5.91 31.08 -0.53
C ILE D 372 7.13 30.34 -1.06
N ALA D 373 8.32 30.74 -0.59
CA ALA D 373 9.58 30.16 -1.01
C ALA D 373 10.14 29.28 0.09
N ILE D 374 10.63 28.10 -0.29
CA ILE D 374 11.16 27.11 0.64
C ILE D 374 12.64 26.95 0.34
N PRO D 375 13.53 27.03 1.33
CA PRO D 375 14.96 26.84 1.08
C PRO D 375 15.29 25.37 0.83
N GLY D 376 16.55 25.14 0.47
CA GLY D 376 16.98 23.81 0.07
C GLY D 376 17.47 22.94 1.22
N LEU D 377 18.28 23.52 2.11
CA LEU D 377 18.86 22.79 3.22
C LEU D 377 18.45 23.45 4.53
N GLY D 378 18.13 22.62 5.52
CA GLY D 378 17.94 23.12 6.87
C GLY D 378 19.26 23.63 7.44
N LYS D 379 19.16 24.63 8.31
CA LYS D 379 20.37 25.31 8.77
C LYS D 379 21.11 24.49 9.82
N ASP D 380 20.45 24.24 10.95
CA ASP D 380 21.04 23.44 12.02
C ASP D 380 20.13 22.29 12.42
N LYS E 324 -42.77 89.24 11.47
CA LYS E 324 -41.33 89.09 11.26
C LYS E 324 -40.80 87.91 12.07
N ILE E 325 -41.27 87.80 13.31
CA ILE E 325 -40.86 86.71 14.19
C ILE E 325 -41.40 85.38 13.67
N HIS E 326 -42.63 85.37 13.18
CA HIS E 326 -43.21 84.17 12.57
C HIS E 326 -42.49 83.81 11.27
N GLU E 327 -42.06 84.81 10.51
CA GLU E 327 -41.26 84.54 9.31
C GLU E 327 -39.89 83.98 9.69
N ASP E 328 -39.31 84.45 10.80
CA ASP E 328 -38.05 83.91 11.27
C ASP E 328 -38.18 82.46 11.72
N ASN E 329 -39.36 82.09 12.25
CA ASN E 329 -39.59 80.71 12.66
C ASN E 329 -39.63 79.77 11.46
N GLN E 330 -40.16 80.23 10.32
CA GLN E 330 -40.13 79.43 9.11
C GLN E 330 -38.70 79.23 8.60
N LYS E 331 -37.85 80.25 8.75
CA LYS E 331 -36.44 80.11 8.39
C LYS E 331 -35.73 79.13 9.31
N ILE E 332 -36.06 79.16 10.61
CA ILE E 332 -35.46 78.24 11.58
C ILE E 332 -35.83 76.80 11.27
N ILE E 333 -37.10 76.55 10.95
CA ILE E 333 -37.56 75.21 10.57
C ILE E 333 -36.91 74.77 9.25
N SER E 334 -36.77 75.69 8.30
CA SER E 334 -36.16 75.38 7.01
C SER E 334 -34.68 75.00 7.15
N LYS E 335 -33.96 75.67 8.05
CA LYS E 335 -32.58 75.27 8.32
C LYS E 335 -32.53 73.99 9.15
N LEU E 336 -33.56 73.73 9.96
CA LEU E 336 -33.57 72.54 10.80
CA LEU E 336 -33.57 72.54 10.80
C LEU E 336 -33.85 71.26 10.01
N GLU E 337 -34.46 71.39 8.83
CA GLU E 337 -34.81 70.21 8.04
C GLU E 337 -33.58 69.48 7.52
N SER E 338 -32.56 70.23 7.09
CA SER E 338 -31.33 69.61 6.59
C SER E 338 -30.54 68.93 7.70
N LEU E 339 -30.63 69.44 8.92
CA LEU E 339 -29.99 68.78 10.06
C LEU E 339 -30.68 67.47 10.40
N LEU E 340 -32.00 67.40 10.18
CA LEU E 340 -32.70 66.12 10.35
C LEU E 340 -32.31 65.12 9.28
N LEU E 341 -31.95 65.60 8.08
CA LEU E 341 -31.47 64.72 7.01
C LEU E 341 -30.06 64.21 7.24
N LEU E 342 -29.34 64.75 8.23
CA LEU E 342 -27.99 64.28 8.55
C LEU E 342 -27.98 62.85 9.09
N LYS E 343 -29.11 62.36 9.62
CA LYS E 343 -29.17 61.02 10.18
C LYS E 343 -28.97 59.93 9.14
N GLY E 344 -29.40 60.17 7.90
CA GLY E 344 -29.12 59.22 6.84
C GLY E 344 -27.64 59.16 6.48
N GLU E 345 -26.95 60.30 6.56
CA GLU E 345 -25.51 60.31 6.32
C GLU E 345 -24.75 59.64 7.46
N VAL E 346 -25.21 59.81 8.70
CA VAL E 346 -24.56 59.19 9.85
C VAL E 346 -24.73 57.67 9.79
N GLU E 347 -25.90 57.20 9.38
CA GLU E 347 -26.12 55.77 9.16
C GLU E 347 -25.27 55.23 8.01
N SER E 348 -24.95 56.08 7.03
CA SER E 348 -24.08 55.66 5.93
C SER E 348 -22.65 55.43 6.41
N ILE E 349 -22.18 56.23 7.37
CA ILE E 349 -20.86 56.01 7.97
C ILE E 349 -20.83 54.68 8.72
N LYS E 350 -21.95 54.30 9.34
CA LYS E 350 -22.04 53.03 10.07
C LYS E 350 -21.84 51.84 9.14
N LYS E 351 -22.42 51.90 7.93
CA LYS E 351 -22.25 50.80 6.97
C LYS E 351 -20.82 50.73 6.45
N GLN E 352 -20.17 51.88 6.26
CA GLN E 352 -18.79 51.89 5.78
C GLN E 352 -17.82 51.33 6.82
N ILE E 353 -18.07 51.59 8.10
CA ILE E 353 -17.25 51.03 9.16
C ILE E 353 -17.47 49.52 9.27
N ASN E 354 -18.72 49.07 9.07
CA ASN E 354 -19.02 47.64 9.08
C ASN E 354 -18.36 46.91 7.92
N ARG E 355 -18.33 47.54 6.74
CA ARG E 355 -17.61 46.95 5.62
C ARG E 355 -16.10 47.00 5.85
N GLN E 356 -15.63 48.00 6.58
CA GLN E 356 -14.19 48.16 6.82
C GLN E 356 -13.66 47.07 7.75
N ASN E 357 -14.42 46.71 8.78
CA ASN E 357 -13.93 45.72 9.74
C ASN E 357 -13.95 44.29 9.19
N ILE E 358 -14.83 44.03 8.22
CA ILE E 358 -14.73 42.77 7.47
C ILE E 358 -13.45 42.74 6.63
N SER E 359 -13.11 43.87 6.01
CA SER E 359 -11.94 43.94 5.14
C SER E 359 -10.65 43.77 5.92
N ILE E 360 -10.58 44.32 7.14
CA ILE E 360 -9.46 44.05 8.03
C ILE E 360 -9.44 42.59 8.46
N SER E 361 -10.61 42.00 8.67
CA SER E 361 -10.71 40.62 9.12
C SER E 361 -10.20 39.63 8.06
N THR E 362 -10.37 39.98 6.78
CA THR E 362 -9.76 39.19 5.71
C THR E 362 -8.24 39.23 5.80
N LEU E 363 -7.68 40.40 6.09
CA LEU E 363 -6.24 40.55 6.22
C LEU E 363 -5.70 39.76 7.41
N GLU E 364 -6.43 39.79 8.54
CA GLU E 364 -6.03 39.01 9.71
C GLU E 364 -6.16 37.51 9.45
N GLY E 365 -7.17 37.10 8.68
CA GLY E 365 -7.29 35.70 8.30
C GLY E 365 -6.16 35.26 7.38
N HIS E 366 -5.72 36.15 6.49
CA HIS E 366 -4.57 35.85 5.65
C HIS E 366 -3.27 35.88 6.45
N LEU E 367 -3.18 36.78 7.43
CA LEU E 367 -2.00 36.80 8.30
C LEU E 367 -1.97 35.58 9.22
N SER E 368 -3.13 35.09 9.64
CA SER E 368 -3.18 33.92 10.52
C SER E 368 -2.71 32.66 9.81
N SER E 369 -3.10 32.49 8.55
CA SER E 369 -2.74 31.28 7.82
C SER E 369 -1.27 31.28 7.40
N ILE E 370 -0.75 32.43 6.98
CA ILE E 370 0.63 32.53 6.53
C ILE E 370 1.61 32.30 7.69
N MET E 371 1.28 32.83 8.86
CA MET E 371 2.19 32.80 10.01
C MET E 371 2.44 31.38 10.52
N ILE E 372 1.42 30.53 10.48
CA ILE E 372 1.59 29.20 11.05
C ILE E 372 1.97 28.17 9.98
N ALA E 373 1.80 28.51 8.70
CA ALA E 373 2.31 27.64 7.64
C ALA E 373 3.83 27.75 7.50
N ILE E 374 4.36 28.96 7.63
CA ILE E 374 5.81 29.20 7.58
C ILE E 374 6.36 29.12 9.00
N PRO E 375 7.29 28.21 9.29
CA PRO E 375 7.78 28.06 10.66
C PRO E 375 8.73 29.19 11.06
N GLY E 376 8.72 29.49 12.35
CA GLY E 376 9.60 30.50 12.89
C GLY E 376 9.26 31.92 12.56
N LEU E 377 7.99 32.21 12.23
CA LEU E 377 7.57 33.52 11.79
C LEU E 377 6.63 34.19 12.79
N GLY E 378 6.33 33.53 13.91
CA GLY E 378 5.23 33.92 14.78
C GLY E 378 5.44 35.19 15.59
N LYS E 379 6.66 35.74 15.60
CA LYS E 379 7.04 36.93 16.37
C LYS E 379 6.81 36.69 17.88
N ASP E 380 7.39 35.58 18.34
CA ASP E 380 7.29 35.10 19.72
C ASP E 380 5.88 35.02 20.33
N PRO E 381 4.99 34.18 19.79
CA PRO E 381 3.69 33.97 20.44
C PRO E 381 3.59 32.70 21.28
N ASN E 382 4.71 32.02 21.54
CA ASN E 382 4.77 30.69 22.16
C ASN E 382 4.00 29.65 21.34
N ASP E 383 4.57 29.32 20.17
CA ASP E 383 4.19 28.19 19.32
C ASP E 383 2.77 28.26 18.80
N PRO E 384 2.54 28.98 17.69
CA PRO E 384 1.17 29.19 17.15
C PRO E 384 0.39 27.92 16.85
N THR E 385 1.07 26.80 16.56
CA THR E 385 0.39 25.54 16.34
C THR E 385 -0.28 25.04 17.62
N ALA E 386 0.29 25.39 18.78
CA ALA E 386 -0.17 24.92 20.08
C ALA E 386 -1.35 25.73 20.64
N ASP E 387 -2.12 26.42 19.80
CA ASP E 387 -3.30 27.16 20.23
C ASP E 387 -4.54 26.28 20.36
N VAL E 388 -4.40 24.96 20.26
CA VAL E 388 -5.53 24.05 20.26
C VAL E 388 -6.06 23.86 21.67
N GLU E 389 -7.25 23.27 21.79
CA GLU E 389 -7.77 22.86 23.08
C GLU E 389 -7.22 21.50 23.48
N ILE E 390 -6.99 21.31 24.76
CA ILE E 390 -6.42 20.06 25.27
C ILE E 390 -7.43 19.51 26.28
N ASN E 391 -8.35 18.67 25.78
CA ASN E 391 -9.01 17.66 26.60
C ASN E 391 -9.40 16.41 25.81
N PRO E 392 -8.46 15.72 25.08
CA PRO E 392 -8.84 14.53 24.31
C PRO E 392 -8.65 13.25 25.13
N ASP E 393 -9.24 13.22 26.32
CA ASP E 393 -9.01 12.29 27.44
C ASP E 393 -7.53 11.96 27.65
N LEU E 394 -6.66 12.97 27.52
CA LEU E 394 -5.21 12.76 27.63
C LEU E 394 -4.74 13.00 29.06
N LYS E 395 -4.73 14.28 29.48
CA LYS E 395 -4.36 14.89 30.76
C LYS E 395 -3.32 14.15 31.60
N PRO E 396 -2.06 13.97 31.16
CA PRO E 396 -1.07 13.33 32.05
C PRO E 396 -0.52 14.25 33.10
N ILE E 397 -0.65 15.57 32.94
CA ILE E 397 -0.08 16.52 33.87
C ILE E 397 -0.93 16.59 35.15
#